data_5NT2
#
_entry.id   5NT2
#
_cell.length_a   73.257
_cell.length_b   76.296
_cell.length_c   92.072
_cell.angle_alpha   100.04
_cell.angle_beta   93.71
_cell.angle_gamma   111.14
#
_symmetry.space_group_name_H-M   'P 1'
#
loop_
_entity.id
_entity.type
_entity.pdbx_description
1 polymer 'Non-structural protein 1'
2 polymer 'E3 ubiquitin/ISG15 ligase TRIM25'
#
loop_
_entity_poly.entity_id
_entity_poly.type
_entity_poly.pdbx_seq_one_letter_code
_entity_poly.pdbx_strand_id
1 'polypeptide(L)'
;GPGMDPNTVSSFQVDCFLWHVRKRVADQELGDAPFLDRLRADQASLRGRGSTLGLDIETATRAGKQIVERILKEESDEAL
KMTMASVPASRYLTDMTLEEMSREWSMLIPKQKVAGPLCIRMDQAIMDKNIILKANFSVIFDRLETLILLRAFTEEGAIV
GEISPLPSLPGHTAEDVKNAVGVLIGGLEANDNTVRVSETLQRFAWRSSNENGRPPLTPKQKREMAGTIRSEV
;
F,C,D,E
2 'polypeptide(L)'
;GPGSLSQASADLEATLRHKLTVMYSQINGASRALDDVRNRQQDVRMTANRKVEQLQQEYTEMKALLDASETTSTRKIKEE
EKRVNSKFDTIYQILLKKKSEIQTLKEEIEQSLTKRDEFEFLEKASKLRGISTKPVYIPEVELNHKLIKGIHQSTIDLKN
ELKQCIGRLQELTPSSGDPGEHDPASTHKSTRP
;
I,A,V,N
#
# COMPACT_ATOMS: atom_id res chain seq x y z
N SER A 90 8.56 53.62 17.84
CA SER A 90 8.98 54.36 19.03
C SER A 90 10.31 53.85 19.55
N ARG A 91 11.34 54.68 19.42
CA ARG A 91 12.72 54.25 19.71
C ARG A 91 13.33 55.18 20.76
N TYR A 92 14.46 54.75 21.32
CA TYR A 92 15.16 55.52 22.34
C TYR A 92 16.59 55.80 21.91
N LEU A 93 16.99 57.07 21.89
CA LEU A 93 18.31 57.49 21.46
C LEU A 93 19.17 57.85 22.66
N THR A 94 20.43 57.37 22.64
CA THR A 94 21.36 57.50 23.76
C THR A 94 22.68 58.09 23.28
N ASP A 95 22.81 59.41 23.33
CA ASP A 95 24.11 60.04 23.11
C ASP A 95 25.09 59.68 24.22
N MET A 96 24.59 59.57 25.45
CA MET A 96 25.45 59.40 26.61
C MET A 96 25.51 57.93 27.02
N THR A 97 26.68 57.53 27.53
CA THR A 97 26.86 56.20 28.07
C THR A 97 26.21 56.10 29.45
N LEU A 98 26.05 54.87 29.93
CA LEU A 98 25.54 54.66 31.28
C LEU A 98 26.45 55.29 32.32
N GLU A 99 27.77 55.27 32.09
CA GLU A 99 28.70 55.89 33.03
C GLU A 99 28.48 57.39 33.05
N GLU A 100 28.35 58.01 31.88
CA GLU A 100 28.10 59.44 31.81
C GLU A 100 26.75 59.80 32.41
N MET A 101 25.78 58.88 32.32
CA MET A 101 24.45 59.17 32.83
C MET A 101 24.38 59.04 34.35
N SER A 102 25.16 58.13 34.93
CA SER A 102 25.14 57.93 36.38
C SER A 102 26.24 58.69 37.11
N ARG A 103 27.16 59.32 36.38
CA ARG A 103 28.24 60.06 37.01
C ARG A 103 27.68 61.26 37.77
N GLU A 104 28.34 61.58 38.89
CA GLU A 104 27.98 62.74 39.69
C GLU A 104 28.89 63.90 39.33
N TRP A 105 28.36 65.10 39.50
CA TRP A 105 29.09 66.31 39.16
C TRP A 105 28.69 67.41 40.14
N SER A 106 29.57 68.38 40.30
CA SER A 106 29.32 69.52 41.17
C SER A 106 29.60 70.81 40.42
N MET A 107 28.80 71.83 40.71
CA MET A 107 28.99 73.17 40.17
C MET A 107 29.71 74.03 41.19
N LEU A 108 30.79 74.68 40.76
CA LEU A 108 31.47 75.61 41.65
C LEU A 108 30.65 76.88 41.85
N ILE A 109 30.02 77.36 40.78
CA ILE A 109 29.07 78.47 40.85
C ILE A 109 27.74 77.97 40.30
N PRO A 110 26.83 77.55 41.18
CA PRO A 110 25.56 76.97 40.71
C PRO A 110 24.70 78.02 40.03
N LYS A 111 24.02 77.60 38.95
CA LYS A 111 22.99 78.42 38.32
C LYS A 111 21.84 77.50 37.94
N GLN A 112 20.67 77.78 38.48
CA GLN A 112 19.49 76.96 38.25
C GLN A 112 18.36 77.82 37.71
N LYS A 113 17.52 77.22 36.87
CA LYS A 113 16.42 77.96 36.28
C LYS A 113 15.32 76.97 35.89
N VAL A 114 14.07 77.36 36.11
CA VAL A 114 12.92 76.57 35.71
C VAL A 114 12.46 77.08 34.35
N ALA A 115 12.59 76.24 33.34
CA ALA A 115 12.18 76.54 31.97
C ALA A 115 10.94 75.68 31.70
N GLY A 116 9.79 76.23 32.10
CA GLY A 116 8.55 75.50 32.00
C GLY A 116 8.58 74.24 32.84
N PRO A 117 8.47 73.09 32.17
CA PRO A 117 8.57 71.80 32.86
C PRO A 117 9.98 71.21 32.95
N LEU A 118 11.03 71.98 32.65
CA LEU A 118 12.39 71.48 32.72
C LEU A 118 13.20 72.30 33.72
N CYS A 119 14.21 71.67 34.29
CA CYS A 119 15.15 72.33 35.19
C CYS A 119 16.52 72.36 34.53
N ILE A 120 17.11 73.56 34.47
CA ILE A 120 18.40 73.80 33.84
C ILE A 120 19.39 74.16 34.93
N ARG A 121 20.53 73.47 34.96
CA ARG A 121 21.59 73.72 35.91
C ARG A 121 22.89 73.90 35.15
N MET A 122 23.74 74.80 35.61
CA MET A 122 25.03 74.99 34.97
C MET A 122 26.03 75.61 35.95
N ASP A 123 27.30 75.36 35.65
CA ASP A 123 28.41 75.90 36.44
C ASP A 123 28.87 77.19 35.79
N GLN A 124 28.63 78.33 36.45
CA GLN A 124 28.99 79.63 35.89
C GLN A 124 30.49 79.90 35.93
N ALA A 125 31.30 78.98 36.46
CA ALA A 125 32.75 79.15 36.49
C ALA A 125 33.44 78.61 35.24
N ILE A 126 32.74 77.85 34.41
CA ILE A 126 33.32 77.27 33.21
C ILE A 126 33.36 78.32 32.11
N MET A 127 34.57 78.65 31.65
CA MET A 127 34.76 79.69 30.65
C MET A 127 35.78 79.23 29.61
N ASP A 128 35.62 79.75 28.39
CA ASP A 128 36.63 79.60 27.31
C ASP A 128 36.89 78.14 26.99
N LYS A 129 35.84 77.33 26.98
CA LYS A 129 35.93 75.92 26.66
C LYS A 129 35.02 75.60 25.49
N ASN A 130 35.37 74.55 24.75
CA ASN A 130 34.48 73.98 23.74
C ASN A 130 33.62 72.91 24.40
N ILE A 131 32.32 73.11 24.41
CA ILE A 131 31.38 72.23 25.11
C ILE A 131 30.47 71.59 24.07
N ILE A 132 30.16 70.31 24.27
CA ILE A 132 29.27 69.54 23.41
C ILE A 132 28.13 69.02 24.25
N LEU A 133 26.91 69.12 23.74
CA LEU A 133 25.71 68.72 24.45
C LEU A 133 25.31 67.31 24.00
N LYS A 134 25.31 66.38 24.94
CA LYS A 134 24.86 65.01 24.67
C LYS A 134 23.59 64.75 25.47
N ALA A 135 22.65 64.02 24.89
CA ALA A 135 21.36 63.80 25.52
C ALA A 135 20.83 62.40 25.24
N ASN A 136 20.17 61.82 26.24
CA ASN A 136 19.41 60.58 26.10
C ASN A 136 17.94 60.91 26.17
N PHE A 137 17.20 60.52 25.14
CA PHE A 137 15.80 60.93 24.99
C PHE A 137 15.06 59.93 24.11
N SER A 138 13.74 59.92 24.24
CA SER A 138 12.90 59.04 23.43
C SER A 138 12.41 59.77 22.18
N VAL A 139 12.14 59.01 21.13
CA VAL A 139 11.74 59.55 19.84
C VAL A 139 10.55 58.76 19.31
N ILE A 140 9.56 59.49 18.80
CA ILE A 140 8.38 58.91 18.15
C ILE A 140 8.24 59.59 16.80
N PHE A 141 7.97 58.79 15.77
CA PHE A 141 7.98 59.24 14.37
C PHE A 141 9.35 59.90 14.13
N ASP A 142 9.41 61.14 13.66
CA ASP A 142 10.67 61.86 13.49
C ASP A 142 10.79 63.05 14.45
N ARG A 143 10.12 62.98 15.60
CA ARG A 143 10.14 64.07 16.56
C ARG A 143 10.48 63.57 17.96
N LEU A 144 10.98 64.49 18.78
CA LEU A 144 11.24 64.24 20.19
C LEU A 144 9.93 64.04 20.93
N GLU A 145 9.91 63.08 21.85
CA GLU A 145 8.71 62.77 22.63
C GLU A 145 8.88 63.10 24.11
N THR A 146 9.87 62.51 24.78
CA THR A 146 10.11 62.75 26.20
C THR A 146 11.60 62.70 26.45
N LEU A 147 12.14 63.77 27.03
CA LEU A 147 13.56 63.82 27.39
C LEU A 147 13.80 63.10 28.71
N ILE A 148 14.86 62.31 28.74
CA ILE A 148 15.33 61.67 29.97
C ILE A 148 16.44 62.47 30.63
N LEU A 149 17.47 62.86 29.86
CA LEU A 149 18.53 63.68 30.44
C LEU A 149 19.33 64.33 29.33
N LEU A 150 19.82 65.56 29.61
CA LEU A 150 20.77 66.22 28.73
C LEU A 150 21.92 66.74 29.59
N ARG A 151 23.15 66.54 29.13
CA ARG A 151 24.31 67.02 29.88
C ARG A 151 25.32 67.64 28.92
N ALA A 152 26.04 68.63 29.44
CA ALA A 152 27.06 69.37 28.72
C ALA A 152 28.43 68.82 29.10
N PHE A 153 29.26 68.54 28.11
CA PHE A 153 30.58 67.96 28.31
C PHE A 153 31.64 68.90 27.77
N THR A 154 32.70 69.12 28.54
CA THR A 154 33.84 69.88 28.06
C THR A 154 34.65 69.04 27.07
N GLU A 155 35.68 69.66 26.51
CA GLU A 155 36.62 68.93 25.66
C GLU A 155 37.26 67.79 26.42
N GLU A 156 37.42 67.93 27.73
CA GLU A 156 38.00 66.90 28.58
C GLU A 156 36.97 65.90 29.09
N GLY A 157 35.71 66.05 28.71
CA GLY A 157 34.68 65.12 29.13
C GLY A 157 34.00 65.43 30.45
N ALA A 158 34.23 66.61 31.02
CA ALA A 158 33.67 66.98 32.31
C ALA A 158 32.29 67.60 32.15
N ILE A 159 31.41 67.30 33.10
CA ILE A 159 30.04 67.81 33.10
C ILE A 159 30.03 69.22 33.67
N VAL A 160 29.41 70.15 32.94
CA VAL A 160 29.34 71.54 33.36
C VAL A 160 27.91 72.06 33.30
N GLY A 161 26.99 71.25 32.77
CA GLY A 161 25.61 71.67 32.70
C GLY A 161 24.69 70.49 32.49
N GLU A 162 23.41 70.72 32.76
CA GLU A 162 22.44 69.62 32.79
C GLU A 162 21.03 70.18 32.61
N ILE A 163 20.23 69.44 31.85
CA ILE A 163 18.82 69.72 31.65
C ILE A 163 18.06 68.45 31.99
N SER A 164 17.17 68.54 32.99
CA SER A 164 16.43 67.36 33.44
C SER A 164 14.99 67.75 33.71
N PRO A 165 14.04 66.86 33.45
CA PRO A 165 12.65 67.17 33.75
C PRO A 165 12.41 67.22 35.25
N LEU A 166 11.45 68.08 35.63
CA LEU A 166 11.07 68.16 37.03
C LEU A 166 10.44 66.84 37.45
N PRO A 167 10.70 66.37 38.67
CA PRO A 167 10.11 65.08 39.10
C PRO A 167 8.60 65.08 39.08
N SER A 168 7.97 66.18 39.50
CA SER A 168 6.51 66.28 39.45
C SER A 168 5.97 66.52 38.04
N LEU A 169 6.83 66.79 37.07
CA LEU A 169 6.41 67.13 35.71
C LEU A 169 7.33 66.47 34.70
N PRO A 170 7.30 65.13 34.61
CA PRO A 170 8.06 64.47 33.54
C PRO A 170 7.52 64.76 32.15
N GLY A 171 6.23 65.05 32.02
CA GLY A 171 5.68 65.39 30.72
C GLY A 171 6.17 66.75 30.25
N HIS A 172 6.40 66.86 28.94
CA HIS A 172 6.88 68.08 28.29
C HIS A 172 6.97 67.80 26.79
N THR A 173 7.22 68.86 26.02
CA THR A 173 7.25 68.79 24.58
C THR A 173 8.67 69.09 24.07
N ALA A 174 8.85 68.87 22.77
CA ALA A 174 10.14 69.15 22.13
C ALA A 174 10.46 70.64 22.13
N GLU A 175 9.43 71.50 22.06
CA GLU A 175 9.67 72.94 22.04
C GLU A 175 10.21 73.42 23.38
N ASP A 176 9.67 72.91 24.48
CA ASP A 176 10.24 73.24 25.79
C ASP A 176 11.70 72.85 25.87
N VAL A 177 12.06 71.70 25.30
CA VAL A 177 13.46 71.27 25.29
C VAL A 177 14.30 72.21 24.44
N LYS A 178 13.79 72.62 23.28
CA LYS A 178 14.51 73.56 22.42
C LYS A 178 14.76 74.88 23.12
N ASN A 179 13.75 75.41 23.80
CA ASN A 179 13.92 76.66 24.54
C ASN A 179 14.91 76.50 25.70
N ALA A 180 14.83 75.39 26.43
CA ALA A 180 15.79 75.13 27.49
C ALA A 180 17.21 75.04 26.93
N VAL A 181 17.37 74.43 25.76
CA VAL A 181 18.69 74.34 25.13
C VAL A 181 19.18 75.72 24.75
N GLY A 182 18.29 76.58 24.24
CA GLY A 182 18.71 77.92 23.89
C GLY A 182 19.12 78.73 25.12
N VAL A 183 18.39 78.56 26.22
CA VAL A 183 18.73 79.27 27.44
C VAL A 183 20.07 78.79 27.98
N LEU A 184 20.30 77.47 27.98
CA LEU A 184 21.57 76.94 28.47
C LEU A 184 22.73 77.36 27.58
N ILE A 185 22.51 77.38 26.26
CA ILE A 185 23.55 77.81 25.34
C ILE A 185 23.89 79.27 25.56
N GLY A 186 22.88 80.12 25.74
CA GLY A 186 23.17 81.53 26.02
C GLY A 186 23.89 81.71 27.33
N GLY A 187 23.50 80.95 28.36
CA GLY A 187 24.15 81.07 29.66
C GLY A 187 25.60 80.63 29.62
N LEU A 188 25.90 79.55 28.88
CA LEU A 188 27.28 79.09 28.79
C LEU A 188 28.12 79.96 27.85
N GLU A 189 27.50 80.55 26.83
CA GLU A 189 28.25 81.39 25.91
C GLU A 189 28.53 82.77 26.50
N ALA A 190 27.68 83.22 27.43
CA ALA A 190 27.94 84.48 28.11
C ALA A 190 29.27 84.45 28.86
N ASN A 191 29.79 83.26 29.16
CA ASN A 191 31.11 83.10 29.76
C ASN A 191 32.16 82.72 28.73
N ASP A 192 31.97 83.16 27.48
CA ASP A 192 32.96 83.02 26.41
C ASP A 192 33.22 81.55 26.07
N ASN A 193 32.23 80.68 26.25
CA ASN A 193 32.33 79.30 25.81
C ASN A 193 31.83 79.15 24.38
N THR A 194 32.31 78.09 23.74
CA THR A 194 31.87 77.69 22.40
C THR A 194 31.14 76.36 22.52
N VAL A 195 29.87 76.35 22.12
CA VAL A 195 28.98 75.23 22.34
C VAL A 195 28.68 74.55 21.02
N ARG A 196 28.76 73.22 21.01
CA ARG A 196 28.32 72.40 19.88
C ARG A 196 27.29 71.40 20.39
N VAL A 197 26.40 71.00 19.50
CA VAL A 197 25.32 70.08 19.84
C VAL A 197 25.47 68.81 19.02
N SER A 198 25.24 67.67 19.67
CA SER A 198 25.28 66.37 18.98
C SER A 198 24.27 66.34 17.85
N GLU A 199 24.54 65.48 16.86
CA GLU A 199 23.69 65.42 15.66
C GLU A 199 22.26 65.03 16.02
N THR A 200 22.08 64.11 16.96
CA THR A 200 20.74 63.74 17.37
C THR A 200 20.02 64.92 17.99
N LEU A 201 20.74 65.72 18.78
CA LEU A 201 20.14 66.91 19.38
C LEU A 201 19.84 67.97 18.30
N GLN A 202 20.70 68.08 17.29
CA GLN A 202 20.43 69.02 16.20
C GLN A 202 19.17 68.63 15.45
N ARG A 203 19.00 67.33 15.21
CA ARG A 203 17.86 66.87 14.41
C ARG A 203 16.54 67.09 15.14
N PHE A 204 16.52 66.98 16.45
CA PHE A 204 15.27 67.00 17.21
C PHE A 204 15.15 68.25 18.06
N SER B 90 -8.58 -54.92 -13.98
CA SER B 90 -7.91 -56.18 -13.65
C SER B 90 -7.89 -56.41 -12.15
N ARG B 91 -8.63 -57.40 -11.67
CA ARG B 91 -8.76 -57.57 -10.23
C ARG B 91 -8.39 -59.00 -9.85
N TYR B 92 -8.21 -59.22 -8.55
CA TYR B 92 -7.83 -60.52 -8.01
C TYR B 92 -8.93 -61.03 -7.09
N LEU B 93 -9.42 -62.23 -7.36
CA LEU B 93 -10.53 -62.83 -6.63
C LEU B 93 -10.00 -63.88 -5.65
N THR B 94 -10.52 -63.85 -4.42
CA THR B 94 -10.04 -64.68 -3.32
C THR B 94 -11.21 -65.42 -2.65
N ASP B 95 -11.51 -66.62 -3.12
CA ASP B 95 -12.46 -67.47 -2.40
C ASP B 95 -11.93 -67.89 -1.04
N MET B 96 -10.62 -68.14 -0.95
CA MET B 96 -10.02 -68.70 0.25
C MET B 96 -9.40 -67.60 1.10
N THR B 97 -9.46 -67.79 2.42
CA THR B 97 -8.78 -66.86 3.30
C THR B 97 -7.27 -67.12 3.24
N LEU B 98 -6.51 -66.15 3.74
CA LEU B 98 -5.06 -66.34 3.83
C LEU B 98 -4.71 -67.51 4.74
N GLU B 99 -5.51 -67.72 5.78
CA GLU B 99 -5.28 -68.85 6.68
C GLU B 99 -5.51 -70.19 5.99
N GLU B 100 -6.59 -70.31 5.21
CA GLU B 100 -6.91 -71.59 4.58
C GLU B 100 -5.86 -72.05 3.58
N MET B 101 -5.24 -71.13 2.84
CA MET B 101 -4.25 -71.59 1.88
C MET B 101 -2.90 -71.84 2.51
N SER B 102 -2.55 -71.11 3.57
CA SER B 102 -1.25 -71.29 4.22
C SER B 102 -1.36 -72.30 5.36
N ARG B 103 -1.75 -73.52 4.98
CA ARG B 103 -1.89 -74.64 5.90
C ARG B 103 -1.42 -75.88 5.16
N GLU B 104 -0.86 -76.84 5.89
CA GLU B 104 -0.38 -78.06 5.29
C GLU B 104 -1.42 -79.18 5.41
N TRP B 105 -1.37 -80.09 4.44
CA TRP B 105 -2.29 -81.22 4.38
C TRP B 105 -1.55 -82.42 3.79
N SER B 106 -2.05 -83.61 4.10
CA SER B 106 -1.48 -84.84 3.58
C SER B 106 -2.57 -85.73 2.99
N MET B 107 -2.21 -86.43 1.91
CA MET B 107 -3.09 -87.40 1.28
C MET B 107 -2.73 -88.80 1.76
N LEU B 108 -3.75 -89.54 2.21
CA LEU B 108 -3.50 -90.94 2.57
C LEU B 108 -3.26 -91.78 1.34
N ILE B 109 -4.03 -91.56 0.28
CA ILE B 109 -3.82 -92.21 -1.00
C ILE B 109 -3.61 -91.13 -2.04
N PRO B 110 -2.35 -90.79 -2.35
CA PRO B 110 -2.10 -89.69 -3.28
C PRO B 110 -2.55 -90.05 -4.68
N LYS B 111 -3.11 -89.07 -5.37
CA LYS B 111 -3.41 -89.20 -6.79
C LYS B 111 -3.03 -87.88 -7.45
N GLN B 112 -2.06 -87.95 -8.38
CA GLN B 112 -1.55 -86.77 -9.04
C GLN B 112 -1.68 -86.94 -10.55
N LYS B 113 -1.90 -85.82 -11.22
CA LYS B 113 -2.10 -85.85 -12.66
C LYS B 113 -1.71 -84.49 -13.24
N VAL B 114 -1.05 -84.51 -14.40
CA VAL B 114 -0.72 -83.30 -15.12
C VAL B 114 -1.81 -83.03 -16.14
N ALA B 115 -2.54 -81.93 -15.94
CA ALA B 115 -3.60 -81.52 -16.85
C ALA B 115 -3.07 -80.30 -17.59
N GLY B 116 -2.36 -80.57 -18.68
CA GLY B 116 -1.71 -79.53 -19.44
C GLY B 116 -0.69 -78.79 -18.59
N PRO B 117 -0.95 -77.50 -18.37
CA PRO B 117 -0.09 -76.69 -17.50
C PRO B 117 -0.47 -76.67 -16.03
N LEU B 118 -1.37 -77.54 -15.58
CA LEU B 118 -1.78 -77.56 -14.18
C LEU B 118 -1.46 -78.92 -13.56
N CYS B 119 -1.28 -78.93 -12.24
CA CYS B 119 -1.09 -80.14 -11.47
C CYS B 119 -2.28 -80.35 -10.56
N ILE B 120 -2.87 -81.54 -10.64
CA ILE B 120 -4.04 -81.93 -9.87
C ILE B 120 -3.60 -82.97 -8.86
N ARG B 121 -3.92 -82.73 -7.59
CA ARG B 121 -3.62 -83.66 -6.51
C ARG B 121 -4.88 -83.91 -5.72
N MET B 122 -5.09 -85.14 -5.28
CA MET B 122 -6.27 -85.43 -4.48
C MET B 122 -6.04 -86.68 -3.63
N ASP B 123 -6.78 -86.74 -2.52
CA ASP B 123 -6.75 -87.88 -1.59
C ASP B 123 -7.85 -88.85 -1.97
N GLN B 124 -7.46 -90.01 -2.52
CA GLN B 124 -8.45 -91.01 -2.93
C GLN B 124 -9.08 -91.74 -1.75
N ALA B 125 -8.69 -91.42 -0.52
CA ALA B 125 -9.28 -92.06 0.64
C ALA B 125 -10.53 -91.34 1.14
N ILE B 126 -10.81 -90.14 0.63
CA ILE B 126 -11.97 -89.39 1.05
C ILE B 126 -13.21 -89.90 0.32
N MET B 127 -14.21 -90.34 1.07
CA MET B 127 -15.43 -90.88 0.50
C MET B 127 -16.64 -90.34 1.25
N ASP B 128 -17.75 -90.22 0.52
CA ASP B 128 -19.07 -89.95 1.12
C ASP B 128 -19.09 -88.63 1.87
N LYS B 129 -18.43 -87.62 1.33
CA LYS B 129 -18.38 -86.30 1.93
C LYS B 129 -18.92 -85.25 0.96
N ASN B 130 -19.44 -84.17 1.53
CA ASN B 130 -19.80 -82.98 0.76
C ASN B 130 -18.60 -82.07 0.66
N ILE B 131 -18.14 -81.82 -0.56
CA ILE B 131 -16.90 -81.08 -0.81
C ILE B 131 -17.23 -79.80 -1.56
N ILE B 132 -16.54 -78.72 -1.19
CA ILE B 132 -16.69 -77.40 -1.81
C ILE B 132 -15.33 -76.96 -2.32
N LEU B 133 -15.29 -76.45 -3.55
CA LEU B 133 -14.05 -76.02 -4.18
C LEU B 133 -13.91 -74.52 -4.06
N LYS B 134 -12.87 -74.06 -3.37
CA LYS B 134 -12.56 -72.64 -3.27
C LYS B 134 -11.23 -72.34 -3.96
N ALA B 135 -11.15 -71.20 -4.65
CA ALA B 135 -9.97 -70.89 -5.41
C ALA B 135 -9.66 -69.40 -5.36
N ASN B 136 -8.36 -69.09 -5.32
CA ASN B 136 -7.85 -67.73 -5.44
C ASN B 136 -7.16 -67.62 -6.80
N PHE B 137 -7.59 -66.63 -7.59
CA PHE B 137 -7.14 -66.51 -8.98
C PHE B 137 -7.30 -65.06 -9.44
N SER B 138 -6.57 -64.72 -10.49
CA SER B 138 -6.65 -63.38 -11.07
C SER B 138 -7.70 -63.35 -12.17
N VAL B 139 -8.31 -62.18 -12.36
CA VAL B 139 -9.40 -62.01 -13.32
C VAL B 139 -9.15 -60.74 -14.13
N ILE B 140 -9.33 -60.85 -15.44
CA ILE B 140 -9.23 -59.76 -16.38
C ILE B 140 -10.49 -59.76 -17.22
N PHE B 141 -11.08 -58.58 -17.41
CA PHE B 141 -12.39 -58.43 -18.07
C PHE B 141 -13.37 -59.33 -17.31
N ASP B 142 -14.08 -60.23 -17.99
CA ASP B 142 -14.96 -61.19 -17.34
C ASP B 142 -14.45 -62.62 -17.50
N ARG B 143 -13.15 -62.80 -17.67
CA ARG B 143 -12.58 -64.12 -17.84
C ARG B 143 -11.40 -64.33 -16.90
N LEU B 144 -11.15 -65.60 -16.62
CA LEU B 144 -9.99 -66.01 -15.83
C LEU B 144 -8.70 -65.77 -16.62
N GLU B 145 -7.68 -65.28 -15.93
CA GLU B 145 -6.38 -65.01 -16.56
C GLU B 145 -5.30 -65.94 -16.03
N THR B 146 -5.07 -65.94 -14.71
CA THR B 146 -4.04 -66.78 -14.12
C THR B 146 -4.51 -67.27 -12.76
N LEU B 147 -4.54 -68.59 -12.59
CA LEU B 147 -4.90 -69.20 -11.31
C LEU B 147 -3.71 -69.22 -10.38
N ILE B 148 -3.95 -68.89 -9.11
CA ILE B 148 -2.95 -68.99 -8.07
C ILE B 148 -3.07 -70.29 -7.29
N LEU B 149 -4.28 -70.64 -6.85
CA LEU B 149 -4.47 -71.90 -6.13
C LEU B 149 -5.95 -72.27 -6.08
N LEU B 150 -6.23 -73.56 -6.11
CA LEU B 150 -7.57 -74.08 -5.87
C LEU B 150 -7.48 -75.23 -4.87
N ARG B 151 -8.38 -75.25 -3.88
CA ARG B 151 -8.38 -76.34 -2.92
C ARG B 151 -9.80 -76.80 -2.62
N ALA B 152 -9.91 -78.08 -2.29
CA ALA B 152 -11.17 -78.73 -1.97
C ALA B 152 -11.30 -78.85 -0.46
N PHE B 153 -12.45 -78.44 0.06
CA PHE B 153 -12.72 -78.40 1.49
C PHE B 153 -13.90 -79.30 1.79
N THR B 154 -13.79 -80.13 2.83
CA THR B 154 -14.93 -80.89 3.30
C THR B 154 -15.88 -79.97 4.06
N GLU B 155 -17.01 -80.55 4.49
CA GLU B 155 -17.93 -79.80 5.35
C GLU B 155 -17.25 -79.38 6.64
N GLU B 156 -16.26 -80.15 7.09
CA GLU B 156 -15.51 -79.86 8.31
C GLU B 156 -14.31 -78.95 8.05
N GLY B 157 -14.08 -78.52 6.81
CA GLY B 157 -13.00 -77.61 6.50
C GLY B 157 -11.67 -78.24 6.15
N ALA B 158 -11.63 -79.55 5.94
CA ALA B 158 -10.38 -80.25 5.67
C ALA B 158 -10.06 -80.24 4.18
N ILE B 159 -8.78 -80.12 3.85
CA ILE B 159 -8.32 -80.10 2.47
C ILE B 159 -8.19 -81.54 1.97
N VAL B 160 -8.82 -81.83 0.83
CA VAL B 160 -8.79 -83.18 0.27
C VAL B 160 -8.33 -83.18 -1.18
N GLY B 161 -8.15 -82.00 -1.77
CA GLY B 161 -7.70 -81.91 -3.14
C GLY B 161 -7.17 -80.52 -3.43
N GLU B 162 -6.42 -80.41 -4.51
CA GLU B 162 -5.68 -79.19 -4.79
C GLU B 162 -5.35 -79.12 -6.28
N ILE B 163 -5.43 -77.90 -6.81
CA ILE B 163 -5.08 -77.59 -8.18
C ILE B 163 -4.07 -76.45 -8.14
N SER B 164 -2.87 -76.69 -8.68
CA SER B 164 -1.84 -75.66 -8.64
C SER B 164 -1.10 -75.62 -9.97
N PRO B 165 -0.70 -74.44 -10.43
CA PRO B 165 0.06 -74.37 -11.67
C PRO B 165 1.46 -74.94 -11.49
N LEU B 166 1.96 -75.52 -12.57
CA LEU B 166 3.32 -76.02 -12.57
C LEU B 166 4.29 -74.85 -12.41
N PRO B 167 5.39 -75.02 -11.66
CA PRO B 167 6.33 -73.89 -11.49
C PRO B 167 6.92 -73.41 -12.80
N SER B 168 7.25 -74.33 -13.70
CA SER B 168 7.77 -73.97 -15.01
C SER B 168 6.69 -73.45 -15.96
N LEU B 169 5.40 -73.57 -15.61
CA LEU B 169 4.31 -73.22 -16.51
C LEU B 169 3.22 -72.49 -15.74
N PRO B 170 3.50 -71.28 -15.27
CA PRO B 170 2.42 -70.48 -14.68
C PRO B 170 1.40 -70.01 -15.70
N GLY B 171 1.80 -69.86 -16.96
CA GLY B 171 0.85 -69.47 -17.98
C GLY B 171 -0.13 -70.59 -18.28
N HIS B 172 -1.39 -70.21 -18.52
CA HIS B 172 -2.48 -71.12 -18.82
C HIS B 172 -3.73 -70.28 -19.07
N THR B 173 -4.79 -70.95 -19.53
CA THR B 173 -6.04 -70.31 -19.89
C THR B 173 -7.15 -70.77 -18.95
N ALA B 174 -8.32 -70.15 -19.08
CA ALA B 174 -9.46 -70.54 -18.26
C ALA B 174 -9.96 -71.94 -18.59
N GLU B 175 -9.86 -72.34 -19.85
CA GLU B 175 -10.40 -73.63 -20.25
C GLU B 175 -9.59 -74.81 -19.72
N ASP B 176 -8.26 -74.74 -19.74
CA ASP B 176 -7.47 -75.79 -19.11
C ASP B 176 -7.82 -75.90 -17.62
N VAL B 177 -8.09 -74.76 -16.96
CA VAL B 177 -8.50 -74.78 -15.56
C VAL B 177 -9.86 -75.46 -15.41
N LYS B 178 -10.79 -75.16 -16.32
CA LYS B 178 -12.10 -75.81 -16.30
C LYS B 178 -11.98 -77.32 -16.50
N ASN B 179 -11.10 -77.74 -17.41
CA ASN B 179 -10.89 -79.17 -17.63
C ASN B 179 -10.27 -79.82 -16.40
N ALA B 180 -9.32 -79.14 -15.76
CA ALA B 180 -8.75 -79.67 -14.52
C ALA B 180 -9.81 -79.79 -13.44
N VAL B 181 -10.73 -78.83 -13.37
CA VAL B 181 -11.81 -78.89 -12.39
C VAL B 181 -12.72 -80.08 -12.68
N GLY B 182 -13.01 -80.32 -13.96
CA GLY B 182 -13.83 -81.48 -14.30
C GLY B 182 -13.14 -82.78 -13.95
N VAL B 183 -11.82 -82.85 -14.17
CA VAL B 183 -11.08 -84.06 -13.84
C VAL B 183 -11.08 -84.29 -12.33
N LEU B 184 -10.85 -83.23 -11.54
CA LEU B 184 -10.85 -83.39 -10.09
C LEU B 184 -12.23 -83.77 -9.57
N ILE B 185 -13.28 -83.19 -10.16
CA ILE B 185 -14.64 -83.51 -9.76
C ILE B 185 -14.94 -84.98 -10.05
N GLY B 186 -14.55 -85.45 -11.24
CA GLY B 186 -14.75 -86.85 -11.56
C GLY B 186 -13.96 -87.78 -10.67
N GLY B 187 -12.73 -87.39 -10.31
CA GLY B 187 -11.93 -88.23 -9.45
C GLY B 187 -12.48 -88.34 -8.04
N LEU B 188 -13.00 -87.23 -7.50
CA LEU B 188 -13.57 -87.31 -6.16
C LEU B 188 -14.98 -87.93 -6.17
N GLU B 189 -15.73 -87.74 -7.25
CA GLU B 189 -17.08 -88.26 -7.31
C GLU B 189 -17.13 -89.75 -7.61
N ALA B 190 -16.11 -90.28 -8.30
CA ALA B 190 -16.06 -91.71 -8.56
C ALA B 190 -16.01 -92.53 -7.28
N ASN B 191 -15.54 -91.93 -6.17
CA ASN B 191 -15.54 -92.57 -4.87
C ASN B 191 -16.68 -92.07 -3.98
N ASP B 192 -17.82 -91.75 -4.59
CA ASP B 192 -19.07 -91.44 -3.90
C ASP B 192 -19.00 -90.15 -3.06
N ASN B 193 -18.20 -89.18 -3.49
CA ASN B 193 -18.26 -87.85 -2.87
C ASN B 193 -19.25 -86.96 -3.61
N THR B 194 -19.74 -85.94 -2.91
CA THR B 194 -20.62 -84.92 -3.47
C THR B 194 -19.89 -83.58 -3.46
N VAL B 195 -19.68 -83.00 -4.63
CA VAL B 195 -18.84 -81.82 -4.78
C VAL B 195 -19.71 -80.63 -5.19
N ARG B 196 -19.45 -79.48 -4.57
CA ARG B 196 -20.06 -78.21 -4.94
C ARG B 196 -18.96 -77.21 -5.25
N VAL B 197 -19.28 -76.24 -6.11
CA VAL B 197 -18.31 -75.24 -6.55
C VAL B 197 -18.78 -73.87 -6.10
N SER B 198 -17.83 -73.05 -5.64
CA SER B 198 -18.12 -71.68 -5.27
C SER B 198 -18.68 -70.91 -6.46
N GLU B 199 -19.43 -69.86 -6.18
CA GLU B 199 -20.08 -69.10 -7.24
C GLU B 199 -19.06 -68.47 -8.18
N THR B 200 -17.94 -67.99 -7.62
CA THR B 200 -16.91 -67.38 -8.45
C THR B 200 -16.27 -68.41 -9.38
N LEU B 201 -16.05 -69.63 -8.88
CA LEU B 201 -15.51 -70.69 -9.74
C LEU B 201 -16.52 -71.09 -10.80
N GLN B 202 -17.81 -71.09 -10.44
CA GLN B 202 -18.85 -71.39 -11.42
C GLN B 202 -18.89 -70.34 -12.52
N ARG B 203 -18.69 -69.07 -12.17
CA ARG B 203 -18.75 -68.01 -13.17
C ARG B 203 -17.61 -68.14 -14.18
N PHE B 204 -16.44 -68.56 -13.73
CA PHE B 204 -15.24 -68.52 -14.57
C PHE B 204 -14.78 -69.92 -14.96
N ASN C 7 22.06 12.77 21.58
CA ASN C 7 20.64 12.45 21.71
C ASN C 7 20.45 11.11 22.39
N THR C 8 20.77 11.05 23.69
CA THR C 8 20.77 9.79 24.42
C THR C 8 19.37 9.20 24.61
N VAL C 9 18.31 9.95 24.33
CA VAL C 9 16.97 9.45 24.60
C VAL C 9 16.23 9.01 23.34
N SER C 10 16.85 9.13 22.16
CA SER C 10 16.26 8.51 20.97
C SER C 10 16.15 7.00 21.15
N SER C 11 17.17 6.38 21.74
CA SER C 11 17.21 4.93 21.90
C SER C 11 16.08 4.40 22.77
N PHE C 12 15.66 5.15 23.79
CA PHE C 12 14.54 4.69 24.61
C PHE C 12 13.26 4.62 23.78
N GLN C 13 12.98 5.67 23.02
CA GLN C 13 11.84 5.66 22.11
C GLN C 13 11.92 4.48 21.15
N VAL C 14 13.07 4.32 20.50
CA VAL C 14 13.30 3.18 19.60
C VAL C 14 12.96 1.87 20.30
N ASP C 15 13.54 1.66 21.48
CA ASP C 15 13.34 0.40 22.21
C ASP C 15 11.91 0.20 22.63
N CYS C 16 11.18 1.27 22.97
CA CYS C 16 9.77 1.13 23.32
C CYS C 16 8.95 0.69 22.11
N PHE C 17 9.21 1.30 20.95
CA PHE C 17 8.54 0.87 19.73
C PHE C 17 8.86 -0.59 19.43
N LEU C 18 10.15 -0.94 19.41
CA LEU C 18 10.55 -2.31 19.11
C LEU C 18 9.99 -3.30 20.11
N TRP C 19 9.81 -2.89 21.37
CA TRP C 19 9.22 -3.79 22.35
C TRP C 19 7.75 -4.00 22.06
N HIS C 20 7.03 -2.93 21.72
CA HIS C 20 5.62 -3.07 21.36
C HIS C 20 5.44 -4.06 20.21
N VAL C 21 6.14 -3.81 19.11
CA VAL C 21 6.06 -4.72 17.97
C VAL C 21 6.52 -6.12 18.36
N ARG C 22 7.54 -6.22 19.21
CA ARG C 22 7.99 -7.52 19.71
C ARG C 22 6.87 -8.24 20.44
N LYS C 23 6.21 -7.55 21.37
CA LYS C 23 5.08 -8.11 22.09
C LYS C 23 4.10 -8.74 21.12
N ARG C 24 3.63 -7.95 20.15
CA ARG C 24 2.65 -8.43 19.17
C ARG C 24 2.86 -9.89 18.77
N VAL C 25 4.09 -10.24 18.39
CA VAL C 25 4.46 -11.56 17.88
C VAL C 25 4.01 -12.65 18.84
N ALA C 26 4.68 -12.74 20.00
CA ALA C 26 4.32 -13.78 20.97
C ALA C 26 2.94 -13.56 21.57
N ASP C 27 2.38 -12.36 21.45
CA ASP C 27 1.06 -12.05 21.98
C ASP C 27 -0.06 -12.57 21.09
N GLN C 28 0.25 -12.94 19.85
CA GLN C 28 -0.74 -13.58 18.98
C GLN C 28 -0.28 -14.93 18.47
N GLU C 29 0.93 -15.02 17.93
CA GLU C 29 1.46 -16.29 17.44
C GLU C 29 2.21 -17.01 18.56
N LEU C 30 2.78 -18.17 18.23
CA LEU C 30 3.48 -18.94 19.25
C LEU C 30 4.78 -18.25 19.67
N GLY C 31 5.54 -17.76 18.70
CA GLY C 31 6.81 -17.12 18.98
C GLY C 31 7.85 -18.09 19.51
N ASP C 32 8.17 -17.98 20.80
CA ASP C 32 9.18 -18.81 21.44
C ASP C 32 9.19 -18.50 22.93
N ALA C 33 9.58 -19.49 23.74
CA ALA C 33 9.57 -19.29 25.20
C ALA C 33 10.69 -18.37 25.68
N PRO C 34 11.97 -18.62 25.36
CA PRO C 34 12.98 -17.58 25.65
C PRO C 34 12.62 -16.23 25.09
N PHE C 35 11.94 -16.19 23.94
CA PHE C 35 11.49 -14.93 23.37
C PHE C 35 10.50 -14.24 24.30
N LEU C 36 9.58 -15.00 24.90
CA LEU C 36 8.62 -14.42 25.83
C LEU C 36 9.28 -13.99 27.15
N ASP C 37 10.31 -14.72 27.60
CA ASP C 37 11.05 -14.26 28.77
C ASP C 37 11.80 -12.96 28.49
N ARG C 38 12.42 -12.85 27.31
CA ARG C 38 13.02 -11.57 26.97
C ARG C 38 11.97 -10.48 26.86
N LEU C 39 10.77 -10.82 26.38
CA LEU C 39 9.69 -9.85 26.33
C LEU C 39 9.40 -9.29 27.72
N ARG C 40 9.12 -10.17 28.68
CA ARG C 40 8.82 -9.69 30.04
C ARG C 40 10.00 -8.96 30.66
N ALA C 41 11.23 -9.46 30.45
CA ALA C 41 12.39 -8.86 31.07
C ALA C 41 12.66 -7.47 30.51
N ASP C 42 12.69 -7.34 29.18
CA ASP C 42 12.83 -6.04 28.55
C ASP C 42 11.67 -5.12 28.90
N GLN C 43 10.48 -5.66 29.14
CA GLN C 43 9.37 -4.85 29.61
C GLN C 43 9.70 -4.20 30.95
N ALA C 44 10.10 -5.01 31.93
CA ALA C 44 10.46 -4.48 33.23
C ALA C 44 11.64 -3.51 33.14
N SER C 45 12.61 -3.83 32.28
CA SER C 45 13.78 -2.97 32.15
C SER C 45 13.42 -1.62 31.54
N LEU C 46 12.53 -1.61 30.54
CA LEU C 46 12.08 -0.37 29.97
C LEU C 46 11.23 0.43 30.95
N ARG C 47 10.49 -0.25 31.82
CA ARG C 47 9.77 0.48 32.87
C ARG C 47 10.75 1.15 33.82
N GLY C 48 11.80 0.44 34.21
CA GLY C 48 12.82 1.03 35.06
C GLY C 48 13.53 2.20 34.38
N ARG C 49 13.81 2.07 33.08
CA ARG C 49 14.45 3.15 32.35
C ARG C 49 13.51 4.35 32.19
N GLY C 50 12.22 4.10 32.03
CA GLY C 50 11.26 5.20 31.98
C GLY C 50 11.12 5.89 33.31
N SER C 51 11.30 5.15 34.41
CA SER C 51 11.33 5.77 35.73
C SER C 51 12.58 6.62 35.90
N THR C 52 13.75 6.04 35.65
CA THR C 52 15.02 6.75 35.86
C THR C 52 15.25 7.87 34.84
N LEU C 53 14.52 7.88 33.72
CA LEU C 53 14.66 8.95 32.74
C LEU C 53 13.83 10.17 33.10
N GLY C 54 12.76 10.00 33.87
CA GLY C 54 11.78 11.05 34.01
C GLY C 54 11.00 11.27 32.74
N LEU C 55 10.74 10.21 32.00
CA LEU C 55 10.07 10.26 30.71
C LEU C 55 9.03 9.14 30.66
N ASP C 56 7.81 9.48 30.28
CA ASP C 56 6.72 8.52 30.34
C ASP C 56 6.88 7.48 29.23
N ILE C 57 6.47 6.24 29.54
CA ILE C 57 6.65 5.13 28.61
C ILE C 57 5.65 5.23 27.46
N GLU C 58 4.40 5.60 27.75
CA GLU C 58 3.38 5.70 26.71
C GLU C 58 3.74 6.75 25.66
N THR C 59 4.06 7.98 26.13
CA THR C 59 4.40 9.06 25.21
C THR C 59 5.67 8.75 24.44
N ALA C 60 6.68 8.21 25.13
CA ALA C 60 7.92 7.85 24.44
C ALA C 60 7.72 6.70 23.47
N THR C 61 6.72 5.84 23.71
CA THR C 61 6.42 4.77 22.77
C THR C 61 5.74 5.33 21.51
N ARG C 62 4.82 6.27 21.68
CA ARG C 62 4.26 6.94 20.51
C ARG C 62 5.34 7.70 19.75
N ALA C 63 6.30 8.29 20.47
CA ALA C 63 7.41 8.96 19.80
C ALA C 63 8.30 7.97 19.08
N GLY C 64 8.53 6.80 19.67
CA GLY C 64 9.27 5.75 18.98
C GLY C 64 8.54 5.29 17.73
N LYS C 65 7.21 5.25 17.79
CA LYS C 65 6.43 4.99 16.59
C LYS C 65 6.77 6.02 15.52
N GLN C 66 6.45 7.29 15.78
CA GLN C 66 6.57 8.30 14.74
C GLN C 66 8.02 8.63 14.39
N ILE C 67 9.01 8.11 15.12
CA ILE C 67 10.41 8.29 14.75
C ILE C 67 10.94 7.07 14.01
N VAL C 68 10.40 5.88 14.32
CA VAL C 68 10.82 4.66 13.64
C VAL C 68 9.74 4.32 12.60
N GLU C 69 9.35 5.31 11.80
CA GLU C 69 8.31 5.11 10.80
C GLU C 69 8.41 6.03 9.59
N ARG C 70 9.31 7.01 9.59
CA ARG C 70 9.41 8.02 8.53
C ARG C 70 10.68 7.89 7.69
N ILE C 71 11.11 6.66 7.39
CA ILE C 71 12.31 6.36 6.62
C ILE C 71 13.56 6.77 7.40
N LEU C 72 14.60 5.93 7.38
CA LEU C 72 14.66 4.67 6.62
C LEU C 72 14.05 3.52 7.41
N LYS C 73 12.74 3.37 7.28
CA LYS C 73 12.00 2.22 7.79
C LYS C 73 11.53 1.33 6.65
N GLU C 74 10.64 1.84 5.79
CA GLU C 74 10.03 1.06 4.73
C GLU C 74 10.28 1.78 3.40
N GLU C 75 11.38 1.46 2.70
CA GLU C 75 12.55 0.70 3.18
C GLU C 75 13.70 0.91 2.21
N SER C 76 14.92 0.58 2.64
CA SER C 76 16.08 0.61 1.74
C SER C 76 17.22 -0.16 2.40
N ASP C 77 18.11 -0.71 1.57
CA ASP C 77 17.91 -0.89 0.14
C ASP C 77 17.01 -2.11 -0.09
N GLU C 78 17.62 -3.23 -0.48
CA GLU C 78 16.95 -4.53 -0.48
C GLU C 78 15.72 -4.54 -1.38
N ALA C 79 14.99 -5.66 -1.37
CA ALA C 79 13.70 -5.80 -2.05
C ALA C 79 13.77 -5.63 -3.57
N LEU C 80 13.55 -6.68 -4.39
CA LEU C 80 13.18 -8.08 -4.04
C LEU C 80 11.83 -8.20 -3.32
N LYS C 81 11.28 -9.41 -3.31
CA LYS C 81 9.97 -9.65 -2.73
C LYS C 81 10.03 -9.51 -1.22
N MET C 82 8.90 -9.82 -0.57
CA MET C 82 8.65 -9.85 0.87
C MET C 82 8.15 -8.55 1.51
N THR C 83 7.58 -7.63 0.75
CA THR C 83 7.07 -6.41 1.37
C THR C 83 6.35 -5.57 0.34
N MET C 84 5.52 -4.65 0.84
CA MET C 84 4.98 -3.61 -0.02
C MET C 84 4.48 -2.41 0.76
N ALA C 85 3.58 -2.62 1.72
CA ALA C 85 3.04 -1.59 2.61
C ALA C 85 2.19 -0.50 1.96
N SER C 86 0.93 -0.77 1.60
CA SER C 86 0.05 0.28 1.10
C SER C 86 -1.43 -0.10 1.17
N VAL C 87 -2.27 0.80 0.66
CA VAL C 87 -3.73 0.72 0.71
C VAL C 87 -4.29 1.47 -0.51
N PRO C 88 -4.46 0.79 -1.67
CA PRO C 88 -4.88 1.50 -2.89
C PRO C 88 -6.33 1.96 -2.87
N ALA C 89 -6.75 2.64 -3.94
CA ALA C 89 -8.12 3.14 -4.14
C ALA C 89 -8.17 3.98 -5.40
N SER C 90 -9.34 4.04 -6.07
CA SER C 90 -9.51 4.90 -7.24
C SER C 90 -11.02 5.00 -7.51
N ARG C 91 -11.63 6.13 -7.14
CA ARG C 91 -13.07 6.27 -7.23
C ARG C 91 -13.44 7.69 -7.67
N TYR C 92 -14.74 7.91 -7.87
CA TYR C 92 -15.29 9.22 -8.22
C TYR C 92 -16.52 9.48 -7.36
N LEU C 93 -16.45 10.49 -6.49
CA LEU C 93 -17.51 10.79 -5.55
C LEU C 93 -18.43 11.87 -6.10
N THR C 94 -19.73 11.73 -5.81
CA THR C 94 -20.77 12.64 -6.31
C THR C 94 -21.72 12.95 -5.16
N ASP C 95 -21.68 14.19 -4.67
CA ASP C 95 -22.74 14.65 -3.77
C ASP C 95 -23.96 15.14 -4.53
N MET C 96 -23.76 15.65 -5.74
CA MET C 96 -24.81 16.31 -6.51
C MET C 96 -25.46 15.35 -7.50
N THR C 97 -26.76 15.50 -7.69
CA THR C 97 -27.48 14.78 -8.73
C THR C 97 -27.20 15.43 -10.08
N LEU C 98 -27.44 14.64 -11.14
CA LEU C 98 -27.26 15.16 -12.49
C LEU C 98 -28.10 16.41 -12.74
N GLU C 99 -29.32 16.43 -12.20
CA GLU C 99 -30.15 17.63 -12.30
C GLU C 99 -29.49 18.82 -11.62
N GLU C 100 -29.02 18.63 -10.39
CA GLU C 100 -28.34 19.71 -9.68
C GLU C 100 -27.14 20.22 -10.47
N MET C 101 -26.37 19.30 -11.05
CA MET C 101 -25.21 19.70 -11.85
C MET C 101 -25.65 20.53 -13.06
N SER C 102 -26.53 19.98 -13.88
CA SER C 102 -26.93 20.63 -15.12
C SER C 102 -27.86 21.84 -14.90
N ARG C 103 -28.19 22.16 -13.65
CA ARG C 103 -29.06 23.31 -13.38
C ARG C 103 -28.29 24.61 -13.57
N GLU C 104 -28.99 25.62 -14.07
CA GLU C 104 -28.41 26.95 -14.24
C GLU C 104 -28.89 27.88 -13.13
N TRP C 105 -28.08 28.89 -12.82
CA TRP C 105 -28.34 29.77 -11.69
C TRP C 105 -27.87 31.17 -12.04
N SER C 106 -28.32 32.14 -11.24
CA SER C 106 -28.01 33.55 -11.47
C SER C 106 -27.68 34.22 -10.15
N MET C 107 -26.62 35.01 -10.14
CA MET C 107 -26.22 35.80 -8.99
C MET C 107 -26.75 37.22 -9.11
N LEU C 108 -27.43 37.69 -8.06
CA LEU C 108 -27.85 39.08 -8.03
C LEU C 108 -26.66 40.01 -7.83
N ILE C 109 -25.77 39.68 -6.91
CA ILE C 109 -24.56 40.44 -6.65
C ILE C 109 -23.37 39.54 -6.94
N PRO C 110 -22.91 39.46 -8.19
CA PRO C 110 -21.84 38.52 -8.53
C PRO C 110 -20.53 38.87 -7.83
N LYS C 111 -19.85 37.85 -7.34
CA LYS C 111 -18.46 37.96 -6.90
C LYS C 111 -17.68 36.82 -7.54
N GLN C 112 -16.70 37.16 -8.37
CA GLN C 112 -15.85 36.20 -9.05
C GLN C 112 -14.40 36.40 -8.63
N LYS C 113 -13.72 35.30 -8.31
CA LYS C 113 -12.32 35.32 -7.96
C LYS C 113 -11.60 34.17 -8.67
N VAL C 114 -10.32 34.38 -8.94
CA VAL C 114 -9.46 33.39 -9.56
C VAL C 114 -8.52 32.89 -8.48
N ALA C 115 -8.83 31.72 -7.91
CA ALA C 115 -8.02 31.09 -6.87
C ALA C 115 -7.20 29.99 -7.53
N GLY C 116 -5.96 30.33 -7.90
CA GLY C 116 -5.10 29.40 -8.60
C GLY C 116 -5.71 28.95 -9.90
N PRO C 117 -5.84 27.64 -10.08
CA PRO C 117 -6.50 27.11 -11.29
C PRO C 117 -8.02 27.00 -11.18
N LEU C 118 -8.64 27.65 -10.19
CA LEU C 118 -10.07 27.54 -9.98
C LEU C 118 -10.73 28.91 -10.08
N CYS C 119 -11.99 28.92 -10.49
CA CYS C 119 -12.84 30.09 -10.51
C CYS C 119 -13.90 29.92 -9.43
N ILE C 120 -13.91 30.84 -8.46
CA ILE C 120 -14.91 30.87 -7.40
C ILE C 120 -15.94 31.93 -7.78
N ARG C 121 -17.22 31.60 -7.63
CA ARG C 121 -18.31 32.49 -7.97
C ARG C 121 -19.32 32.43 -6.84
N MET C 122 -19.88 33.57 -6.46
CA MET C 122 -20.87 33.55 -5.39
C MET C 122 -21.80 34.74 -5.51
N ASP C 123 -23.02 34.55 -5.03
CA ASP C 123 -24.02 35.60 -4.95
C ASP C 123 -23.91 36.25 -3.58
N GLN C 124 -23.45 37.50 -3.54
CA GLN C 124 -23.26 38.19 -2.27
C GLN C 124 -24.58 38.58 -1.62
N ALA C 125 -25.70 38.53 -2.36
CA ALA C 125 -26.99 38.92 -1.81
C ALA C 125 -27.53 37.92 -0.80
N ILE C 126 -26.95 36.73 -0.70
CA ILE C 126 -27.43 35.70 0.22
C ILE C 126 -26.91 36.01 1.62
N MET C 127 -27.83 36.01 2.60
CA MET C 127 -27.48 36.32 3.98
C MET C 127 -28.34 35.50 4.92
N ASP C 128 -27.78 35.17 6.09
CA ASP C 128 -28.48 34.52 7.18
C ASP C 128 -29.19 33.24 6.72
N LYS C 129 -28.42 32.37 6.06
CA LYS C 129 -28.90 31.08 5.62
C LYS C 129 -27.92 29.99 6.04
N ASN C 130 -28.45 28.80 6.27
CA ASN C 130 -27.61 27.62 6.49
C ASN C 130 -27.30 27.02 5.12
N ILE C 131 -26.04 27.14 4.68
CA ILE C 131 -25.61 26.68 3.37
C ILE C 131 -24.82 25.39 3.54
N ILE C 132 -25.03 24.46 2.61
CA ILE C 132 -24.34 23.17 2.58
C ILE C 132 -23.58 23.07 1.26
N LEU C 133 -22.35 22.59 1.32
CA LEU C 133 -21.49 22.48 0.14
C LEU C 133 -21.53 21.05 -0.38
N LYS C 134 -21.88 20.89 -1.66
CA LYS C 134 -21.89 19.58 -2.30
C LYS C 134 -21.03 19.63 -3.55
N ALA C 135 -20.22 18.59 -3.75
CA ALA C 135 -19.25 18.60 -4.84
C ALA C 135 -19.15 17.22 -5.47
N ASN C 136 -18.82 17.22 -6.76
CA ASN C 136 -18.50 16.01 -7.50
C ASN C 136 -17.03 16.09 -7.94
N PHE C 137 -16.27 15.06 -7.60
CA PHE C 137 -14.82 15.10 -7.70
C PHE C 137 -14.25 13.70 -7.71
N SER C 138 -13.06 13.57 -8.30
CA SER C 138 -12.38 12.28 -8.39
C SER C 138 -11.40 12.11 -7.23
N VAL C 139 -11.39 10.90 -6.65
CA VAL C 139 -10.57 10.60 -5.49
C VAL C 139 -9.60 9.48 -5.85
N ILE C 140 -8.35 9.67 -5.48
CA ILE C 140 -7.30 8.66 -5.63
C ILE C 140 -6.69 8.40 -4.27
N PHE C 141 -6.57 7.11 -3.92
CA PHE C 141 -6.07 6.68 -2.61
C PHE C 141 -6.95 7.35 -1.55
N ASP C 142 -6.38 8.01 -0.54
CA ASP C 142 -7.14 8.77 0.44
C ASP C 142 -6.97 10.27 0.22
N ARG C 143 -6.73 10.67 -1.03
CA ARG C 143 -6.48 12.05 -1.39
C ARG C 143 -7.47 12.46 -2.48
N LEU C 144 -7.84 13.74 -2.47
CA LEU C 144 -8.57 14.29 -3.63
C LEU C 144 -7.62 14.40 -4.80
N GLU C 145 -8.14 14.15 -6.01
CA GLU C 145 -7.33 14.16 -7.23
C GLU C 145 -7.65 15.34 -8.10
N THR C 146 -8.84 15.37 -8.71
CA THR C 146 -9.25 16.45 -9.59
C THR C 146 -10.71 16.75 -9.32
N LEU C 147 -11.03 18.04 -9.25
CA LEU C 147 -12.40 18.46 -9.01
C LEU C 147 -13.13 18.63 -10.33
N ILE C 148 -14.36 18.14 -10.38
CA ILE C 148 -15.24 18.39 -11.51
C ILE C 148 -16.10 19.60 -11.26
N LEU C 149 -16.72 19.68 -10.06
CA LEU C 149 -17.49 20.87 -9.73
C LEU C 149 -17.80 20.86 -8.24
N LEU C 150 -18.00 22.06 -7.67
CA LEU C 150 -18.56 22.17 -6.34
C LEU C 150 -19.59 23.29 -6.35
N ARG C 151 -20.69 23.11 -5.61
CA ARG C 151 -21.71 24.14 -5.51
C ARG C 151 -22.21 24.22 -4.08
N ALA C 152 -22.90 25.33 -3.81
CA ALA C 152 -23.40 25.66 -2.48
C ALA C 152 -24.91 25.76 -2.54
N PHE C 153 -25.59 24.96 -1.73
CA PHE C 153 -27.04 24.92 -1.72
C PHE C 153 -27.55 25.49 -0.40
N THR C 154 -28.69 26.18 -0.48
CA THR C 154 -29.32 26.69 0.73
C THR C 154 -30.11 25.58 1.42
N GLU C 155 -30.70 25.93 2.56
CA GLU C 155 -31.63 25.04 3.24
C GLU C 155 -32.73 24.56 2.31
N GLU C 156 -33.10 25.39 1.33
CA GLU C 156 -34.15 25.09 0.37
C GLU C 156 -33.63 24.43 -0.90
N GLY C 157 -32.32 24.43 -1.13
CA GLY C 157 -31.74 23.80 -2.29
C GLY C 157 -31.32 24.73 -3.41
N ALA C 158 -31.33 26.04 -3.19
CA ALA C 158 -30.96 26.99 -4.23
C ALA C 158 -29.45 27.14 -4.30
N ILE C 159 -28.95 27.37 -5.52
CA ILE C 159 -27.51 27.51 -5.74
C ILE C 159 -27.11 28.95 -5.47
N VAL C 160 -26.05 29.13 -4.68
CA VAL C 160 -25.60 30.46 -4.27
C VAL C 160 -24.10 30.63 -4.46
N GLY C 161 -23.39 29.53 -4.69
CA GLY C 161 -21.96 29.58 -4.88
C GLY C 161 -21.47 28.39 -5.69
N GLU C 162 -20.33 28.57 -6.34
CA GLU C 162 -19.81 27.59 -7.28
C GLU C 162 -18.30 27.69 -7.39
N ILE C 163 -17.62 26.57 -7.17
CA ILE C 163 -16.20 26.43 -7.43
C ILE C 163 -16.06 25.55 -8.66
N SER C 164 -15.58 26.13 -9.76
CA SER C 164 -15.42 25.38 -10.98
C SER C 164 -14.03 25.62 -11.56
N PRO C 165 -13.37 24.58 -12.06
CA PRO C 165 -12.05 24.79 -12.67
C PRO C 165 -12.15 25.62 -13.93
N LEU C 166 -11.03 26.25 -14.29
CA LEU C 166 -11.03 27.11 -15.46
C LEU C 166 -11.04 26.26 -16.72
N PRO C 167 -11.81 26.66 -17.73
CA PRO C 167 -11.91 25.83 -18.94
C PRO C 167 -10.58 25.66 -19.66
N SER C 168 -9.76 26.71 -19.71
CA SER C 168 -8.49 26.62 -20.41
C SER C 168 -7.40 25.94 -19.58
N LEU C 169 -7.48 26.01 -18.26
CA LEU C 169 -6.41 25.52 -17.38
C LEU C 169 -6.91 24.45 -16.41
N PRO C 170 -7.12 23.22 -16.88
CA PRO C 170 -7.08 22.07 -16.00
C PRO C 170 -5.69 21.46 -15.96
N GLY C 171 -5.39 20.75 -14.88
CA GLY C 171 -6.28 20.62 -13.73
C GLY C 171 -5.77 21.40 -12.53
N HIS C 172 -5.57 20.71 -11.40
CA HIS C 172 -5.17 21.33 -10.14
C HIS C 172 -4.93 20.30 -9.05
N THR C 173 -4.50 20.77 -7.88
CA THR C 173 -4.16 19.92 -6.74
C THR C 173 -5.30 19.91 -5.73
N ALA C 174 -5.05 19.32 -4.56
CA ALA C 174 -6.04 19.33 -3.49
C ALA C 174 -5.93 20.61 -2.64
N GLU C 175 -4.72 21.13 -2.46
CA GLU C 175 -4.56 22.34 -1.66
C GLU C 175 -5.16 23.57 -2.34
N ASP C 176 -5.10 23.63 -3.67
CA ASP C 176 -5.83 24.68 -4.39
C ASP C 176 -7.31 24.61 -4.06
N VAL C 177 -7.86 23.40 -3.96
CA VAL C 177 -9.27 23.24 -3.67
C VAL C 177 -9.57 23.62 -2.23
N LYS C 178 -8.68 23.26 -1.30
CA LYS C 178 -8.87 23.69 0.09
C LYS C 178 -8.81 25.20 0.23
N ASN C 179 -7.91 25.85 -0.50
CA ASN C 179 -7.84 27.30 -0.49
C ASN C 179 -9.12 27.92 -1.05
N ALA C 180 -9.60 27.40 -2.19
CA ALA C 180 -10.85 27.90 -2.76
C ALA C 180 -12.02 27.71 -1.80
N VAL C 181 -12.03 26.57 -1.11
CA VAL C 181 -13.09 26.31 -0.12
C VAL C 181 -13.03 27.33 1.01
N GLY C 182 -11.83 27.58 1.53
CA GLY C 182 -11.67 28.60 2.56
C GLY C 182 -12.15 29.96 2.11
N VAL C 183 -11.77 30.37 0.90
CA VAL C 183 -12.15 31.69 0.41
C VAL C 183 -13.65 31.79 0.21
N LEU C 184 -14.28 30.75 -0.34
CA LEU C 184 -15.72 30.76 -0.53
C LEU C 184 -16.46 30.80 0.80
N ILE C 185 -16.05 29.96 1.75
CA ILE C 185 -16.68 29.96 3.06
C ILE C 185 -16.53 31.32 3.73
N GLY C 186 -15.37 31.95 3.59
CA GLY C 186 -15.19 33.26 4.19
C GLY C 186 -16.08 34.31 3.54
N GLY C 187 -16.08 34.36 2.20
CA GLY C 187 -16.93 35.30 1.50
C GLY C 187 -18.41 35.14 1.81
N LEU C 188 -18.85 33.89 2.07
CA LEU C 188 -20.26 33.67 2.36
C LEU C 188 -20.59 33.95 3.83
N GLU C 189 -19.73 33.51 4.76
CA GLU C 189 -19.97 33.74 6.17
C GLU C 189 -19.79 35.20 6.57
N ALA C 190 -19.07 35.99 5.75
CA ALA C 190 -19.02 37.42 6.00
C ALA C 190 -20.38 38.08 5.86
N ASN C 191 -21.34 37.39 5.23
CA ASN C 191 -22.70 37.87 5.10
C ASN C 191 -23.64 37.22 6.12
N ASP C 192 -23.10 36.80 7.26
CA ASP C 192 -23.86 36.23 8.37
C ASP C 192 -24.41 34.84 8.03
N ASN C 193 -23.69 34.08 7.21
CA ASN C 193 -24.16 32.78 6.73
C ASN C 193 -23.51 31.63 7.51
N THR C 194 -24.30 30.61 7.80
CA THR C 194 -23.81 29.39 8.43
C THR C 194 -23.47 28.39 7.33
N VAL C 195 -22.23 27.91 7.31
CA VAL C 195 -21.72 27.08 6.23
C VAL C 195 -21.38 25.71 6.78
N ARG C 196 -22.07 24.69 6.28
CA ARG C 196 -21.75 23.30 6.56
C ARG C 196 -21.26 22.62 5.29
N VAL C 197 -20.58 21.49 5.45
CA VAL C 197 -19.94 20.81 4.33
C VAL C 197 -20.35 19.33 4.34
N SER C 198 -20.42 18.74 3.15
CA SER C 198 -20.76 17.33 3.02
C SER C 198 -19.66 16.44 3.59
N GLU C 199 -20.04 15.21 3.92
CA GLU C 199 -19.11 14.28 4.56
C GLU C 199 -17.91 13.98 3.66
N THR C 200 -18.14 13.75 2.37
CA THR C 200 -17.03 13.46 1.46
C THR C 200 -16.05 14.63 1.40
N LEU C 201 -16.58 15.85 1.30
CA LEU C 201 -15.72 17.02 1.26
C LEU C 201 -14.93 17.16 2.56
N GLN C 202 -15.59 16.98 3.71
CA GLN C 202 -14.88 16.98 4.98
C GLN C 202 -13.77 15.93 4.99
N ARG C 203 -14.02 14.79 4.34
CA ARG C 203 -13.02 13.73 4.30
C ARG C 203 -11.84 14.13 3.44
N PHE C 204 -12.08 14.92 2.40
CA PHE C 204 -11.01 15.33 1.49
C PHE C 204 -10.80 16.85 1.47
N ALA C 205 -11.12 17.53 2.57
CA ALA C 205 -10.73 18.93 2.67
C ALA C 205 -10.37 19.32 4.10
N TRP C 206 -10.94 18.65 5.09
CA TRP C 206 -10.56 18.92 6.47
C TRP C 206 -10.41 17.61 7.25
N PRO D 6 11.56 -28.57 18.03
CA PRO D 6 12.49 -27.42 18.03
C PRO D 6 12.37 -26.60 16.74
N ASN D 7 11.16 -26.13 16.42
CA ASN D 7 10.89 -25.52 15.12
C ASN D 7 10.44 -24.07 15.19
N THR D 8 9.72 -23.65 16.23
CA THR D 8 9.13 -22.31 16.26
C THR D 8 10.22 -21.25 16.38
N VAL D 9 10.99 -21.06 15.31
CA VAL D 9 12.15 -20.19 15.29
C VAL D 9 11.84 -18.86 14.59
N SER D 10 10.56 -18.57 14.37
CA SER D 10 10.16 -17.26 13.86
C SER D 10 10.82 -16.14 14.67
N SER D 11 10.96 -16.35 15.98
CA SER D 11 11.54 -15.33 16.86
C SER D 11 12.94 -14.96 16.42
N PHE D 12 13.69 -15.92 15.86
CA PHE D 12 15.01 -15.60 15.34
C PHE D 12 14.90 -14.64 14.15
N GLN D 13 14.03 -14.97 13.18
CA GLN D 13 13.84 -14.10 12.02
C GLN D 13 13.48 -12.69 12.46
N VAL D 14 12.46 -12.58 13.32
CA VAL D 14 12.09 -11.29 13.89
C VAL D 14 13.31 -10.62 14.48
N ASP D 15 14.04 -11.34 15.34
CA ASP D 15 15.19 -10.73 16.01
C ASP D 15 16.25 -10.32 15.01
N CYS D 16 16.38 -11.05 13.90
CA CYS D 16 17.33 -10.64 12.86
C CYS D 16 16.86 -9.35 12.20
N PHE D 17 15.56 -9.25 11.90
CA PHE D 17 15.03 -8.03 11.32
C PHE D 17 15.18 -6.86 12.29
N LEU D 18 14.64 -7.01 13.50
CA LEU D 18 14.66 -5.93 14.49
C LEU D 18 16.08 -5.48 14.82
N TRP D 19 17.06 -6.38 14.73
CA TRP D 19 18.43 -5.97 15.01
C TRP D 19 18.98 -5.11 13.88
N HIS D 20 18.74 -5.52 12.62
CA HIS D 20 19.35 -4.79 11.51
C HIS D 20 18.89 -3.33 11.51
N VAL D 21 17.58 -3.12 11.53
CA VAL D 21 17.06 -1.76 11.61
C VAL D 21 17.61 -1.05 12.84
N ARG D 22 17.74 -1.79 13.95
CA ARG D 22 18.32 -1.22 15.17
C ARG D 22 19.69 -0.65 14.88
N LYS D 23 20.53 -1.42 14.19
CA LYS D 23 21.84 -0.94 13.77
C LYS D 23 21.72 0.46 13.19
N ARG D 24 20.87 0.60 12.16
CA ARG D 24 20.69 1.86 11.46
C ARG D 24 20.78 3.03 12.41
N VAL D 25 20.00 2.98 13.49
CA VAL D 25 19.91 4.08 14.44
C VAL D 25 21.32 4.45 14.89
N ALA D 26 21.92 3.58 15.71
CA ALA D 26 23.24 3.87 16.22
C ALA D 26 24.29 3.86 15.12
N ASP D 27 23.97 3.30 13.95
CA ASP D 27 24.93 3.28 12.86
C ASP D 27 25.00 4.61 12.11
N GLN D 28 24.03 5.50 12.32
CA GLN D 28 24.12 6.82 11.69
C GLN D 28 24.01 7.95 12.71
N GLU D 29 22.99 7.90 13.56
CA GLU D 29 22.79 8.92 14.58
C GLU D 29 23.53 8.52 15.86
N LEU D 30 23.40 9.36 16.90
CA LEU D 30 24.11 9.09 18.14
C LEU D 30 23.50 7.88 18.87
N GLY D 31 22.17 7.82 18.94
CA GLY D 31 21.51 6.75 19.64
C GLY D 31 21.73 6.81 21.14
N ASP D 32 22.54 5.91 21.68
CA ASP D 32 22.82 5.83 23.11
C ASP D 32 23.90 4.79 23.33
N ALA D 33 24.66 4.96 24.42
CA ALA D 33 25.77 4.04 24.68
C ALA D 33 25.27 2.68 25.16
N PRO D 34 24.42 2.56 26.20
CA PRO D 34 23.79 1.25 26.46
C PRO D 34 23.09 0.67 25.26
N PHE D 35 22.49 1.52 24.41
CA PHE D 35 21.82 1.03 23.20
C PHE D 35 22.81 0.40 22.24
N LEU D 36 23.96 1.03 22.03
CA LEU D 36 24.98 0.46 21.15
C LEU D 36 25.60 -0.78 21.78
N ASP D 37 25.70 -0.81 23.11
CA ASP D 37 26.19 -1.98 23.80
C ASP D 37 25.25 -3.16 23.60
N ARG D 38 23.94 -2.90 23.72
CA ARG D 38 22.92 -3.89 23.39
C ARG D 38 22.97 -4.30 21.93
N LEU D 39 23.29 -3.35 21.04
CA LEU D 39 23.47 -3.70 19.63
C LEU D 39 24.56 -4.75 19.46
N ARG D 40 25.74 -4.50 20.02
CA ARG D 40 26.85 -5.45 19.90
C ARG D 40 26.51 -6.79 20.57
N ALA D 41 25.86 -6.75 21.73
CA ALA D 41 25.55 -7.97 22.46
C ALA D 41 24.54 -8.82 21.70
N ASP D 42 23.44 -8.21 21.27
CA ASP D 42 22.46 -8.92 20.46
C ASP D 42 23.05 -9.39 19.14
N GLN D 43 24.02 -8.65 18.59
CA GLN D 43 24.71 -9.10 17.38
C GLN D 43 25.42 -10.42 17.64
N ALA D 44 26.25 -10.46 18.69
CA ALA D 44 26.95 -11.71 19.01
C ALA D 44 25.99 -12.84 19.33
N SER D 45 24.90 -12.54 20.05
CA SER D 45 23.95 -13.58 20.41
C SER D 45 23.21 -14.12 19.18
N LEU D 46 22.84 -13.23 18.25
CA LEU D 46 22.21 -13.68 17.03
C LEU D 46 23.17 -14.46 16.14
N ARG D 47 24.47 -14.12 16.17
CA ARG D 47 25.44 -14.95 15.47
C ARG D 47 25.52 -16.34 16.06
N GLY D 48 25.56 -16.45 17.40
CA GLY D 48 25.59 -17.76 18.03
C GLY D 48 24.33 -18.56 17.73
N ARG D 49 23.18 -17.90 17.74
CA ARG D 49 21.92 -18.59 17.42
C ARG D 49 21.86 -18.99 15.95
N GLY D 50 22.43 -18.18 15.05
CA GLY D 50 22.49 -18.57 13.66
C GLY D 50 23.46 -19.73 13.41
N SER D 51 24.50 -19.83 14.24
CA SER D 51 25.38 -20.99 14.17
C SER D 51 24.67 -22.25 14.63
N THR D 52 24.08 -22.21 15.83
CA THR D 52 23.44 -23.40 16.37
C THR D 52 22.15 -23.74 15.64
N LEU D 53 21.56 -22.79 14.90
CA LEU D 53 20.37 -23.08 14.12
C LEU D 53 20.68 -23.66 12.76
N GLY D 54 21.84 -23.36 12.20
CA GLY D 54 22.08 -23.70 10.80
C GLY D 54 21.26 -22.86 9.85
N LEU D 55 21.05 -21.58 10.17
CA LEU D 55 20.18 -20.70 9.39
C LEU D 55 20.89 -19.37 9.17
N ASP D 56 20.89 -18.91 7.92
CA ASP D 56 21.64 -17.72 7.53
C ASP D 56 20.97 -16.45 8.06
N ILE D 57 21.81 -15.45 8.37
CA ILE D 57 21.31 -14.20 8.93
C ILE D 57 20.63 -13.36 7.85
N GLU D 58 21.21 -13.32 6.65
CA GLU D 58 20.62 -12.58 5.55
C GLU D 58 19.24 -13.14 5.20
N THR D 59 19.16 -14.45 5.00
CA THR D 59 17.89 -15.07 4.64
C THR D 59 16.86 -14.92 5.76
N ALA D 60 17.28 -15.09 7.01
CA ALA D 60 16.34 -14.93 8.11
C ALA D 60 15.88 -13.48 8.26
N THR D 61 16.72 -12.52 7.86
CA THR D 61 16.28 -11.12 7.88
C THR D 61 15.30 -10.83 6.76
N ARG D 62 15.55 -11.38 5.57
CA ARG D 62 14.56 -11.26 4.49
C ARG D 62 13.24 -11.90 4.88
N ALA D 63 13.30 -13.01 5.63
CA ALA D 63 12.08 -13.62 6.15
C ALA D 63 11.43 -12.73 7.21
N GLY D 64 12.24 -12.07 8.04
CA GLY D 64 11.73 -11.12 9.00
C GLY D 64 10.98 -9.97 8.36
N LYS D 65 11.41 -9.58 7.16
CA LYS D 65 10.68 -8.58 6.38
C LYS D 65 9.22 -8.96 6.22
N GLN D 66 8.93 -10.07 5.52
CA GLN D 66 7.55 -10.48 5.24
C GLN D 66 6.86 -11.11 6.44
N ILE D 67 7.57 -11.38 7.54
CA ILE D 67 6.89 -11.88 8.73
C ILE D 67 6.52 -10.75 9.68
N VAL D 68 7.18 -9.60 9.58
CA VAL D 68 6.84 -8.44 10.40
C VAL D 68 5.94 -7.50 9.61
N GLU D 69 6.47 -6.89 8.56
CA GLU D 69 5.76 -5.90 7.76
C GLU D 69 4.40 -6.35 7.23
N ARG D 70 3.95 -7.56 7.57
CA ARG D 70 2.69 -8.07 7.02
C ARG D 70 1.55 -8.06 8.03
N ILE D 71 1.84 -8.04 9.33
CA ILE D 71 0.79 -8.06 10.34
C ILE D 71 0.90 -6.82 11.23
N LEU D 72 1.35 -5.69 10.66
CA LEU D 72 1.35 -4.41 11.38
C LEU D 72 0.00 -3.75 11.16
N LYS D 73 -0.98 -4.14 11.96
CA LYS D 73 -2.24 -3.43 11.85
C LYS D 73 -2.29 -2.43 13.01
N GLU D 74 -3.33 -1.60 13.03
CA GLU D 74 -3.23 -0.39 13.82
C GLU D 74 -4.18 -0.41 15.02
N GLU D 75 -3.62 -0.92 16.10
CA GLU D 75 -3.81 -0.34 17.42
C GLU D 75 -3.85 1.18 17.32
N SER D 76 -2.84 1.77 16.71
CA SER D 76 -2.77 3.23 16.54
C SER D 76 -1.78 3.55 15.44
N ASP D 77 -1.88 4.79 14.95
CA ASP D 77 -1.98 5.12 13.53
C ASP D 77 -0.78 4.88 12.62
N GLU D 78 -0.20 3.68 12.63
CA GLU D 78 0.67 3.16 11.57
C GLU D 78 1.90 4.00 11.21
N ALA D 79 2.70 3.50 10.26
CA ALA D 79 3.90 4.17 9.77
C ALA D 79 3.67 5.05 8.55
N LEU D 80 2.47 5.62 8.40
CA LEU D 80 2.04 6.23 7.14
C LEU D 80 2.82 5.67 5.95
N LYS D 81 2.77 4.34 5.80
CA LYS D 81 3.52 3.58 4.79
C LYS D 81 3.70 4.42 3.52
N MET D 82 4.76 5.24 3.53
CA MET D 82 5.03 6.29 2.55
C MET D 82 4.72 5.86 1.12
N THR D 83 4.02 6.74 0.40
CA THR D 83 3.66 6.46 -0.98
C THR D 83 4.80 6.74 -1.94
N MET D 84 5.74 7.60 -1.55
CA MET D 84 7.00 7.68 -2.28
C MET D 84 7.71 6.32 -2.30
N ALA D 85 7.53 5.53 -1.25
CA ALA D 85 8.10 4.19 -1.15
C ALA D 85 7.10 3.06 -1.37
N SER D 86 5.80 3.36 -1.51
CA SER D 86 4.79 2.33 -1.77
C SER D 86 3.53 3.01 -2.33
N VAL D 87 3.32 2.90 -3.64
CA VAL D 87 2.28 3.68 -4.31
C VAL D 87 0.88 3.06 -4.19
N PRO D 88 0.69 1.75 -4.03
CA PRO D 88 1.43 0.50 -3.72
C PRO D 88 2.41 0.02 -4.77
N ALA D 89 1.88 -0.76 -5.70
CA ALA D 89 2.59 -1.29 -6.85
C ALA D 89 1.54 -1.86 -7.81
N SER D 90 0.36 -1.23 -7.85
CA SER D 90 -0.71 -1.63 -8.75
C SER D 90 -0.47 -0.96 -10.10
N ARG D 91 -0.01 -1.72 -11.08
CA ARG D 91 0.38 -1.14 -12.36
C ARG D 91 -0.08 -2.05 -13.50
N TYR D 92 0.15 -1.58 -14.72
CA TYR D 92 -0.19 -2.32 -15.93
C TYR D 92 1.00 -2.29 -16.87
N LEU D 93 1.60 -3.44 -17.10
CA LEU D 93 2.82 -3.55 -17.90
C LEU D 93 2.45 -3.89 -19.33
N THR D 94 3.20 -3.31 -20.27
CA THR D 94 2.94 -3.46 -21.70
C THR D 94 4.26 -3.72 -22.41
N ASP D 95 4.46 -4.95 -22.88
CA ASP D 95 5.58 -5.23 -23.77
C ASP D 95 5.21 -4.88 -25.21
N MET D 96 3.94 -4.99 -25.56
CA MET D 96 3.48 -4.85 -26.94
C MET D 96 2.97 -3.45 -27.22
N THR D 97 3.24 -2.98 -28.42
CA THR D 97 2.68 -1.72 -28.90
C THR D 97 1.22 -1.92 -29.30
N LEU D 98 0.47 -0.80 -29.31
CA LEU D 98 -0.92 -0.85 -29.75
C LEU D 98 -1.05 -1.43 -31.14
N GLU D 99 -0.13 -1.07 -32.04
CA GLU D 99 -0.12 -1.67 -33.37
C GLU D 99 0.06 -3.18 -33.28
N GLU D 100 1.05 -3.62 -32.49
CA GLU D 100 1.27 -5.05 -32.30
C GLU D 100 0.03 -5.74 -31.74
N MET D 101 -0.65 -5.11 -30.78
CA MET D 101 -1.86 -5.68 -30.21
C MET D 101 -2.96 -5.82 -31.26
N SER D 102 -3.32 -4.70 -31.89
CA SER D 102 -4.44 -4.67 -32.83
C SER D 102 -4.15 -5.35 -34.15
N ARG D 103 -2.94 -5.87 -34.36
CA ARG D 103 -2.61 -6.52 -35.62
C ARG D 103 -3.28 -7.89 -35.71
N GLU D 104 -3.68 -8.26 -36.92
CA GLU D 104 -4.24 -9.58 -37.17
C GLU D 104 -3.20 -10.46 -37.83
N TRP D 105 -3.35 -11.76 -37.63
CA TRP D 105 -2.35 -12.73 -38.06
C TRP D 105 -3.04 -14.02 -38.49
N SER D 106 -2.28 -14.88 -39.16
CA SER D 106 -2.81 -16.13 -39.70
C SER D 106 -1.85 -17.27 -39.45
N MET D 107 -2.39 -18.39 -38.97
CA MET D 107 -1.61 -19.62 -38.77
C MET D 107 -1.80 -20.54 -39.96
N LEU D 108 -0.69 -21.01 -40.53
CA LEU D 108 -0.80 -22.03 -41.58
C LEU D 108 -1.22 -23.38 -41.00
N ILE D 109 -0.62 -23.77 -39.88
CA ILE D 109 -0.98 -25.02 -39.21
C ILE D 109 -1.50 -24.68 -37.82
N PRO D 110 -2.79 -24.39 -37.68
CA PRO D 110 -3.31 -23.96 -36.37
C PRO D 110 -3.21 -25.06 -35.32
N LYS D 111 -2.82 -24.65 -34.11
CA LYS D 111 -2.95 -25.48 -32.91
C LYS D 111 -3.65 -24.67 -31.84
N GLN D 112 -4.81 -25.15 -31.40
CA GLN D 112 -5.59 -24.51 -30.35
C GLN D 112 -5.70 -25.46 -29.17
N LYS D 113 -5.41 -24.94 -27.97
CA LYS D 113 -5.53 -25.73 -26.76
C LYS D 113 -6.18 -24.87 -25.69
N VAL D 114 -6.89 -25.53 -24.77
CA VAL D 114 -7.60 -24.84 -23.69
C VAL D 114 -6.85 -25.15 -22.40
N ALA D 115 -6.05 -24.20 -21.94
CA ALA D 115 -5.30 -24.33 -20.68
C ALA D 115 -6.06 -23.54 -19.62
N GLY D 116 -6.90 -24.23 -18.87
CA GLY D 116 -7.71 -23.61 -17.85
C GLY D 116 -8.63 -22.54 -18.43
N PRO D 117 -8.53 -21.32 -17.90
CA PRO D 117 -9.30 -20.20 -18.46
C PRO D 117 -8.63 -19.48 -19.62
N LEU D 118 -7.60 -20.06 -20.22
CA LEU D 118 -6.87 -19.44 -21.31
C LEU D 118 -6.95 -20.29 -22.56
N CYS D 119 -6.90 -19.64 -23.71
CA CYS D 119 -6.81 -20.27 -25.01
C CYS D 119 -5.43 -20.02 -25.58
N ILE D 120 -4.68 -21.09 -25.83
CA ILE D 120 -3.38 -21.03 -26.47
C ILE D 120 -3.54 -21.35 -27.94
N ARG D 121 -2.91 -20.56 -28.79
CA ARG D 121 -2.98 -20.74 -30.23
C ARG D 121 -1.57 -20.60 -30.78
N MET D 122 -1.22 -21.44 -31.75
CA MET D 122 0.12 -21.32 -32.32
C MET D 122 0.15 -21.88 -33.72
N ASP D 123 1.07 -21.34 -34.52
CA ASP D 123 1.31 -21.82 -35.88
C ASP D 123 2.41 -22.86 -35.83
N GLN D 124 2.05 -24.12 -36.09
CA GLN D 124 3.02 -25.21 -36.01
C GLN D 124 4.00 -25.20 -37.18
N ALA D 125 3.73 -24.45 -38.24
CA ALA D 125 4.61 -24.41 -39.39
C ALA D 125 5.92 -23.66 -39.13
N ILE D 126 6.01 -22.92 -38.03
CA ILE D 126 7.20 -22.14 -37.73
C ILE D 126 8.26 -23.07 -37.15
N MET D 127 9.48 -23.01 -37.70
CA MET D 127 10.53 -23.91 -37.27
C MET D 127 11.87 -23.17 -37.33
N ASP D 128 12.76 -23.54 -36.40
CA ASP D 128 14.13 -23.05 -36.36
C ASP D 128 14.20 -21.52 -36.39
N LYS D 129 13.48 -20.88 -35.48
CA LYS D 129 13.50 -19.44 -35.33
C LYS D 129 13.67 -19.07 -33.87
N ASN D 130 14.32 -17.92 -33.63
CA ASN D 130 14.40 -17.35 -32.29
C ASN D 130 13.16 -16.53 -32.02
N ILE D 131 12.31 -17.03 -31.12
CA ILE D 131 11.03 -16.39 -30.81
C ILE D 131 11.13 -15.69 -29.46
N ILE D 132 10.51 -14.52 -29.35
CA ILE D 132 10.47 -13.74 -28.13
C ILE D 132 9.02 -13.52 -27.73
N LEU D 133 8.73 -13.65 -26.44
CA LEU D 133 7.37 -13.54 -25.93
C LEU D 133 7.15 -12.13 -25.36
N LYS D 134 6.10 -11.46 -25.84
CA LYS D 134 5.75 -10.12 -25.38
C LYS D 134 4.31 -10.14 -24.91
N ALA D 135 4.03 -9.53 -23.77
CA ALA D 135 2.70 -9.60 -23.19
C ALA D 135 2.32 -8.28 -22.54
N ASN D 136 1.01 -8.01 -22.54
CA ASN D 136 0.43 -6.89 -21.81
C ASN D 136 -0.50 -7.45 -20.73
N PHE D 137 -0.28 -7.01 -19.50
CA PHE D 137 -0.90 -7.64 -18.33
C PHE D 137 -0.85 -6.70 -17.13
N SER D 138 -1.79 -6.90 -16.21
CA SER D 138 -1.89 -6.09 -15.00
C SER D 138 -1.17 -6.78 -13.85
N VAL D 139 -0.42 -6.00 -13.07
CA VAL D 139 0.39 -6.50 -11.97
C VAL D 139 -0.07 -5.85 -10.67
N ILE D 140 -0.19 -6.67 -9.62
CA ILE D 140 -0.51 -6.21 -8.27
C ILE D 140 0.59 -6.69 -7.34
N PHE D 141 1.11 -5.78 -6.52
CA PHE D 141 2.22 -6.08 -5.59
C PHE D 141 3.37 -6.64 -6.42
N ASP D 142 3.95 -7.78 -6.06
CA ASP D 142 5.00 -8.41 -6.86
C ASP D 142 4.49 -9.63 -7.63
N ARG D 143 3.19 -9.68 -7.91
CA ARG D 143 2.59 -10.81 -8.59
C ARG D 143 1.74 -10.33 -9.77
N LEU D 144 1.66 -11.15 -10.80
CA LEU D 144 0.69 -10.91 -11.87
C LEU D 144 -0.72 -11.15 -11.35
N GLU D 145 -1.66 -10.33 -11.83
CA GLU D 145 -3.05 -10.43 -11.40
C GLU D 145 -3.95 -10.94 -12.52
N THR D 146 -4.09 -10.19 -13.61
CA THR D 146 -4.92 -10.62 -14.72
C THR D 146 -4.20 -10.29 -16.02
N LEU D 147 -4.22 -11.24 -16.95
CA LEU D 147 -3.58 -11.08 -18.24
C LEU D 147 -4.55 -10.49 -19.25
N ILE D 148 -4.05 -9.54 -20.03
CA ILE D 148 -4.81 -8.99 -21.16
C ILE D 148 -4.50 -9.73 -22.45
N LEU D 149 -3.21 -9.93 -22.75
CA LEU D 149 -2.85 -10.71 -23.94
C LEU D 149 -1.37 -11.06 -23.87
N LEU D 150 -1.00 -12.16 -24.52
CA LEU D 150 0.41 -12.45 -24.77
C LEU D 150 0.55 -12.93 -26.20
N ARG D 151 1.65 -12.56 -26.84
CA ARG D 151 1.92 -13.00 -28.21
C ARG D 151 3.39 -13.33 -28.36
N ALA D 152 3.70 -14.03 -29.44
CA ALA D 152 5.03 -14.53 -29.74
C ALA D 152 5.50 -13.93 -31.06
N PHE D 153 6.63 -13.23 -31.02
CA PHE D 153 7.17 -12.56 -32.18
C PHE D 153 8.46 -13.25 -32.62
N THR D 154 8.68 -13.27 -33.93
CA THR D 154 9.94 -13.79 -34.44
C THR D 154 11.02 -12.72 -34.33
N GLU D 155 12.25 -13.08 -34.71
CA GLU D 155 13.30 -12.08 -34.83
C GLU D 155 12.89 -10.94 -35.75
N GLU D 156 12.03 -11.22 -36.74
CA GLU D 156 11.59 -10.22 -37.69
C GLU D 156 10.33 -9.48 -37.26
N GLY D 157 9.65 -9.97 -36.23
CA GLY D 157 8.46 -9.32 -35.71
C GLY D 157 7.13 -9.94 -36.10
N ALA D 158 7.13 -11.12 -36.71
CA ALA D 158 5.88 -11.75 -37.11
C ALA D 158 5.27 -12.51 -35.94
N ILE D 159 3.94 -12.54 -35.92
CA ILE D 159 3.19 -13.21 -34.85
C ILE D 159 3.06 -14.68 -35.20
N VAL D 160 3.38 -15.55 -34.22
CA VAL D 160 3.37 -16.99 -34.45
C VAL D 160 2.62 -17.71 -33.34
N GLY D 161 2.34 -17.02 -32.25
CA GLY D 161 1.63 -17.63 -31.14
C GLY D 161 0.92 -16.59 -30.30
N GLU D 162 -0.11 -17.04 -29.59
CA GLU D 162 -0.98 -16.13 -28.85
C GLU D 162 -1.62 -16.85 -27.67
N ILE D 163 -1.44 -16.28 -26.49
CA ILE D 163 -2.15 -16.71 -25.28
C ILE D 163 -3.18 -15.63 -24.98
N SER D 164 -4.46 -15.99 -25.11
CA SER D 164 -5.50 -15.02 -24.84
C SER D 164 -6.55 -15.61 -23.93
N PRO D 165 -7.04 -14.86 -22.95
CA PRO D 165 -8.11 -15.38 -22.09
C PRO D 165 -9.39 -15.59 -22.88
N LEU D 166 -10.23 -16.47 -22.36
CA LEU D 166 -11.46 -16.79 -23.05
C LEU D 166 -12.45 -15.63 -22.92
N PRO D 167 -13.14 -15.27 -24.01
CA PRO D 167 -14.06 -14.12 -23.94
C PRO D 167 -15.18 -14.32 -22.93
N SER D 168 -15.73 -15.53 -22.85
CA SER D 168 -16.81 -15.80 -21.92
C SER D 168 -16.32 -16.05 -20.51
N LEU D 169 -15.08 -16.50 -20.34
CA LEU D 169 -14.55 -16.90 -19.04
C LEU D 169 -13.31 -16.09 -18.65
N PRO D 170 -13.49 -14.82 -18.27
CA PRO D 170 -12.51 -14.16 -17.41
C PRO D 170 -12.87 -14.31 -15.94
N GLY D 171 -11.87 -14.18 -15.08
CA GLY D 171 -10.48 -14.03 -15.47
C GLY D 171 -9.69 -15.28 -15.18
N HIS D 172 -8.62 -15.13 -14.39
CA HIS D 172 -7.69 -16.22 -14.08
C HIS D 172 -6.61 -15.78 -13.11
N THR D 173 -5.77 -16.72 -12.70
CA THR D 173 -4.70 -16.50 -11.75
C THR D 173 -3.39 -16.31 -12.52
N ALA D 174 -2.28 -16.25 -11.78
CA ALA D 174 -0.96 -16.20 -12.39
C ALA D 174 -0.40 -17.57 -12.72
N GLU D 175 -0.73 -18.57 -11.92
CA GLU D 175 -0.20 -19.91 -12.14
C GLU D 175 -0.80 -20.54 -13.39
N ASP D 176 -2.08 -20.25 -13.68
CA ASP D 176 -2.66 -20.63 -14.95
C ASP D 176 -1.85 -20.07 -16.12
N VAL D 177 -1.39 -18.83 -15.97
CA VAL D 177 -0.62 -18.19 -17.04
C VAL D 177 0.74 -18.85 -17.17
N LYS D 178 1.36 -19.20 -16.04
CA LYS D 178 2.63 -19.92 -16.11
C LYS D 178 2.47 -21.27 -16.79
N ASN D 179 1.36 -21.97 -16.52
CA ASN D 179 1.09 -23.24 -17.18
C ASN D 179 0.92 -23.06 -18.69
N ALA D 180 0.13 -22.06 -19.08
CA ALA D 180 -0.07 -21.78 -20.50
C ALA D 180 1.26 -21.42 -21.17
N VAL D 181 2.11 -20.68 -20.47
CA VAL D 181 3.43 -20.32 -21.01
C VAL D 181 4.26 -21.58 -21.23
N GLY D 182 4.27 -22.48 -20.25
CA GLY D 182 4.97 -23.74 -20.43
C GLY D 182 4.47 -24.51 -21.63
N VAL D 183 3.14 -24.60 -21.77
CA VAL D 183 2.57 -25.38 -22.87
C VAL D 183 2.92 -24.77 -24.22
N LEU D 184 2.84 -23.45 -24.33
CA LEU D 184 3.16 -22.77 -25.59
C LEU D 184 4.65 -22.93 -25.93
N ILE D 185 5.53 -22.71 -24.95
CA ILE D 185 6.95 -22.86 -25.18
C ILE D 185 7.27 -24.28 -25.61
N GLY D 186 6.63 -25.28 -24.99
CA GLY D 186 6.89 -26.66 -25.38
C GLY D 186 6.43 -26.95 -26.80
N GLY D 187 5.19 -26.55 -27.13
CA GLY D 187 4.69 -26.74 -28.48
C GLY D 187 5.54 -26.06 -29.54
N LEU D 188 6.15 -24.92 -29.21
CA LEU D 188 6.96 -24.22 -30.19
C LEU D 188 8.36 -24.79 -30.28
N GLU D 189 8.99 -25.09 -29.15
CA GLU D 189 10.34 -25.64 -29.16
C GLU D 189 10.37 -27.07 -29.70
N ALA D 190 9.23 -27.77 -29.70
CA ALA D 190 9.19 -29.07 -30.35
C ALA D 190 9.44 -28.98 -31.85
N ASN D 191 9.33 -27.78 -32.42
CA ASN D 191 9.62 -27.53 -33.83
C ASN D 191 11.00 -26.91 -34.02
N ASP D 192 11.93 -27.16 -33.10
CA ASP D 192 13.31 -26.68 -33.18
C ASP D 192 13.42 -25.18 -33.02
N ASN D 193 12.53 -24.57 -32.24
CA ASN D 193 12.49 -23.12 -32.08
C ASN D 193 13.18 -22.70 -30.78
N THR D 194 13.92 -21.59 -30.86
CA THR D 194 14.54 -20.99 -29.69
C THR D 194 13.61 -19.93 -29.12
N VAL D 195 13.26 -20.07 -27.85
CA VAL D 195 12.23 -19.25 -27.23
C VAL D 195 12.89 -18.40 -26.15
N ARG D 196 12.84 -17.08 -26.31
CA ARG D 196 13.23 -16.13 -25.29
C ARG D 196 12.01 -15.40 -24.77
N VAL D 197 12.14 -14.82 -23.58
CA VAL D 197 11.02 -14.21 -22.89
C VAL D 197 11.42 -12.80 -22.45
N SER D 198 10.44 -11.89 -22.43
CA SER D 198 10.69 -10.54 -21.99
C SER D 198 10.98 -10.50 -20.48
N GLU D 199 11.66 -9.43 -20.06
CA GLU D 199 12.06 -9.32 -18.67
C GLU D 199 10.86 -9.31 -17.73
N THR D 200 9.82 -8.55 -18.08
CA THR D 200 8.62 -8.51 -17.24
C THR D 200 7.98 -9.90 -17.14
N LEU D 201 7.87 -10.60 -18.28
CA LEU D 201 7.32 -11.94 -18.27
C LEU D 201 8.18 -12.90 -17.45
N GLN D 202 9.51 -12.81 -17.60
CA GLN D 202 10.38 -13.60 -16.73
C GLN D 202 10.16 -13.26 -15.26
N ARG D 203 9.85 -12.00 -14.97
CA ARG D 203 9.67 -11.55 -13.59
C ARG D 203 8.39 -12.08 -12.98
N PHE D 204 7.32 -12.20 -13.78
CA PHE D 204 6.02 -12.66 -13.27
C PHE D 204 5.56 -13.95 -13.94
N ALA D 205 6.51 -14.82 -14.34
CA ALA D 205 6.21 -16.09 -14.98
C ALA D 205 7.10 -17.25 -14.54
N TRP D 206 8.27 -16.98 -13.96
CA TRP D 206 9.15 -18.03 -13.49
C TRP D 206 9.70 -17.77 -12.08
N SER E 4 23.08 -105.83 8.38
CA SER E 4 21.87 -105.23 8.92
C SER E 4 21.89 -103.71 8.95
N LEU E 5 23.08 -103.13 9.17
CA LEU E 5 23.19 -101.68 9.25
C LEU E 5 23.13 -101.02 7.88
N SER E 6 23.62 -101.69 6.83
CA SER E 6 23.46 -101.15 5.49
C SER E 6 21.99 -101.16 5.09
N GLN E 7 21.23 -102.13 5.62
CA GLN E 7 19.79 -102.19 5.34
C GLN E 7 19.02 -101.11 6.10
N ALA E 8 19.41 -100.83 7.34
CA ALA E 8 18.80 -99.71 8.04
C ALA E 8 19.23 -98.38 7.44
N SER E 9 20.41 -98.34 6.81
CA SER E 9 20.85 -97.13 6.13
C SER E 9 19.99 -96.85 4.91
N ALA E 10 19.75 -97.88 4.08
CA ALA E 10 18.85 -97.70 2.94
C ALA E 10 17.43 -97.38 3.39
N ASP E 11 16.99 -97.99 4.50
CA ASP E 11 15.66 -97.71 5.04
C ASP E 11 15.51 -96.24 5.41
N LEU E 12 16.49 -95.69 6.15
CA LEU E 12 16.36 -94.32 6.62
C LEU E 12 16.64 -93.32 5.50
N GLU E 13 17.42 -93.72 4.49
CA GLU E 13 17.54 -92.90 3.29
C GLU E 13 16.20 -92.79 2.58
N ALA E 14 15.45 -93.89 2.47
CA ALA E 14 14.19 -93.83 1.75
C ALA E 14 13.14 -93.02 2.51
N THR E 15 13.10 -93.17 3.84
CA THR E 15 12.13 -92.39 4.61
C THR E 15 12.47 -90.90 4.54
N LEU E 16 13.77 -90.56 4.58
CA LEU E 16 14.16 -89.16 4.47
C LEU E 16 13.91 -88.61 3.07
N ARG E 17 13.97 -89.45 2.05
CA ARG E 17 13.65 -88.99 0.70
C ARG E 17 12.17 -88.68 0.55
N HIS E 18 11.31 -89.49 1.16
CA HIS E 18 9.88 -89.17 1.13
C HIS E 18 9.58 -87.90 1.92
N LYS E 19 10.33 -87.68 3.01
CA LYS E 19 10.17 -86.42 3.72
C LYS E 19 10.72 -85.25 2.92
N LEU E 20 11.71 -85.51 2.05
CA LEU E 20 12.19 -84.46 1.15
C LEU E 20 11.09 -84.03 0.19
N THR E 21 10.33 -85.01 -0.33
CA THR E 21 9.28 -84.67 -1.28
C THR E 21 8.16 -83.90 -0.61
N VAL E 22 7.76 -84.32 0.60
CA VAL E 22 6.69 -83.57 1.27
C VAL E 22 7.17 -82.17 1.66
N MET E 23 8.46 -82.02 2.02
CA MET E 23 8.94 -80.68 2.35
C MET E 23 8.94 -79.74 1.16
N TYR E 24 9.42 -80.18 -0.02
CA TYR E 24 9.30 -79.21 -1.11
C TYR E 24 7.84 -78.97 -1.49
N SER E 25 6.95 -79.95 -1.32
CA SER E 25 5.57 -79.65 -1.67
C SER E 25 5.02 -78.56 -0.74
N GLN E 26 5.44 -78.56 0.53
CA GLN E 26 4.98 -77.49 1.41
C GLN E 26 5.65 -76.16 1.08
N ILE E 27 6.93 -76.17 0.69
CA ILE E 27 7.56 -74.91 0.31
C ILE E 27 6.88 -74.34 -0.93
N ASN E 28 6.44 -75.21 -1.84
CA ASN E 28 5.68 -74.74 -3.00
C ASN E 28 4.37 -74.10 -2.56
N GLY E 29 3.69 -74.71 -1.59
CA GLY E 29 2.52 -74.07 -1.03
C GLY E 29 2.82 -72.72 -0.41
N ALA E 30 3.97 -72.59 0.23
CA ALA E 30 4.36 -71.32 0.84
C ALA E 30 4.62 -70.26 -0.22
N SER E 31 5.28 -70.64 -1.32
CA SER E 31 5.51 -69.69 -2.40
C SER E 31 4.19 -69.27 -3.05
N ARG E 32 3.23 -70.20 -3.12
CA ARG E 32 1.93 -69.80 -3.66
C ARG E 32 1.22 -68.85 -2.70
N ALA E 33 1.37 -69.06 -1.39
CA ALA E 33 0.76 -68.13 -0.42
C ALA E 33 1.43 -66.76 -0.49
N LEU E 34 2.73 -66.72 -0.77
CA LEU E 34 3.41 -65.43 -0.93
C LEU E 34 2.92 -64.70 -2.18
N ASP E 35 2.79 -65.43 -3.29
CA ASP E 35 2.17 -64.85 -4.48
C ASP E 35 0.77 -64.34 -4.19
N ASP E 36 0.00 -65.09 -3.40
CA ASP E 36 -1.36 -64.67 -3.05
C ASP E 36 -1.34 -63.36 -2.27
N VAL E 37 -0.43 -63.24 -1.30
CA VAL E 37 -0.37 -62.02 -0.50
C VAL E 37 0.05 -60.85 -1.40
N ARG E 38 0.99 -61.09 -2.31
CA ARG E 38 1.38 -60.04 -3.25
C ARG E 38 0.18 -59.56 -4.07
N ASN E 39 -0.62 -60.52 -4.57
CA ASN E 39 -1.76 -60.14 -5.39
C ASN E 39 -2.83 -59.46 -4.57
N ARG E 40 -3.00 -59.86 -3.31
CA ARG E 40 -3.93 -59.17 -2.42
C ARG E 40 -3.51 -57.72 -2.21
N GLN E 41 -2.21 -57.49 -1.99
CA GLN E 41 -1.71 -56.14 -1.81
C GLN E 41 -1.91 -55.31 -3.05
N GLN E 42 -1.59 -55.88 -4.22
CA GLN E 42 -1.79 -55.19 -5.47
C GLN E 42 -3.25 -54.87 -5.70
N ASP E 43 -4.15 -55.79 -5.34
CA ASP E 43 -5.58 -55.56 -5.53
C ASP E 43 -6.09 -54.42 -4.65
N VAL E 44 -5.66 -54.38 -3.39
CA VAL E 44 -6.13 -53.26 -2.56
C VAL E 44 -5.51 -51.96 -3.05
N ARG E 45 -4.30 -52.02 -3.61
CA ARG E 45 -3.71 -50.84 -4.26
C ARG E 45 -4.60 -50.35 -5.40
N MET E 46 -5.02 -51.27 -6.27
CA MET E 46 -5.85 -50.91 -7.41
C MET E 46 -7.19 -50.32 -6.97
N THR E 47 -7.81 -50.96 -5.97
CA THR E 47 -9.10 -50.45 -5.48
C THR E 47 -8.94 -49.05 -4.91
N ALA E 48 -7.90 -48.83 -4.11
CA ALA E 48 -7.69 -47.52 -3.52
C ALA E 48 -7.48 -46.48 -4.61
N ASN E 49 -6.60 -46.77 -5.59
CA ASN E 49 -6.32 -45.81 -6.63
C ASN E 49 -7.55 -45.48 -7.47
N ARG E 50 -8.39 -46.48 -7.76
CA ARG E 50 -9.60 -46.19 -8.52
C ARG E 50 -10.53 -45.29 -7.71
N LYS E 51 -10.64 -45.54 -6.40
CA LYS E 51 -11.47 -44.65 -5.58
C LYS E 51 -10.90 -43.24 -5.52
N VAL E 52 -9.57 -43.07 -5.51
CA VAL E 52 -9.07 -41.69 -5.53
C VAL E 52 -9.39 -41.04 -6.88
N GLU E 53 -9.35 -41.82 -7.96
CA GLU E 53 -9.68 -41.22 -9.26
C GLU E 53 -11.15 -40.83 -9.33
N GLN E 54 -12.02 -41.61 -8.69
CA GLN E 54 -13.43 -41.23 -8.61
C GLN E 54 -13.64 -39.99 -7.74
N LEU E 55 -12.92 -39.90 -6.62
CA LEU E 55 -12.99 -38.70 -5.80
C LEU E 55 -12.52 -37.46 -6.56
N GLN E 56 -11.39 -37.58 -7.25
CA GLN E 56 -10.89 -36.43 -8.00
C GLN E 56 -11.84 -36.04 -9.11
N GLN E 57 -12.49 -37.01 -9.77
CA GLN E 57 -13.45 -36.62 -10.80
C GLN E 57 -14.67 -35.94 -10.19
N GLU E 58 -15.10 -36.36 -9.00
CA GLU E 58 -16.21 -35.66 -8.34
C GLU E 58 -15.81 -34.24 -7.93
N TYR E 59 -14.58 -34.07 -7.42
CA TYR E 59 -14.14 -32.74 -7.02
C TYR E 59 -13.96 -31.83 -8.22
N THR E 60 -13.54 -32.37 -9.37
CA THR E 60 -13.46 -31.56 -10.57
C THR E 60 -14.86 -31.19 -11.07
N GLU E 61 -15.85 -32.09 -10.89
CA GLU E 61 -17.24 -31.72 -11.20
C GLU E 61 -17.69 -30.56 -10.33
N MET E 62 -17.35 -30.59 -9.04
CA MET E 62 -17.72 -29.50 -8.15
C MET E 62 -17.01 -28.20 -8.54
N LYS E 63 -15.74 -28.28 -8.93
CA LYS E 63 -15.02 -27.10 -9.38
C LYS E 63 -15.64 -26.53 -10.66
N ALA E 64 -16.16 -27.40 -11.53
CA ALA E 64 -16.81 -26.92 -12.74
C ALA E 64 -18.14 -26.27 -12.41
N LEU E 65 -18.86 -26.78 -11.41
CA LEU E 65 -20.07 -26.10 -10.97
C LEU E 65 -19.74 -24.72 -10.41
N LEU E 66 -18.63 -24.61 -9.67
CA LEU E 66 -18.20 -23.31 -9.18
C LEU E 66 -17.86 -22.37 -10.35
N ASP E 67 -17.19 -22.88 -11.37
CA ASP E 67 -16.91 -22.07 -12.55
C ASP E 67 -18.18 -21.56 -13.20
N ALA E 68 -19.19 -22.43 -13.31
CA ALA E 68 -20.46 -22.02 -13.91
C ALA E 68 -21.11 -20.91 -13.09
N SER E 69 -21.18 -21.09 -11.77
CA SER E 69 -21.77 -20.06 -10.92
C SER E 69 -21.00 -18.74 -11.05
N GLU E 70 -19.67 -18.83 -11.11
CA GLU E 70 -18.86 -17.62 -11.26
C GLU E 70 -19.20 -16.90 -12.56
N THR E 71 -19.24 -17.63 -13.67
CA THR E 71 -19.52 -17.01 -14.96
C THR E 71 -20.91 -16.38 -14.99
N THR E 72 -21.90 -17.06 -14.40
CA THR E 72 -23.26 -16.52 -14.42
C THR E 72 -23.37 -15.26 -13.56
N SER E 73 -22.75 -15.27 -12.37
CA SER E 73 -22.79 -14.09 -11.52
C SER E 73 -22.07 -12.91 -12.18
N THR E 74 -20.91 -13.17 -12.79
CA THR E 74 -20.19 -12.11 -13.46
C THR E 74 -20.95 -11.62 -14.69
N ARG E 75 -21.76 -12.48 -15.32
CA ARG E 75 -22.56 -11.99 -16.43
C ARG E 75 -23.69 -11.10 -15.93
N LYS E 76 -24.27 -11.45 -14.78
CA LYS E 76 -25.29 -10.59 -14.21
C LYS E 76 -24.71 -9.22 -13.86
N ILE E 77 -23.47 -9.19 -13.38
CA ILE E 77 -22.86 -7.91 -13.03
C ILE E 77 -22.51 -7.13 -14.29
N LYS E 78 -22.03 -7.79 -15.34
CA LYS E 78 -21.68 -7.08 -16.55
C LYS E 78 -22.89 -6.55 -17.31
N GLU E 79 -24.01 -7.29 -17.33
CA GLU E 79 -25.17 -6.70 -18.01
C GLU E 79 -25.79 -5.58 -17.18
N GLU E 80 -25.71 -5.63 -15.84
CA GLU E 80 -26.21 -4.48 -15.09
C GLU E 80 -25.33 -3.26 -15.33
N GLU E 81 -23.99 -3.47 -15.33
CA GLU E 81 -23.05 -2.43 -15.71
C GLU E 81 -23.39 -1.83 -17.06
N LYS E 82 -23.56 -2.67 -18.08
CA LYS E 82 -23.82 -2.14 -19.40
C LYS E 82 -25.17 -1.45 -19.50
N ARG E 83 -26.17 -1.90 -18.74
CA ARG E 83 -27.43 -1.17 -18.72
C ARG E 83 -27.22 0.26 -18.24
N VAL E 84 -26.60 0.42 -17.06
CA VAL E 84 -26.39 1.78 -16.56
C VAL E 84 -25.46 2.57 -17.49
N ASN E 85 -24.47 1.90 -18.09
CA ASN E 85 -23.53 2.62 -18.95
C ASN E 85 -24.13 3.02 -20.28
N SER E 86 -25.14 2.30 -20.75
CA SER E 86 -25.82 2.74 -21.96
C SER E 86 -26.80 3.87 -21.66
N LYS E 87 -27.42 3.84 -20.48
CA LYS E 87 -28.19 5.00 -20.06
C LYS E 87 -27.32 6.25 -19.98
N PHE E 88 -26.14 6.12 -19.36
CA PHE E 88 -25.22 7.24 -19.28
C PHE E 88 -24.72 7.68 -20.65
N ASP E 89 -24.52 6.73 -21.57
CA ASP E 89 -24.11 7.11 -22.92
C ASP E 89 -25.19 7.92 -23.62
N THR E 90 -26.45 7.54 -23.45
CA THR E 90 -27.54 8.33 -24.03
C THR E 90 -27.62 9.72 -23.40
N ILE E 91 -27.37 9.82 -22.08
CA ILE E 91 -27.36 11.13 -21.44
C ILE E 91 -26.21 11.99 -21.96
N TYR E 92 -25.02 11.41 -22.10
CA TYR E 92 -23.93 12.11 -22.73
C TYR E 92 -24.33 12.62 -24.11
N GLN E 93 -25.06 11.81 -24.88
CA GLN E 93 -25.43 12.22 -26.22
C GLN E 93 -26.41 13.39 -26.20
N ILE E 94 -27.40 13.38 -25.30
CA ILE E 94 -28.32 14.50 -25.25
C ILE E 94 -27.60 15.78 -24.81
N LEU E 95 -26.78 15.69 -23.76
CA LEU E 95 -26.08 16.88 -23.30
C LEU E 95 -25.15 17.43 -24.38
N LEU E 96 -24.46 16.54 -25.11
CA LEU E 96 -23.57 17.03 -26.17
C LEU E 96 -24.37 17.64 -27.32
N LYS E 97 -25.55 17.11 -27.62
CA LYS E 97 -26.37 17.70 -28.67
C LYS E 97 -26.82 19.11 -28.27
N LYS E 98 -27.27 19.28 -27.02
CA LYS E 98 -27.65 20.61 -26.57
C LYS E 98 -26.46 21.58 -26.58
N LYS E 99 -25.29 21.09 -26.15
CA LYS E 99 -24.09 21.91 -26.19
C LYS E 99 -23.74 22.30 -27.62
N SER E 100 -23.95 21.40 -28.57
CA SER E 100 -23.61 21.69 -29.96
C SER E 100 -24.58 22.70 -30.56
N GLU E 101 -25.86 22.58 -30.21
CA GLU E 101 -26.85 23.55 -30.66
C GLU E 101 -26.52 24.95 -30.16
N ILE E 102 -26.22 25.07 -28.86
CA ILE E 102 -25.90 26.37 -28.30
C ILE E 102 -24.59 26.90 -28.87
N GLN E 103 -23.61 26.03 -29.10
CA GLN E 103 -22.35 26.47 -29.70
C GLN E 103 -22.58 27.02 -31.11
N THR E 104 -23.41 26.35 -31.92
CA THR E 104 -23.71 26.86 -33.25
C THR E 104 -24.40 28.23 -33.20
N LEU E 105 -25.41 28.36 -32.33
CA LEU E 105 -26.08 29.66 -32.26
C LEU E 105 -25.14 30.75 -31.74
N LYS E 106 -24.27 30.40 -30.78
CA LYS E 106 -23.27 31.34 -30.30
C LYS E 106 -22.36 31.79 -31.44
N GLU E 107 -21.92 30.88 -32.30
CA GLU E 107 -21.09 31.31 -33.44
C GLU E 107 -21.89 32.21 -34.36
N GLU E 108 -23.18 31.96 -34.53
CA GLU E 108 -23.98 32.84 -35.37
C GLU E 108 -24.06 34.24 -34.79
N ILE E 109 -24.23 34.35 -33.48
CA ILE E 109 -24.27 35.67 -32.86
C ILE E 109 -22.91 36.34 -32.90
N GLU E 110 -21.83 35.56 -32.77
CA GLU E 110 -20.49 36.13 -32.76
C GLU E 110 -20.09 36.65 -34.15
N GLN E 111 -20.49 35.95 -35.21
CA GLN E 111 -20.16 36.42 -36.55
C GLN E 111 -21.26 37.28 -37.18
N SER E 112 -22.39 37.50 -36.49
CA SER E 112 -23.33 38.50 -36.96
C SER E 112 -23.01 39.89 -36.42
N LEU E 113 -22.36 39.98 -35.25
CA LEU E 113 -22.02 41.27 -34.65
C LEU E 113 -20.70 41.84 -35.15
N THR E 114 -20.04 41.18 -36.09
CA THR E 114 -18.82 41.73 -36.68
C THR E 114 -19.07 42.55 -37.94
N LYS E 115 -20.14 42.25 -38.69
CA LYS E 115 -20.56 43.05 -39.83
C LYS E 115 -21.76 43.92 -39.45
N ARG E 116 -21.47 45.16 -39.09
CA ARG E 116 -22.36 46.13 -38.48
C ARG E 116 -22.71 47.26 -39.47
N ASP E 117 -23.36 48.30 -38.95
CA ASP E 117 -23.77 49.50 -39.70
C ASP E 117 -24.37 49.17 -41.06
N GLU E 118 -25.20 48.13 -41.08
CA GLU E 118 -26.08 47.82 -42.20
C GLU E 118 -27.52 47.82 -41.71
N PHE E 119 -28.45 48.31 -42.53
CA PHE E 119 -29.84 48.26 -42.12
C PHE E 119 -30.25 46.83 -41.82
N GLU E 120 -29.79 45.89 -42.64
CA GLU E 120 -30.14 44.48 -42.48
C GLU E 120 -29.47 43.85 -41.26
N PHE E 121 -28.55 44.56 -40.59
CA PHE E 121 -27.98 44.02 -39.35
C PHE E 121 -29.06 43.88 -38.28
N LEU E 122 -29.92 44.90 -38.15
CA LEU E 122 -31.04 44.82 -37.23
C LEU E 122 -31.95 43.67 -37.58
N GLU E 123 -32.25 43.49 -38.87
CA GLU E 123 -33.08 42.39 -39.32
C GLU E 123 -32.46 41.03 -39.03
N LYS E 124 -31.14 40.94 -39.12
CA LYS E 124 -30.46 39.66 -38.92
C LYS E 124 -30.31 39.33 -37.45
N ALA E 125 -30.30 40.33 -36.57
CA ALA E 125 -30.02 40.10 -35.16
C ALA E 125 -31.23 40.23 -34.26
N SER E 126 -32.32 40.85 -34.74
CA SER E 126 -33.57 40.89 -33.98
C SER E 126 -34.21 39.52 -33.87
N LYS E 127 -33.87 38.59 -34.78
CA LYS E 127 -34.25 37.21 -34.56
C LYS E 127 -33.44 36.62 -33.41
N LEU E 128 -32.19 37.09 -33.25
CA LEU E 128 -31.26 36.51 -32.31
C LEU E 128 -31.45 37.03 -30.90
N ARG E 129 -32.14 38.16 -30.73
CA ARG E 129 -32.41 38.61 -29.35
C ARG E 129 -33.41 37.71 -28.64
N GLY E 130 -34.31 37.07 -29.39
CA GLY E 130 -35.38 36.27 -28.83
C GLY E 130 -35.02 34.87 -28.37
N ILE E 131 -34.06 34.23 -29.05
CA ILE E 131 -33.75 32.80 -28.89
C ILE E 131 -32.85 32.60 -27.67
N SER E 132 -33.48 32.37 -26.51
CA SER E 132 -32.75 31.93 -25.31
C SER E 132 -33.25 30.54 -24.92
N THR E 133 -33.15 29.58 -25.85
CA THR E 133 -33.57 28.20 -25.62
C THR E 133 -32.56 27.49 -24.74
N LYS E 134 -32.77 27.49 -23.43
CA LYS E 134 -31.84 26.90 -22.47
C LYS E 134 -32.60 25.97 -21.54
N PRO E 135 -33.07 24.81 -22.05
CA PRO E 135 -33.89 23.94 -21.22
C PRO E 135 -33.23 22.65 -20.77
N VAL E 136 -33.54 21.56 -21.49
CA VAL E 136 -33.05 20.18 -21.35
C VAL E 136 -33.24 19.63 -19.93
N TYR E 137 -34.07 18.60 -19.82
CA TYR E 137 -34.29 17.87 -18.57
C TYR E 137 -33.56 16.54 -18.62
N ILE E 138 -32.82 16.24 -17.56
CA ILE E 138 -32.04 15.02 -17.46
C ILE E 138 -32.62 14.17 -16.33
N PRO E 139 -33.18 13.00 -16.62
CA PRO E 139 -33.63 12.12 -15.53
C PRO E 139 -32.44 11.41 -14.89
N GLU E 140 -32.59 11.09 -13.61
CA GLU E 140 -31.51 10.49 -12.86
C GLU E 140 -31.34 9.02 -13.22
N VAL E 141 -30.09 8.60 -13.38
CA VAL E 141 -29.73 7.21 -13.58
C VAL E 141 -29.09 6.71 -12.30
N GLU E 142 -29.56 5.56 -11.80
CA GLU E 142 -29.10 5.01 -10.55
C GLU E 142 -28.71 3.56 -10.76
N LEU E 143 -27.43 3.26 -10.55
CA LEU E 143 -26.95 1.89 -10.54
C LEU E 143 -27.59 1.11 -9.40
N ASN E 144 -27.97 -0.13 -9.68
CA ASN E 144 -28.65 -0.96 -8.69
C ASN E 144 -27.57 -1.51 -7.75
N HIS E 145 -27.14 -0.64 -6.84
CA HIS E 145 -26.07 -1.01 -5.90
C HIS E 145 -26.50 -2.14 -4.99
N LYS E 146 -27.77 -2.15 -4.57
CA LYS E 146 -28.24 -3.19 -3.66
C LYS E 146 -28.05 -4.55 -4.30
N LEU E 147 -28.27 -4.64 -5.61
CA LEU E 147 -28.19 -5.93 -6.31
C LEU E 147 -26.76 -6.44 -6.36
N ILE E 148 -25.80 -5.58 -6.70
CA ILE E 148 -24.43 -6.06 -6.86
C ILE E 148 -23.79 -6.31 -5.50
N LYS E 149 -24.07 -5.47 -4.51
CA LYS E 149 -23.55 -5.74 -3.18
C LYS E 149 -24.19 -6.98 -2.57
N GLY E 150 -25.45 -7.27 -2.92
CA GLY E 150 -26.06 -8.50 -2.47
C GLY E 150 -25.51 -9.72 -3.17
N ILE E 151 -25.16 -9.59 -4.45
CA ILE E 151 -24.48 -10.69 -5.14
C ILE E 151 -23.14 -11.00 -4.47
N HIS E 152 -22.38 -9.95 -4.14
CA HIS E 152 -21.11 -10.17 -3.45
C HIS E 152 -21.32 -10.82 -2.08
N GLN E 153 -22.26 -10.27 -1.30
CA GLN E 153 -22.56 -10.81 0.02
C GLN E 153 -23.00 -12.26 -0.07
N SER E 154 -23.79 -12.61 -1.09
CA SER E 154 -24.29 -13.97 -1.21
C SER E 154 -23.23 -14.94 -1.69
N THR E 155 -22.27 -14.48 -2.50
CA THR E 155 -21.17 -15.36 -2.87
C THR E 155 -20.24 -15.60 -1.68
N ILE E 156 -20.04 -14.59 -0.84
CA ILE E 156 -19.30 -14.81 0.40
C ILE E 156 -20.04 -15.80 1.29
N ASP E 157 -21.37 -15.66 1.37
CA ASP E 157 -22.18 -16.61 2.12
C ASP E 157 -22.06 -18.02 1.55
N LEU E 158 -22.01 -18.14 0.22
CA LEU E 158 -21.84 -19.46 -0.40
C LEU E 158 -20.49 -20.05 -0.02
N LYS E 159 -19.45 -19.24 0.03
CA LYS E 159 -18.14 -19.74 0.46
C LYS E 159 -18.22 -20.24 1.90
N ASN E 160 -18.86 -19.46 2.77
CA ASN E 160 -18.97 -19.85 4.18
C ASN E 160 -19.79 -21.12 4.34
N GLU E 161 -20.82 -21.29 3.51
CA GLU E 161 -21.66 -22.48 3.56
C GLU E 161 -20.92 -23.69 3.03
N LEU E 162 -20.04 -23.50 2.05
CA LEU E 162 -19.18 -24.59 1.60
C LEU E 162 -18.15 -24.96 2.66
N LYS E 163 -17.63 -23.98 3.39
CA LYS E 163 -16.72 -24.26 4.50
C LYS E 163 -17.38 -25.15 5.55
N GLN E 164 -18.60 -24.76 5.99
CA GLN E 164 -19.34 -25.60 6.93
C GLN E 164 -19.68 -26.96 6.34
N CYS E 165 -20.03 -26.99 5.05
CA CYS E 165 -19.98 -28.25 4.32
C CYS E 165 -18.50 -28.66 4.31
N ILE E 166 -18.17 -29.87 3.90
CA ILE E 166 -16.77 -30.29 3.97
C ILE E 166 -16.32 -30.33 5.43
N GLY E 167 -16.63 -29.29 6.24
CA GLY E 167 -16.46 -29.45 7.67
C GLY E 167 -17.35 -30.56 8.19
N ARG E 168 -18.60 -30.56 7.77
CA ARG E 168 -19.53 -31.65 8.08
C ARG E 168 -19.08 -32.97 7.45
N LEU E 169 -18.41 -32.91 6.30
CA LEU E 169 -17.96 -34.14 5.64
C LEU E 169 -16.84 -34.83 6.41
N GLN E 170 -15.77 -34.09 6.74
CA GLN E 170 -14.59 -34.72 7.32
C GLN E 170 -14.81 -35.22 8.74
N GLU E 171 -15.76 -34.64 9.47
CA GLU E 171 -16.03 -35.12 10.82
C GLU E 171 -16.72 -36.48 10.85
N LEU E 172 -17.12 -37.00 9.68
CA LEU E 172 -17.75 -38.33 9.62
C LEU E 172 -16.75 -39.44 9.93
N THR E 173 -15.45 -39.18 9.81
CA THR E 173 -14.45 -40.22 9.92
C THR E 173 -13.43 -39.83 10.99
N PRO E 174 -12.82 -40.81 11.64
CA PRO E 174 -11.86 -40.52 12.72
C PRO E 174 -10.49 -40.06 12.22
N SER E 175 -9.82 -39.32 13.10
CA SER E 175 -8.45 -38.88 12.90
C SER E 175 -7.57 -39.53 13.97
N SER E 176 -6.38 -39.96 13.56
CA SER E 176 -5.45 -40.59 14.48
C SER E 176 -5.14 -39.68 15.67
N SER F 4 27.94 78.76 72.85
CA SER F 4 28.72 78.43 71.67
C SER F 4 28.29 77.08 71.09
N LEU F 5 27.71 76.23 71.94
CA LEU F 5 27.22 74.94 71.44
C LEU F 5 25.92 75.08 70.67
N SER F 6 25.08 76.07 71.00
CA SER F 6 23.88 76.30 70.20
C SER F 6 24.24 76.77 68.79
N GLN F 7 25.34 77.52 68.67
CA GLN F 7 25.77 77.98 67.34
C GLN F 7 26.39 76.83 66.55
N ALA F 8 27.11 75.92 67.20
CA ALA F 8 27.60 74.74 66.51
C ALA F 8 26.44 73.80 66.15
N SER F 9 25.37 73.84 66.93
CA SER F 9 24.19 73.05 66.59
C SER F 9 23.52 73.58 65.33
N ALA F 10 23.36 74.90 65.24
CA ALA F 10 22.85 75.49 64.01
C ALA F 10 23.80 75.25 62.84
N ASP F 11 25.12 75.27 63.10
CA ASP F 11 26.10 75.01 62.04
C ASP F 11 25.91 73.62 61.45
N LEU F 12 25.87 72.60 62.31
CA LEU F 12 25.79 71.26 61.74
C LEU F 12 24.39 70.92 61.26
N GLU F 13 23.35 71.60 61.76
CA GLU F 13 22.04 71.47 61.15
C GLU F 13 22.06 71.99 59.72
N ALA F 14 22.76 73.11 59.49
CA ALA F 14 22.80 73.67 58.15
C ALA F 14 23.63 72.79 57.22
N THR F 15 24.73 72.22 57.72
CA THR F 15 25.54 71.36 56.87
C THR F 15 24.80 70.06 56.53
N LEU F 16 24.05 69.52 57.50
CA LEU F 16 23.28 68.30 57.23
C LEU F 16 22.09 68.57 56.30
N ARG F 17 21.49 69.76 56.36
CA ARG F 17 20.43 70.04 55.40
C ARG F 17 20.99 70.22 53.99
N HIS F 18 22.16 70.84 53.87
CA HIS F 18 22.70 70.96 52.51
C HIS F 18 23.12 69.60 51.96
N LYS F 19 23.57 68.69 52.84
CA LYS F 19 23.84 67.34 52.35
C LYS F 19 22.54 66.61 52.02
N LEU F 20 21.46 66.96 52.71
CA LEU F 20 20.15 66.41 52.35
C LEU F 20 19.78 66.82 50.93
N THR F 21 20.10 68.07 50.57
CA THR F 21 19.76 68.53 49.22
C THR F 21 20.63 67.82 48.18
N VAL F 22 21.92 67.63 48.47
CA VAL F 22 22.75 66.90 47.49
C VAL F 22 22.27 65.46 47.37
N MET F 23 21.80 64.86 48.47
CA MET F 23 21.23 63.52 48.41
C MET F 23 19.99 63.50 47.53
N TYR F 24 19.14 64.53 47.63
CA TYR F 24 17.97 64.59 46.77
C TYR F 24 18.36 64.62 45.30
N SER F 25 19.39 65.41 44.97
CA SER F 25 19.79 65.48 43.57
C SER F 25 20.38 64.16 43.10
N GLN F 26 21.06 63.44 43.99
CA GLN F 26 21.63 62.14 43.61
C GLN F 26 20.54 61.09 43.43
N ILE F 27 19.50 61.11 44.27
CA ILE F 27 18.40 60.17 44.11
C ILE F 27 17.66 60.45 42.81
N ASN F 28 17.50 61.73 42.44
CA ASN F 28 16.90 62.03 41.15
C ASN F 28 17.77 61.54 40.00
N GLY F 29 19.09 61.72 40.10
CA GLY F 29 19.97 61.17 39.08
C GLY F 29 19.87 59.66 38.98
N ALA F 30 19.70 58.98 40.11
CA ALA F 30 19.56 57.53 40.09
C ALA F 30 18.26 57.11 39.42
N SER F 31 17.17 57.82 39.69
CA SER F 31 15.92 57.52 39.01
C SER F 31 16.02 57.76 37.51
N ARG F 32 16.75 58.81 37.11
CA ARG F 32 16.92 59.03 35.68
C ARG F 32 17.76 57.92 35.05
N ALA F 33 18.76 57.42 35.78
CA ALA F 33 19.55 56.29 35.27
C ALA F 33 18.71 55.03 35.16
N LEU F 34 17.76 54.83 36.08
CA LEU F 34 16.87 53.68 35.99
C LEU F 34 15.96 53.78 34.77
N ASP F 35 15.38 54.96 34.54
CA ASP F 35 14.64 55.17 33.31
C ASP F 35 15.51 54.93 32.08
N ASP F 36 16.78 55.36 32.14
CA ASP F 36 17.67 55.16 31.01
C ASP F 36 17.91 53.68 30.72
N VAL F 37 18.17 52.89 31.77
CA VAL F 37 18.41 51.46 31.53
C VAL F 37 17.15 50.77 31.05
N ARG F 38 15.99 51.12 31.62
CA ARG F 38 14.72 50.56 31.15
C ARG F 38 14.51 50.88 29.67
N ASN F 39 14.76 52.12 29.27
CA ASN F 39 14.55 52.50 27.88
C ASN F 39 15.56 51.84 26.95
N ARG F 40 16.81 51.66 27.39
CA ARG F 40 17.78 50.95 26.57
C ARG F 40 17.36 49.51 26.33
N GLN F 41 16.92 48.81 27.38
CA GLN F 41 16.48 47.43 27.17
C GLN F 41 15.21 47.38 26.32
N GLN F 42 14.29 48.34 26.51
CA GLN F 42 13.12 48.45 25.65
C GLN F 42 13.52 48.64 24.19
N ASP F 43 14.55 49.45 23.95
CA ASP F 43 15.00 49.70 22.58
C ASP F 43 15.60 48.45 21.96
N VAL F 44 16.40 47.70 22.72
CA VAL F 44 16.97 46.48 22.13
C VAL F 44 15.86 45.44 21.92
N ARG F 45 14.83 45.43 22.77
CA ARG F 45 13.66 44.59 22.52
C ARG F 45 12.99 44.97 21.20
N MET F 46 12.80 46.27 20.98
CA MET F 46 12.17 46.72 19.73
C MET F 46 13.03 46.32 18.53
N THR F 47 14.34 46.48 18.64
CA THR F 47 15.23 46.10 17.54
C THR F 47 15.12 44.61 17.24
N ALA F 48 15.16 43.79 18.30
CA ALA F 48 15.08 42.35 18.12
C ALA F 48 13.77 41.94 17.47
N ASN F 49 12.65 42.51 17.96
CA ASN F 49 11.34 42.17 17.40
C ASN F 49 11.24 42.59 15.94
N ARG F 50 11.80 43.75 15.59
CA ARG F 50 11.78 44.20 14.19
C ARG F 50 12.58 43.26 13.31
N LYS F 51 13.76 42.84 13.78
CA LYS F 51 14.58 41.95 12.97
C LYS F 51 13.93 40.58 12.83
N VAL F 52 13.25 40.12 13.88
CA VAL F 52 12.56 38.84 13.81
C VAL F 52 11.39 38.91 12.83
N GLU F 53 10.67 40.02 12.81
CA GLU F 53 9.55 40.12 11.87
C GLU F 53 10.05 40.23 10.44
N GLN F 54 11.20 40.89 10.22
CA GLN F 54 11.80 40.89 8.89
C GLN F 54 12.25 39.50 8.48
N LEU F 55 12.82 38.73 9.42
CA LEU F 55 13.19 37.34 9.14
C LEU F 55 11.98 36.53 8.73
N GLN F 56 10.88 36.67 9.49
CA GLN F 56 9.68 35.90 9.20
C GLN F 56 9.09 36.28 7.84
N GLN F 57 9.13 37.57 7.48
CA GLN F 57 8.60 37.91 6.15
C GLN F 57 9.49 37.37 5.04
N GLU F 58 10.81 37.31 5.26
CA GLU F 58 11.68 36.71 4.25
C GLU F 58 11.41 35.21 4.11
N TYR F 59 11.23 34.52 5.24
CA TYR F 59 10.98 33.08 5.15
C TYR F 59 9.60 32.79 4.56
N THR F 60 8.61 33.65 4.81
CA THR F 60 7.31 33.44 4.18
C THR F 60 7.36 33.73 2.69
N GLU F 61 8.19 34.69 2.27
CA GLU F 61 8.40 34.90 0.85
C GLU F 61 9.02 33.67 0.21
N MET F 62 10.00 33.07 0.88
CA MET F 62 10.60 31.85 0.35
C MET F 62 9.58 30.71 0.27
N LYS F 63 8.73 30.59 1.29
CA LYS F 63 7.68 29.59 1.26
C LYS F 63 6.70 29.82 0.13
N ALA F 64 6.43 31.10 -0.20
CA ALA F 64 5.53 31.37 -1.31
C ALA F 64 6.19 31.05 -2.65
N LEU F 65 7.50 31.26 -2.77
CA LEU F 65 8.19 30.83 -3.97
C LEU F 65 8.17 29.30 -4.11
N LEU F 66 8.31 28.58 -2.99
CA LEU F 66 8.18 27.13 -3.06
C LEU F 66 6.77 26.71 -3.48
N ASP F 67 5.75 27.39 -2.95
CA ASP F 67 4.38 27.10 -3.37
C ASP F 67 4.22 27.31 -4.88
N ALA F 68 4.78 28.40 -5.40
CA ALA F 68 4.69 28.67 -6.83
C ALA F 68 5.37 27.57 -7.65
N SER F 69 6.59 27.21 -7.27
CA SER F 69 7.31 26.16 -7.98
C SER F 69 6.56 24.83 -7.94
N GLU F 70 5.99 24.51 -6.77
CA GLU F 70 5.21 23.28 -6.61
C GLU F 70 4.00 23.27 -7.55
N THR F 71 3.22 24.35 -7.54
CA THR F 71 2.05 24.40 -8.40
C THR F 71 2.44 24.34 -9.87
N THR F 72 3.55 24.98 -10.25
CA THR F 72 3.97 24.95 -11.66
C THR F 72 4.39 23.55 -12.09
N SER F 73 5.16 22.86 -11.25
CA SER F 73 5.58 21.50 -11.60
C SER F 73 4.39 20.55 -11.66
N THR F 74 3.48 20.67 -10.68
CA THR F 74 2.30 19.80 -10.69
C THR F 74 1.39 20.10 -11.87
N ARG F 75 1.36 21.35 -12.33
CA ARG F 75 0.58 21.67 -13.52
C ARG F 75 1.23 21.10 -14.78
N LYS F 76 2.57 21.14 -14.84
CA LYS F 76 3.24 20.50 -15.98
C LYS F 76 2.93 19.01 -16.03
N ILE F 77 2.90 18.36 -14.86
CA ILE F 77 2.67 16.92 -14.84
C ILE F 77 1.21 16.60 -15.13
N LYS F 78 0.27 17.39 -14.62
CA LYS F 78 -1.13 17.12 -14.89
C LYS F 78 -1.48 17.37 -16.36
N GLU F 79 -0.88 18.37 -16.99
CA GLU F 79 -1.18 18.56 -18.40
C GLU F 79 -0.50 17.50 -19.28
N GLU F 80 0.66 16.98 -18.86
CA GLU F 80 1.23 15.87 -19.64
C GLU F 80 0.37 14.61 -19.50
N GLU F 81 -0.10 14.34 -18.27
CA GLU F 81 -1.07 13.28 -18.04
C GLU F 81 -2.30 13.45 -18.93
N LYS F 82 -2.90 14.63 -18.92
CA LYS F 82 -4.12 14.83 -19.70
C LYS F 82 -3.85 14.72 -21.20
N ARG F 83 -2.66 15.10 -21.66
CA ARG F 83 -2.30 14.90 -23.05
C ARG F 83 -2.36 13.42 -23.41
N VAL F 84 -1.62 12.58 -22.67
CA VAL F 84 -1.59 11.16 -23.01
C VAL F 84 -2.97 10.53 -22.82
N ASN F 85 -3.73 10.98 -21.82
CA ASN F 85 -5.03 10.37 -21.59
C ASN F 85 -6.06 10.80 -22.62
N SER F 86 -5.92 11.98 -23.22
CA SER F 86 -6.84 12.34 -24.29
C SER F 86 -6.47 11.65 -25.59
N LYS F 87 -5.17 11.43 -25.83
CA LYS F 87 -4.79 10.60 -26.97
C LYS F 87 -5.34 9.18 -26.81
N PHE F 88 -5.21 8.61 -25.61
CA PHE F 88 -5.76 7.26 -25.39
C PHE F 88 -7.28 7.26 -25.50
N ASP F 89 -7.95 8.32 -25.04
CA ASP F 89 -9.40 8.37 -25.16
C ASP F 89 -9.83 8.42 -26.62
N THR F 90 -9.13 9.19 -27.45
CA THR F 90 -9.45 9.22 -28.86
C THR F 90 -9.17 7.87 -29.52
N ILE F 91 -8.08 7.21 -29.13
CA ILE F 91 -7.80 5.88 -29.69
C ILE F 91 -8.88 4.89 -29.30
N TYR F 92 -9.31 4.95 -28.05
CA TYR F 92 -10.45 4.14 -27.61
C TYR F 92 -11.68 4.41 -28.48
N GLN F 93 -11.92 5.68 -28.82
CA GLN F 93 -13.10 6.01 -29.61
C GLN F 93 -13.00 5.42 -31.02
N ILE F 94 -11.81 5.51 -31.63
CA ILE F 94 -11.62 4.98 -32.97
C ILE F 94 -11.78 3.45 -32.98
N LEU F 95 -11.14 2.77 -32.03
CA LEU F 95 -11.27 1.31 -31.99
C LEU F 95 -12.71 0.89 -31.74
N LEU F 96 -13.42 1.59 -30.86
CA LEU F 96 -14.80 1.22 -30.60
C LEU F 96 -15.70 1.49 -31.82
N LYS F 97 -15.42 2.56 -32.57
CA LYS F 97 -16.19 2.82 -33.79
C LYS F 97 -15.98 1.71 -34.82
N LYS F 98 -14.73 1.32 -35.03
CA LYS F 98 -14.46 0.21 -35.97
C LYS F 98 -15.09 -1.09 -35.49
N LYS F 99 -14.98 -1.38 -34.21
CA LYS F 99 -15.58 -2.58 -33.66
C LYS F 99 -17.09 -2.58 -33.82
N SER F 100 -17.73 -1.42 -33.68
CA SER F 100 -19.18 -1.39 -33.82
C SER F 100 -19.59 -1.57 -35.26
N GLU F 101 -18.84 -0.99 -36.21
CA GLU F 101 -19.13 -1.21 -37.62
C GLU F 101 -18.99 -2.69 -37.98
N ILE F 102 -17.90 -3.32 -37.56
CA ILE F 102 -17.67 -4.73 -37.89
C ILE F 102 -18.69 -5.63 -37.20
N GLN F 103 -19.04 -5.32 -35.94
CA GLN F 103 -20.05 -6.10 -35.24
C GLN F 103 -21.40 -6.01 -35.95
N THR F 104 -21.76 -4.79 -36.40
CA THR F 104 -23.00 -4.62 -37.12
C THR F 104 -23.00 -5.43 -38.41
N LEU F 105 -21.92 -5.36 -39.19
CA LEU F 105 -21.88 -6.12 -40.44
C LEU F 105 -21.92 -7.62 -40.18
N LYS F 106 -21.24 -8.08 -39.13
CA LYS F 106 -21.28 -9.50 -38.78
C LYS F 106 -22.70 -9.96 -38.45
N GLU F 107 -23.40 -9.20 -37.61
CA GLU F 107 -24.77 -9.61 -37.28
C GLU F 107 -25.68 -9.51 -38.50
N GLU F 108 -25.41 -8.55 -39.40
CA GLU F 108 -26.19 -8.48 -40.64
C GLU F 108 -25.98 -9.72 -41.48
N ILE F 109 -24.75 -10.22 -41.53
CA ILE F 109 -24.50 -11.46 -42.27
C ILE F 109 -25.19 -12.62 -41.56
N GLU F 110 -25.25 -12.60 -40.23
CA GLU F 110 -25.89 -13.68 -39.50
C GLU F 110 -27.40 -13.70 -39.73
N GLN F 111 -28.02 -12.52 -39.84
CA GLN F 111 -29.45 -12.43 -40.08
C GLN F 111 -29.79 -12.35 -41.56
N SER F 112 -28.79 -12.42 -42.44
CA SER F 112 -29.02 -12.61 -43.87
C SER F 112 -29.19 -14.08 -44.23
N LEU F 113 -28.72 -15.00 -43.39
CA LEU F 113 -28.79 -16.43 -43.65
C LEU F 113 -30.13 -17.07 -43.32
N THR F 114 -31.16 -16.30 -42.95
CA THR F 114 -32.46 -16.92 -42.77
C THR F 114 -33.28 -16.95 -44.06
N LYS F 115 -33.15 -15.93 -44.89
CA LYS F 115 -33.67 -15.95 -46.24
C LYS F 115 -32.50 -16.08 -47.20
N ARG F 116 -31.89 -17.26 -47.26
CA ARG F 116 -30.64 -17.43 -48.01
C ARG F 116 -30.80 -18.31 -49.24
N ASP F 117 -31.72 -19.26 -49.21
CA ASP F 117 -31.99 -20.07 -50.39
C ASP F 117 -33.00 -19.39 -51.32
N GLU F 118 -33.17 -18.09 -51.16
CA GLU F 118 -33.87 -17.26 -52.13
C GLU F 118 -32.82 -16.69 -53.07
N PHE F 119 -33.17 -16.62 -54.36
CA PHE F 119 -32.18 -16.27 -55.38
C PHE F 119 -31.45 -14.96 -55.09
N GLU F 120 -32.17 -13.94 -54.66
CA GLU F 120 -31.51 -12.65 -54.53
C GLU F 120 -30.42 -12.64 -53.46
N PHE F 121 -30.32 -13.73 -52.69
CA PHE F 121 -29.25 -13.84 -51.71
C PHE F 121 -27.91 -13.69 -52.39
N LEU F 122 -27.71 -14.35 -53.54
CA LEU F 122 -26.43 -14.19 -54.23
C LEU F 122 -26.19 -12.73 -54.57
N GLU F 123 -27.20 -12.07 -55.17
CA GLU F 123 -27.00 -10.68 -55.56
C GLU F 123 -26.76 -9.82 -54.33
N LYS F 124 -27.37 -10.17 -53.21
CA LYS F 124 -27.22 -9.38 -51.99
C LYS F 124 -25.90 -9.68 -51.28
N ALA F 125 -25.33 -10.88 -51.50
CA ALA F 125 -24.17 -11.32 -50.73
C ALA F 125 -22.88 -11.39 -51.53
N SER F 126 -22.95 -11.39 -52.86
CA SER F 126 -21.73 -11.40 -53.66
C SER F 126 -20.95 -10.09 -53.53
N LYS F 127 -21.60 -9.01 -53.12
CA LYS F 127 -20.83 -7.82 -52.77
C LYS F 127 -20.07 -8.03 -51.47
N LEU F 128 -20.67 -8.76 -50.52
CA LEU F 128 -20.15 -8.83 -49.16
C LEU F 128 -18.97 -9.79 -49.07
N ARG F 129 -18.82 -10.69 -50.02
CA ARG F 129 -17.60 -11.50 -50.04
C ARG F 129 -16.40 -10.66 -50.42
N GLY F 130 -16.62 -9.57 -51.14
CA GLY F 130 -15.54 -8.68 -51.51
C GLY F 130 -15.11 -7.76 -50.40
N ILE F 131 -16.06 -7.39 -49.53
CA ILE F 131 -15.90 -6.44 -48.44
C ILE F 131 -15.33 -7.17 -47.22
N SER F 132 -14.01 -7.17 -47.11
CA SER F 132 -13.34 -7.59 -45.87
C SER F 132 -12.59 -6.37 -45.28
N THR F 133 -13.37 -5.32 -45.01
CA THR F 133 -12.81 -4.06 -44.51
C THR F 133 -12.36 -4.21 -43.06
N LYS F 134 -11.10 -4.57 -42.84
CA LYS F 134 -10.53 -4.71 -41.50
C LYS F 134 -9.23 -3.92 -41.46
N PRO F 135 -9.31 -2.58 -41.49
CA PRO F 135 -8.08 -1.78 -41.54
C PRO F 135 -7.75 -1.12 -40.22
N VAL F 136 -7.64 0.21 -40.28
CA VAL F 136 -7.45 1.11 -39.15
C VAL F 136 -6.03 0.93 -38.57
N TYR F 137 -5.20 1.95 -38.71
CA TYR F 137 -3.85 1.96 -38.17
C TYR F 137 -3.81 2.81 -36.90
N ILE F 138 -3.17 2.29 -35.86
CA ILE F 138 -3.08 2.95 -34.57
C ILE F 138 -1.63 3.41 -34.35
N PRO F 139 -1.37 4.71 -34.30
CA PRO F 139 -0.03 5.19 -33.96
C PRO F 139 0.22 5.11 -32.47
N GLU F 140 1.49 4.98 -32.12
CA GLU F 140 1.87 4.78 -30.73
C GLU F 140 1.77 6.07 -29.92
N VAL F 141 1.24 5.93 -28.71
CA VAL F 141 1.20 7.02 -27.73
C VAL F 141 2.21 6.67 -26.64
N GLU F 142 3.07 7.64 -26.32
CA GLU F 142 4.14 7.42 -25.35
C GLU F 142 4.12 8.56 -24.33
N LEU F 143 3.89 8.22 -23.07
CA LEU F 143 4.06 9.18 -21.99
C LEU F 143 5.53 9.59 -21.90
N ASN F 144 5.77 10.89 -21.66
CA ASN F 144 7.12 11.44 -21.67
C ASN F 144 7.77 11.12 -20.33
N HIS F 145 8.26 9.89 -20.21
CA HIS F 145 8.87 9.43 -18.96
C HIS F 145 10.11 10.25 -18.60
N LYS F 146 10.93 10.61 -19.60
CA LYS F 146 12.13 11.37 -19.30
C LYS F 146 11.81 12.70 -18.63
N LEU F 147 10.72 13.34 -19.06
CA LEU F 147 10.36 14.64 -18.51
C LEU F 147 9.94 14.54 -17.05
N ILE F 148 9.09 13.57 -16.72
CA ILE F 148 8.58 13.47 -15.36
C ILE F 148 9.64 12.94 -14.41
N LYS F 149 10.46 11.98 -14.88
CA LYS F 149 11.58 11.50 -14.07
C LYS F 149 12.61 12.60 -13.86
N GLY F 150 12.78 13.49 -14.85
CA GLY F 150 13.67 14.61 -14.66
C GLY F 150 13.11 15.65 -13.71
N ILE F 151 11.79 15.86 -13.74
CA ILE F 151 11.16 16.74 -12.76
C ILE F 151 11.36 16.22 -11.34
N HIS F 152 11.15 14.93 -11.14
CA HIS F 152 11.36 14.35 -9.82
C HIS F 152 12.81 14.45 -9.38
N GLN F 153 13.74 14.05 -10.26
CA GLN F 153 15.16 14.10 -9.92
C GLN F 153 15.60 15.53 -9.63
N SER F 154 15.09 16.50 -10.39
CA SER F 154 15.51 17.89 -10.23
C SER F 154 14.91 18.53 -8.99
N THR F 155 13.70 18.12 -8.59
CA THR F 155 13.17 18.63 -7.34
C THR F 155 13.93 18.04 -6.15
N ILE F 156 14.37 16.78 -6.26
CA ILE F 156 15.25 16.23 -5.24
C ILE F 156 16.56 17.01 -5.19
N ASP F 157 17.10 17.37 -6.35
CA ASP F 157 18.30 18.19 -6.40
C ASP F 157 18.07 19.56 -5.74
N LEU F 158 16.89 20.14 -5.98
CA LEU F 158 16.55 21.42 -5.36
C LEU F 158 16.52 21.31 -3.84
N LYS F 159 15.98 20.21 -3.33
CA LYS F 159 15.96 20.03 -1.88
C LYS F 159 17.38 19.91 -1.32
N ASN F 160 18.23 19.12 -1.97
CA ASN F 160 19.59 18.97 -1.45
C ASN F 160 20.37 20.28 -1.48
N GLU F 161 20.24 21.06 -2.56
CA GLU F 161 20.98 22.31 -2.59
C GLU F 161 20.38 23.35 -1.65
N LEU F 162 19.08 23.30 -1.39
CA LEU F 162 18.53 24.17 -0.35
C LEU F 162 19.07 23.80 1.02
N LYS F 163 19.23 22.50 1.28
CA LYS F 163 19.88 22.08 2.52
C LYS F 163 21.28 22.66 2.63
N GLN F 164 22.07 22.54 1.56
CA GLN F 164 23.43 23.08 1.58
C GLN F 164 23.46 24.59 1.77
N CYS F 165 22.52 25.31 1.14
CA CYS F 165 22.42 26.75 1.32
C CYS F 165 22.15 27.12 2.78
N ILE F 166 21.15 26.46 3.38
CA ILE F 166 20.82 26.75 4.77
C ILE F 166 22.01 26.42 5.68
N GLY F 167 22.74 25.35 5.37
CA GLY F 167 23.95 25.06 6.12
C GLY F 167 24.99 26.17 6.04
N ARG F 168 25.24 26.68 4.83
CA ARG F 168 26.19 27.79 4.69
C ARG F 168 25.69 29.01 5.44
N LEU F 169 24.37 29.20 5.48
CA LEU F 169 23.82 30.35 6.19
C LEU F 169 24.06 30.23 7.68
N GLN F 170 23.66 29.09 8.27
CA GLN F 170 23.73 28.95 9.72
C GLN F 170 25.15 28.81 10.22
N GLU F 171 26.10 28.35 9.40
CA GLU F 171 27.46 28.23 9.91
C GLU F 171 28.15 29.57 10.09
N LEU F 172 27.55 30.68 9.64
CA LEU F 172 28.17 31.99 9.81
C LEU F 172 28.20 32.45 11.25
N THR F 173 27.31 31.94 12.10
CA THR F 173 27.15 32.44 13.45
C THR F 173 27.21 31.31 14.47
N PRO F 174 27.61 31.61 15.70
CA PRO F 174 27.67 30.56 16.72
C PRO F 174 26.28 30.20 17.24
N SER F 175 26.16 28.96 17.72
CA SER F 175 24.93 28.49 18.33
C SER F 175 25.18 28.17 19.80
N SER F 176 24.29 28.64 20.67
CA SER F 176 24.38 28.35 22.09
C SER F 176 23.47 27.19 22.45
N SER G 4 -25.85 -24.43 -61.76
CA SER G 4 -24.55 -23.90 -61.37
C SER G 4 -24.68 -22.94 -60.19
N LEU G 5 -25.85 -22.31 -60.07
CA LEU G 5 -26.01 -21.26 -59.07
C LEU G 5 -26.32 -21.81 -57.68
N SER G 6 -26.99 -22.96 -57.58
CA SER G 6 -27.22 -23.53 -56.25
C SER G 6 -25.93 -24.05 -55.62
N GLN G 7 -25.00 -24.58 -56.41
CA GLN G 7 -23.76 -25.05 -55.83
C GLN G 7 -22.83 -23.89 -55.51
N ALA G 8 -22.84 -22.84 -56.33
CA ALA G 8 -22.11 -21.63 -55.98
C ALA G 8 -22.74 -20.93 -54.78
N SER G 9 -24.04 -21.13 -54.56
CA SER G 9 -24.69 -20.62 -53.36
C SER G 9 -24.17 -21.35 -52.13
N ALA G 10 -24.06 -22.67 -52.20
CA ALA G 10 -23.45 -23.41 -51.11
C ALA G 10 -21.98 -23.03 -50.92
N ASP G 11 -21.27 -22.78 -52.02
CA ASP G 11 -19.86 -22.37 -51.93
C ASP G 11 -19.74 -21.07 -51.16
N LEU G 12 -20.51 -20.06 -51.53
CA LEU G 12 -20.34 -18.79 -50.86
C LEU G 12 -20.98 -18.79 -49.48
N GLU G 13 -21.93 -19.69 -49.22
CA GLU G 13 -22.39 -19.90 -47.85
C GLU G 13 -21.25 -20.41 -46.98
N ALA G 14 -20.46 -21.35 -47.50
CA ALA G 14 -19.38 -21.90 -46.68
C ALA G 14 -18.27 -20.88 -46.50
N THR G 15 -17.95 -20.11 -47.55
CA THR G 15 -16.90 -19.11 -47.42
C THR G 15 -17.31 -17.98 -46.47
N LEU G 16 -18.59 -17.57 -46.54
CA LEU G 16 -19.06 -16.54 -45.62
C LEU G 16 -19.15 -17.07 -44.20
N ARG G 17 -19.40 -18.38 -44.03
CA ARG G 17 -19.39 -18.94 -42.69
C ARG G 17 -18.00 -18.96 -42.08
N HIS G 18 -16.97 -19.27 -42.87
CA HIS G 18 -15.64 -19.20 -42.27
C HIS G 18 -15.23 -17.74 -42.02
N LYS G 19 -15.75 -16.83 -42.85
CA LYS G 19 -15.54 -15.41 -42.62
C LYS G 19 -16.22 -14.94 -41.35
N LEU G 20 -17.33 -15.59 -40.97
CA LEU G 20 -17.97 -15.27 -39.70
C LEU G 20 -17.08 -15.60 -38.52
N THR G 21 -16.37 -16.73 -38.59
CA THR G 21 -15.49 -17.11 -37.47
C THR G 21 -14.29 -16.18 -37.40
N VAL G 22 -13.73 -15.82 -38.55
CA VAL G 22 -12.61 -14.88 -38.47
C VAL G 22 -13.09 -13.53 -37.92
N MET G 23 -14.33 -13.13 -38.24
CA MET G 23 -14.89 -11.92 -37.65
C MET G 23 -15.04 -12.06 -36.15
N TYR G 24 -15.48 -13.23 -35.67
CA TYR G 24 -15.60 -13.42 -34.23
C TYR G 24 -14.27 -13.23 -33.54
N SER G 25 -13.21 -13.82 -34.10
CA SER G 25 -11.90 -13.72 -33.47
C SER G 25 -11.35 -12.30 -33.52
N GLN G 26 -11.61 -11.57 -34.62
CA GLN G 26 -11.12 -10.20 -34.70
C GLN G 26 -11.88 -9.26 -33.77
N ILE G 27 -13.19 -9.47 -33.61
CA ILE G 27 -13.95 -8.65 -32.67
C ILE G 27 -13.49 -8.90 -31.23
N ASN G 28 -13.17 -10.15 -30.91
CA ASN G 28 -12.59 -10.43 -29.60
C ASN G 28 -11.24 -9.73 -29.44
N GLY G 29 -10.42 -9.75 -30.48
CA GLY G 29 -9.16 -9.01 -30.43
C GLY G 29 -9.38 -7.51 -30.23
N ALA G 30 -10.43 -6.97 -30.82
CA ALA G 30 -10.73 -5.55 -30.65
C ALA G 30 -11.12 -5.25 -29.22
N SER G 31 -11.91 -6.14 -28.61
CA SER G 31 -12.25 -5.94 -27.20
C SER G 31 -11.01 -6.02 -26.31
N ARG G 32 -10.08 -6.91 -26.65
CA ARG G 32 -8.86 -6.97 -25.85
C ARG G 32 -8.03 -5.70 -26.02
N ALA G 33 -8.00 -5.14 -27.24
CA ALA G 33 -7.27 -3.88 -27.45
C ALA G 33 -7.93 -2.73 -26.70
N LEU G 34 -9.26 -2.73 -26.58
CA LEU G 34 -9.93 -1.69 -25.80
C LEU G 34 -9.58 -1.80 -24.33
N ASP G 35 -9.61 -3.02 -23.78
CA ASP G 35 -9.10 -3.20 -22.42
C ASP G 35 -7.66 -2.73 -22.29
N ASP G 36 -6.84 -3.01 -23.32
CA ASP G 36 -5.45 -2.59 -23.27
C ASP G 36 -5.31 -1.08 -23.18
N VAL G 37 -6.06 -0.34 -24.00
CA VAL G 37 -5.95 1.12 -23.98
C VAL G 37 -6.49 1.67 -22.66
N ARG G 38 -7.61 1.12 -22.17
CA ARG G 38 -8.12 1.55 -20.88
C ARG G 38 -7.11 1.33 -19.77
N ASN G 39 -6.45 0.18 -19.76
CA ASN G 39 -5.47 -0.08 -18.71
C ASN G 39 -4.24 0.80 -18.87
N ARG G 40 -3.84 1.11 -20.10
CA ARG G 40 -2.71 2.02 -20.30
C ARG G 40 -3.02 3.41 -19.76
N GLN G 41 -4.22 3.94 -20.05
CA GLN G 41 -4.54 5.26 -19.52
C GLN G 41 -4.64 5.23 -18.00
N GLN G 42 -5.22 4.15 -17.44
CA GLN G 42 -5.23 3.98 -15.99
C GLN G 42 -3.82 3.98 -15.41
N ASP G 43 -2.89 3.32 -16.10
CA ASP G 43 -1.51 3.26 -15.60
C ASP G 43 -0.86 4.63 -15.62
N VAL G 44 -1.05 5.39 -16.70
CA VAL G 44 -0.42 6.72 -16.72
C VAL G 44 -1.09 7.64 -15.71
N ARG G 45 -2.38 7.45 -15.43
CA ARG G 45 -3.01 8.18 -14.34
C ARG G 45 -2.33 7.87 -13.01
N MET G 46 -2.11 6.58 -12.73
CA MET G 46 -1.45 6.22 -11.48
C MET G 46 -0.06 6.80 -11.41
N THR G 47 0.68 6.75 -12.51
CA THR G 47 2.04 7.28 -12.54
C THR G 47 2.04 8.77 -12.26
N ALA G 48 1.14 9.52 -12.90
CA ALA G 48 1.08 10.96 -12.71
C ALA G 48 0.76 11.31 -11.26
N ASN G 49 -0.24 10.65 -10.69
CA ASN G 49 -0.60 10.93 -9.30
C ASN G 49 0.55 10.60 -8.36
N ARG G 50 1.26 9.50 -8.62
CA ARG G 50 2.40 9.14 -7.78
C ARG G 50 3.51 10.18 -7.86
N LYS G 51 3.81 10.66 -9.07
CA LYS G 51 4.87 11.65 -9.19
C LYS G 51 4.47 12.96 -8.54
N VAL G 52 3.18 13.32 -8.63
CA VAL G 52 2.71 14.55 -8.00
C VAL G 52 2.78 14.46 -6.48
N GLU G 53 2.41 13.31 -5.91
CA GLU G 53 2.48 13.21 -4.46
C GLU G 53 3.93 13.15 -3.97
N GLN G 54 4.84 12.58 -4.77
CA GLN G 54 6.26 12.64 -4.39
C GLN G 54 6.75 14.08 -4.45
N LEU G 55 6.33 14.84 -5.45
CA LEU G 55 6.69 16.26 -5.53
C LEU G 55 6.19 17.01 -4.30
N GLN G 56 4.93 16.80 -3.94
CA GLN G 56 4.39 17.51 -2.78
C GLN G 56 5.10 17.11 -1.49
N GLN G 57 5.49 15.85 -1.36
CA GLN G 57 6.21 15.44 -0.16
C GLN G 57 7.59 16.10 -0.10
N GLU G 58 8.25 16.24 -1.26
CA GLU G 58 9.54 16.93 -1.28
C GLU G 58 9.39 18.42 -0.95
N TYR G 59 8.37 19.07 -1.49
CA TYR G 59 8.20 20.49 -1.20
C TYR G 59 7.80 20.71 0.26
N THR G 60 7.05 19.79 0.86
CA THR G 60 6.77 19.93 2.28
C THR G 60 8.02 19.69 3.12
N GLU G 61 8.91 18.79 2.69
CA GLU G 61 10.17 18.66 3.42
C GLU G 61 10.97 19.95 3.34
N MET G 62 11.01 20.58 2.15
CA MET G 62 11.70 21.86 2.02
C MET G 62 11.08 22.92 2.91
N LYS G 63 9.76 22.95 3.00
CA LYS G 63 9.10 23.91 3.91
C LYS G 63 9.50 23.64 5.36
N ALA G 64 9.66 22.37 5.72
CA ALA G 64 10.06 22.07 7.10
C ALA G 64 11.50 22.48 7.35
N LEU G 65 12.37 22.35 6.35
CA LEU G 65 13.73 22.85 6.49
C LEU G 65 13.76 24.37 6.63
N LEU G 66 12.89 25.07 5.88
CA LEU G 66 12.79 26.51 6.05
C LEU G 66 12.30 26.88 7.45
N ASP G 67 11.33 26.14 7.96
CA ASP G 67 10.88 26.36 9.34
C ASP G 67 12.01 26.18 10.34
N ALA G 68 12.83 25.14 10.15
CA ALA G 68 13.97 24.91 11.05
C ALA G 68 14.95 26.07 10.99
N SER G 69 15.30 26.51 9.78
CA SER G 69 16.22 27.64 9.63
C SER G 69 15.66 28.90 10.28
N GLU G 70 14.37 29.15 10.11
CA GLU G 70 13.73 30.31 10.72
C GLU G 70 13.82 30.25 12.23
N THR G 71 13.48 29.10 12.81
CA THR G 71 13.53 28.95 14.27
C THR G 71 14.95 29.11 14.78
N THR G 72 15.94 28.59 14.06
CA THR G 72 17.32 28.71 14.52
C THR G 72 17.78 30.17 14.50
N SER G 73 17.45 30.89 13.43
CA SER G 73 17.85 32.30 13.36
C SER G 73 17.15 33.14 14.43
N THR G 74 15.84 32.92 14.62
CA THR G 74 15.15 33.69 15.66
C THR G 74 15.63 33.32 17.05
N ARG G 75 16.10 32.08 17.25
CA ARG G 75 16.66 31.73 18.54
C ARG G 75 18.02 32.39 18.76
N LYS G 76 18.84 32.50 17.71
CA LYS G 76 20.07 33.25 17.87
C LYS G 76 19.80 34.71 18.21
N ILE G 77 18.75 35.28 17.61
CA ILE G 77 18.46 36.69 17.86
C ILE G 77 17.90 36.89 19.26
N LYS G 78 17.04 35.99 19.72
CA LYS G 78 16.51 36.14 21.06
C LYS G 78 17.57 35.88 22.12
N GLU G 79 18.54 35.00 21.84
CA GLU G 79 19.59 34.80 22.81
C GLU G 79 20.53 35.99 22.89
N GLU G 80 20.74 36.69 21.78
CA GLU G 80 21.53 37.92 21.86
C GLU G 80 20.77 39.01 22.60
N GLU G 81 19.47 39.15 22.30
CA GLU G 81 18.60 40.07 23.04
C GLU G 81 18.63 39.78 24.54
N LYS G 82 18.44 38.52 24.92
CA LYS G 82 18.40 38.18 26.33
C LYS G 82 19.75 38.41 27.00
N ARG G 83 20.85 38.22 26.27
CA ARG G 83 22.17 38.57 26.82
C ARG G 83 22.22 40.04 27.21
N VAL G 84 21.93 40.93 26.25
CA VAL G 84 22.03 42.36 26.56
C VAL G 84 21.01 42.76 27.62
N ASN G 85 19.82 42.16 27.58
CA ASN G 85 18.79 42.56 28.52
C ASN G 85 19.06 42.04 29.93
N SER G 86 19.79 40.94 30.09
CA SER G 86 20.14 40.49 31.42
C SER G 86 21.32 41.28 31.97
N LYS G 87 22.23 41.71 31.10
CA LYS G 87 23.24 42.67 31.55
C LYS G 87 22.57 43.96 32.03
N PHE G 88 21.58 44.45 31.28
CA PHE G 88 20.85 45.64 31.70
C PHE G 88 20.06 45.39 32.98
N ASP G 89 19.54 44.18 33.16
CA ASP G 89 18.83 43.86 34.39
C ASP G 89 19.75 43.89 35.60
N THR G 90 20.97 43.36 35.45
CA THR G 90 21.93 43.43 36.56
C THR G 90 22.33 44.87 36.84
N ILE G 91 22.45 45.70 35.80
CA ILE G 91 22.75 47.11 36.00
C ILE G 91 21.61 47.81 36.74
N TYR G 92 20.37 47.52 36.34
CA TYR G 92 19.20 48.00 37.06
C TYR G 92 19.25 47.61 38.52
N GLN G 93 19.69 46.38 38.80
CA GLN G 93 19.75 45.90 40.17
C GLN G 93 20.78 46.68 40.98
N ILE G 94 21.93 46.96 40.36
CA ILE G 94 22.99 47.72 41.03
C ILE G 94 22.51 49.14 41.31
N LEU G 95 21.94 49.79 40.30
CA LEU G 95 21.48 51.16 40.48
C LEU G 95 20.37 51.25 41.52
N LEU G 96 19.46 50.28 41.53
CA LEU G 96 18.40 50.31 42.53
C LEU G 96 18.95 50.06 43.93
N LYS G 97 19.99 49.24 44.06
CA LYS G 97 20.61 49.04 45.37
C LYS G 97 21.24 50.33 45.88
N LYS G 98 21.98 51.02 45.03
CA LYS G 98 22.60 52.27 45.43
C LYS G 98 21.54 53.33 45.75
N LYS G 99 20.48 53.38 44.93
CA LYS G 99 19.38 54.30 45.20
C LYS G 99 18.71 54.00 46.53
N SER G 100 18.61 52.72 46.89
CA SER G 100 17.96 52.37 48.15
C SER G 100 18.84 52.76 49.33
N GLU G 101 20.16 52.61 49.18
CA GLU G 101 21.07 53.06 50.22
C GLU G 101 20.91 54.56 50.45
N ILE G 102 20.88 55.34 49.36
CA ILE G 102 20.76 56.78 49.50
C ILE G 102 19.41 57.18 50.09
N GLN G 103 18.34 56.49 49.66
CA GLN G 103 17.01 56.79 50.22
C GLN G 103 16.97 56.52 51.72
N THR G 104 17.54 55.39 52.16
CA THR G 104 17.56 55.07 53.58
C THR G 104 18.35 56.12 54.37
N LEU G 105 19.52 56.51 53.86
CA LEU G 105 20.32 57.51 54.56
C LEU G 105 19.60 58.87 54.60
N LYS G 106 18.90 59.23 53.52
CA LYS G 106 18.14 60.46 53.50
C LYS G 106 17.05 60.47 54.57
N GLU G 107 16.28 59.37 54.68
CA GLU G 107 15.27 59.29 55.72
C GLU G 107 15.90 59.26 57.11
N GLU G 108 17.10 58.68 57.22
CA GLU G 108 17.78 58.67 58.51
C GLU G 108 18.16 60.08 58.95
N ILE G 109 18.63 60.91 58.01
CA ILE G 109 18.91 62.30 58.37
C ILE G 109 17.63 63.06 58.68
N GLU G 110 16.55 62.73 57.95
CA GLU G 110 15.30 63.45 58.16
C GLU G 110 14.71 63.14 59.52
N GLN G 111 14.83 61.91 60.00
CA GLN G 111 14.33 61.58 61.32
C GLN G 111 15.41 61.69 62.39
N SER G 112 16.64 62.07 62.00
CA SER G 112 17.63 62.50 62.96
C SER G 112 17.47 63.97 63.28
N LEU G 113 16.82 64.72 62.39
CA LEU G 113 16.57 66.13 62.66
C LEU G 113 15.37 66.35 63.59
N THR G 114 14.73 65.28 64.09
CA THR G 114 13.65 65.47 65.04
C THR G 114 14.14 65.47 66.49
N LYS G 115 15.19 64.73 66.81
CA LYS G 115 15.86 64.85 68.10
C LYS G 115 17.18 65.59 67.90
N ARG G 116 17.06 66.91 67.79
CA ARG G 116 18.17 67.75 67.36
C ARG G 116 18.71 68.66 68.45
N ASP G 117 17.87 69.03 69.41
CA ASP G 117 18.24 69.97 70.46
C ASP G 117 18.83 69.28 71.68
N GLU G 118 19.21 68.01 71.55
CA GLU G 118 20.04 67.34 72.53
C GLU G 118 21.48 67.38 72.05
N PHE G 119 22.41 67.55 72.99
CA PHE G 119 23.82 67.61 72.63
C PHE G 119 24.23 66.39 71.81
N GLU G 120 23.74 65.21 72.18
CA GLU G 120 24.19 64.01 71.51
C GLU G 120 23.75 63.97 70.04
N PHE G 121 22.92 64.93 69.63
CA PHE G 121 22.54 65.03 68.22
C PHE G 121 23.78 65.20 67.37
N LEU G 122 24.71 66.07 67.80
CA LEU G 122 25.95 66.20 67.05
C LEU G 122 26.65 64.86 66.98
N GLU G 123 26.82 64.20 68.12
CA GLU G 123 27.51 62.91 68.13
C GLU G 123 26.72 61.90 67.30
N LYS G 124 25.39 62.05 67.28
CA LYS G 124 24.56 61.12 66.53
C LYS G 124 24.60 61.38 65.04
N ALA G 125 24.82 62.63 64.62
CA ALA G 125 24.67 62.99 63.22
C ALA G 125 25.98 63.36 62.52
N SER G 126 27.03 63.67 63.27
CA SER G 126 28.32 63.98 62.65
C SER G 126 28.92 62.76 61.95
N LYS G 127 28.51 61.55 62.33
CA LYS G 127 28.93 60.38 61.57
C LYS G 127 28.25 60.35 60.20
N LEU G 128 26.98 60.77 60.14
CA LEU G 128 26.18 60.53 58.94
C LEU G 128 26.51 61.52 57.84
N ARG G 129 27.08 62.67 58.19
CA ARG G 129 27.57 63.56 57.14
C ARG G 129 28.83 63.00 56.49
N GLY G 130 29.57 62.17 57.21
CA GLY G 130 30.81 61.63 56.68
C GLY G 130 30.64 60.48 55.71
N ILE G 131 29.61 59.65 55.90
CA ILE G 131 29.35 58.42 55.15
C ILE G 131 28.63 58.79 53.85
N SER G 132 29.39 59.04 52.79
CA SER G 132 28.85 59.21 51.44
C SER G 132 29.41 58.11 50.54
N THR G 133 29.14 56.85 50.91
CA THR G 133 29.63 55.71 50.14
C THR G 133 28.86 55.64 48.84
N LYS G 134 29.38 56.29 47.80
CA LYS G 134 28.72 56.36 46.49
C LYS G 134 29.70 55.98 45.40
N PRO G 135 30.08 54.70 45.32
CA PRO G 135 31.07 54.30 44.32
C PRO G 135 30.44 53.55 43.16
N VAL G 136 30.94 52.32 42.95
CA VAL G 136 30.40 51.36 42.00
C VAL G 136 30.66 51.80 40.55
N TYR G 137 31.38 50.97 39.79
CA TYR G 137 31.64 51.22 38.38
C TYR G 137 30.79 50.32 37.51
N ILE G 138 30.17 50.90 36.48
CA ILE G 138 29.27 50.20 35.56
C ILE G 138 29.94 50.14 34.19
N PRO G 139 30.28 48.97 33.68
CA PRO G 139 30.80 48.87 32.33
C PRO G 139 29.67 48.94 31.30
N GLU G 140 30.03 49.41 30.12
CA GLU G 140 29.06 49.64 29.07
C GLU G 140 28.62 48.32 28.42
N VAL G 141 27.32 48.21 28.16
CA VAL G 141 26.74 47.06 27.46
C VAL G 141 26.37 47.51 26.06
N GLU G 142 26.76 46.72 25.06
CA GLU G 142 26.53 47.02 23.65
C GLU G 142 25.87 45.84 22.96
N LEU G 143 24.67 46.06 22.44
CA LEU G 143 24.05 45.07 21.57
C LEU G 143 24.86 44.90 20.30
N ASN G 144 25.02 43.64 19.87
CA ASN G 144 25.85 43.32 18.72
C ASN G 144 25.05 43.59 17.45
N HIS G 145 24.99 44.85 17.06
CA HIS G 145 24.20 45.24 15.89
C HIS G 145 24.72 44.57 14.62
N LYS G 146 26.04 44.47 14.47
CA LYS G 146 26.61 43.89 13.26
C LYS G 146 26.15 42.45 13.07
N LEU G 147 26.06 41.68 14.16
CA LEU G 147 25.69 40.28 14.05
C LEU G 147 24.24 40.13 13.59
N ILE G 148 23.33 40.91 14.17
CA ILE G 148 21.91 40.75 13.85
C ILE G 148 21.60 41.32 12.47
N LYS G 149 22.20 42.46 12.11
CA LYS G 149 22.00 42.97 10.75
C LYS G 149 22.66 42.06 9.71
N GLY G 150 23.74 41.37 10.08
CA GLY G 150 24.32 40.41 9.16
C GLY G 150 23.45 39.17 9.01
N ILE G 151 22.79 38.75 10.10
CA ILE G 151 21.81 37.66 9.99
C ILE G 151 20.69 38.04 9.05
N HIS G 152 20.18 39.28 9.17
CA HIS G 152 19.12 39.73 8.27
C HIS G 152 19.61 39.77 6.82
N GLN G 153 20.78 40.37 6.59
CA GLN G 153 21.34 40.46 5.26
C GLN G 153 21.56 39.07 4.66
N SER G 154 22.00 38.12 5.48
CA SER G 154 22.30 36.79 4.99
C SER G 154 21.04 35.97 4.73
N THR G 155 19.97 36.19 5.49
CA THR G 155 18.71 35.52 5.17
C THR G 155 18.10 36.10 3.90
N ILE G 156 18.24 37.40 3.68
CA ILE G 156 17.83 37.97 2.39
C ILE G 156 18.66 37.37 1.26
N ASP G 157 19.96 37.20 1.47
CA ASP G 157 20.80 36.56 0.47
C ASP G 157 20.37 35.13 0.20
N LEU G 158 20.02 34.38 1.24
CA LEU G 158 19.54 33.01 1.04
C LEU G 158 18.23 33.00 0.26
N LYS G 159 17.36 33.98 0.51
CA LYS G 159 16.14 34.08 -0.28
C LYS G 159 16.45 34.34 -1.75
N ASN G 160 17.38 35.25 -2.03
CA ASN G 160 17.74 35.55 -3.41
C ASN G 160 18.35 34.32 -4.09
N GLU G 161 19.13 33.56 -3.32
CA GLU G 161 19.76 32.36 -3.85
C GLU G 161 18.75 31.24 -4.09
N LEU G 162 17.70 31.17 -3.26
CA LEU G 162 16.61 30.25 -3.52
C LEU G 162 15.84 30.66 -4.77
N LYS G 163 15.68 31.97 -4.98
CA LYS G 163 15.08 32.47 -6.21
C LYS G 163 15.86 31.98 -7.42
N GLN G 164 17.17 32.18 -7.41
CA GLN G 164 18.00 31.74 -8.53
C GLN G 164 17.96 30.23 -8.70
N CYS G 165 17.92 29.49 -7.59
CA CYS G 165 17.82 28.03 -7.65
C CYS G 165 16.52 27.58 -8.32
N ILE G 166 15.38 28.15 -7.91
CA ILE G 166 14.10 27.74 -8.49
C ILE G 166 14.05 28.11 -9.97
N GLY G 167 14.60 29.26 -10.35
CA GLY G 167 14.70 29.58 -11.77
C GLY G 167 15.51 28.54 -12.53
N ARG G 168 16.66 28.14 -11.97
CA ARG G 168 17.48 27.11 -12.58
C ARG G 168 16.72 25.79 -12.71
N LEU G 169 15.84 25.51 -11.74
CA LEU G 169 15.05 24.29 -11.78
C LEU G 169 14.02 24.33 -12.89
N GLN G 170 13.20 25.39 -12.90
CA GLN G 170 12.08 25.43 -13.84
C GLN G 170 12.51 25.64 -15.28
N GLU G 171 13.69 26.22 -15.53
CA GLU G 171 14.06 26.39 -16.93
C GLU G 171 14.46 25.08 -17.62
N LEU G 172 14.59 23.98 -16.88
CA LEU G 172 14.95 22.71 -17.51
C LEU G 172 13.82 22.10 -18.33
N THR G 173 12.57 22.44 -18.03
CA THR G 173 11.44 21.74 -18.64
C THR G 173 10.46 22.73 -19.23
N PRO G 174 9.68 22.31 -20.24
CA PRO G 174 8.70 23.22 -20.84
C PRO G 174 7.49 23.45 -19.94
N SER G 175 6.88 24.61 -20.10
CA SER G 175 5.66 24.97 -19.39
C SER G 175 4.52 25.13 -20.38
N SER G 176 3.37 24.57 -20.04
CA SER G 176 2.19 24.71 -20.87
C SER G 176 1.29 25.83 -20.37
N SER H 4 -32.48 56.90 -35.85
CA SER H 4 -33.03 56.07 -34.78
C SER H 4 -32.58 54.61 -34.93
N LEU H 5 -32.27 54.20 -36.17
CA LEU H 5 -31.87 52.82 -36.40
C LEU H 5 -30.43 52.54 -35.98
N SER H 6 -29.54 53.53 -36.07
CA SER H 6 -28.17 53.33 -35.59
C SER H 6 -28.13 53.21 -34.07
N GLN H 7 -29.01 53.92 -33.37
CA GLN H 7 -29.02 53.84 -31.92
C GLN H 7 -29.65 52.53 -31.45
N ALA H 8 -30.68 52.06 -32.15
CA ALA H 8 -31.21 50.73 -31.87
C ALA H 8 -30.23 49.64 -32.25
N SER H 9 -29.35 49.91 -33.22
CA SER H 9 -28.31 48.96 -33.55
C SER H 9 -27.31 48.83 -32.41
N ALA H 10 -26.87 49.97 -31.85
CA ALA H 10 -26.02 49.91 -30.67
C ALA H 10 -26.73 49.26 -29.49
N ASP H 11 -28.04 49.52 -29.35
CA ASP H 11 -28.82 48.92 -28.27
C ASP H 11 -28.80 47.41 -28.36
N LEU H 12 -29.13 46.85 -29.51
CA LEU H 12 -29.20 45.40 -29.59
C LEU H 12 -27.82 44.77 -29.69
N GLU H 13 -26.81 45.53 -30.12
CA GLU H 13 -25.44 45.04 -30.02
C GLU H 13 -25.04 44.83 -28.57
N ALA H 14 -25.41 45.77 -27.69
CA ALA H 14 -25.03 45.62 -26.29
C ALA H 14 -25.82 44.49 -25.63
N THR H 15 -27.11 44.38 -25.95
CA THR H 15 -27.90 43.31 -25.34
C THR H 15 -27.40 41.94 -25.83
N LEU H 16 -27.05 41.83 -27.11
CA LEU H 16 -26.54 40.56 -27.61
C LEU H 16 -25.15 40.25 -27.07
N ARG H 17 -24.37 41.27 -26.73
CA ARG H 17 -23.07 40.99 -26.14
C ARG H 17 -23.21 40.41 -24.74
N HIS H 18 -24.17 40.94 -23.97
CA HIS H 18 -24.41 40.34 -22.65
C HIS H 18 -25.00 38.93 -22.79
N LYS H 19 -25.76 38.69 -23.86
CA LYS H 19 -26.25 37.36 -24.12
C LYS H 19 -25.12 36.41 -24.52
N LEU H 20 -24.10 36.94 -25.20
CA LEU H 20 -22.95 36.13 -25.54
C LEU H 20 -22.22 35.70 -24.27
N THR H 21 -22.13 36.58 -23.28
CA THR H 21 -21.43 36.20 -22.05
C THR H 21 -22.22 35.15 -21.27
N VAL H 22 -23.55 35.27 -21.21
CA VAL H 22 -24.31 34.26 -20.48
C VAL H 22 -24.22 32.91 -21.20
N MET H 23 -24.21 32.93 -22.55
CA MET H 23 -24.02 31.68 -23.28
C MET H 23 -22.64 31.07 -23.02
N TYR H 24 -21.60 31.90 -22.91
CA TYR H 24 -20.30 31.36 -22.60
C TYR H 24 -20.33 30.60 -21.27
N SER H 25 -20.98 31.19 -20.26
CA SER H 25 -21.01 30.51 -18.96
C SER H 25 -21.84 29.22 -19.03
N GLN H 26 -22.90 29.22 -19.83
CA GLN H 26 -23.73 28.02 -19.93
C GLN H 26 -23.03 26.91 -20.70
N ILE H 27 -22.29 27.24 -21.75
CA ILE H 27 -21.54 26.22 -22.47
C ILE H 27 -20.44 25.64 -21.59
N ASN H 28 -19.82 26.48 -20.75
CA ASN H 28 -18.84 25.94 -19.79
C ASN H 28 -19.52 24.99 -18.80
N GLY H 29 -20.71 25.36 -18.33
CA GLY H 29 -21.46 24.44 -17.48
C GLY H 29 -21.77 23.13 -18.18
N ALA H 30 -22.05 23.19 -19.48
CA ALA H 30 -22.33 21.98 -20.24
C ALA H 30 -21.10 21.09 -20.33
N SER H 31 -19.93 21.69 -20.56
CA SER H 31 -18.71 20.89 -20.58
C SER H 31 -18.42 20.26 -19.22
N ARG H 32 -18.75 20.98 -18.13
CA ARG H 32 -18.57 20.39 -16.81
C ARG H 32 -19.54 19.23 -16.59
N ALA H 33 -20.77 19.34 -17.11
CA ALA H 33 -21.71 18.23 -16.99
C ALA H 33 -21.25 17.02 -17.82
N LEU H 34 -20.61 17.27 -18.96
CA LEU H 34 -20.07 16.16 -19.76
C LEU H 34 -18.94 15.46 -19.02
N ASP H 35 -18.02 16.23 -18.43
CA ASP H 35 -17.03 15.62 -17.55
C ASP H 35 -17.68 14.82 -16.44
N ASP H 36 -18.76 15.34 -15.86
CA ASP H 36 -19.45 14.63 -14.78
C ASP H 36 -19.98 13.27 -15.24
N VAL H 37 -20.64 13.23 -16.39
CA VAL H 37 -21.20 11.95 -16.84
C VAL H 37 -20.08 10.98 -17.22
N ARG H 38 -19.02 11.49 -17.87
CA ARG H 38 -17.88 10.63 -18.18
C ARG H 38 -17.28 10.03 -16.91
N ASN H 39 -17.13 10.84 -15.86
CA ASN H 39 -16.55 10.35 -14.62
C ASN H 39 -17.50 9.37 -13.92
N ARG H 40 -18.81 9.60 -14.03
CA ARG H 40 -19.77 8.66 -13.48
C ARG H 40 -19.67 7.30 -14.17
N GLN H 41 -19.52 7.30 -15.49
CA GLN H 41 -19.32 6.04 -16.21
C GLN H 41 -18.03 5.36 -15.77
N GLN H 42 -16.97 6.15 -15.61
CA GLN H 42 -15.69 5.62 -15.12
C GLN H 42 -15.86 4.99 -13.74
N ASP H 43 -16.64 5.63 -12.87
CA ASP H 43 -16.85 5.11 -11.52
C ASP H 43 -17.63 3.80 -11.54
N VAL H 44 -18.68 3.70 -12.36
CA VAL H 44 -19.41 2.45 -12.38
C VAL H 44 -18.58 1.34 -13.04
N ARG H 45 -17.71 1.70 -13.99
CA ARG H 45 -16.76 0.72 -14.52
C ARG H 45 -15.84 0.20 -13.42
N MET H 46 -15.26 1.11 -12.64
CA MET H 46 -14.37 0.70 -11.56
C MET H 46 -15.10 -0.16 -10.53
N THR H 47 -16.33 0.22 -10.19
CA THR H 47 -17.12 -0.54 -9.23
C THR H 47 -17.37 -1.95 -9.74
N ALA H 48 -17.76 -2.06 -11.02
CA ALA H 48 -18.04 -3.38 -11.59
C ALA H 48 -16.79 -4.25 -11.58
N ASN H 49 -15.66 -3.69 -12.00
CA ASN H 49 -14.42 -4.47 -12.02
C ASN H 49 -14.00 -4.89 -10.62
N ARG H 50 -14.16 -4.02 -9.63
CA ARG H 50 -13.80 -4.38 -8.26
C ARG H 50 -14.68 -5.49 -7.73
N LYS H 51 -15.99 -5.41 -7.98
CA LYS H 51 -16.88 -6.47 -7.51
C LYS H 51 -16.58 -7.78 -8.23
N VAL H 52 -16.21 -7.73 -9.50
CA VAL H 52 -15.87 -8.94 -10.23
C VAL H 52 -14.59 -9.55 -9.67
N GLU H 53 -13.60 -8.73 -9.32
CA GLU H 53 -12.38 -9.30 -8.76
C GLU H 53 -12.64 -9.88 -7.37
N GLN H 54 -13.54 -9.28 -6.59
CA GLN H 54 -13.91 -9.86 -5.31
C GLN H 54 -14.62 -11.20 -5.51
N LEU H 55 -15.51 -11.28 -6.51
CA LEU H 55 -16.17 -12.55 -6.82
C LEU H 55 -15.14 -13.61 -7.21
N GLN H 56 -14.20 -13.25 -8.08
CA GLN H 56 -13.19 -14.20 -8.52
C GLN H 56 -12.33 -14.67 -7.35
N GLN H 57 -12.01 -13.77 -6.43
CA GLN H 57 -11.22 -14.19 -5.27
C GLN H 57 -12.03 -15.13 -4.38
N GLU H 58 -13.33 -14.90 -4.24
CA GLU H 58 -14.15 -15.80 -3.44
C GLU H 58 -14.26 -17.18 -4.09
N TYR H 59 -14.45 -17.23 -5.41
CA TYR H 59 -14.55 -18.52 -6.06
C TYR H 59 -13.22 -19.26 -6.05
N THR H 60 -12.10 -18.54 -6.10
CA THR H 60 -10.81 -19.20 -5.99
C THR H 60 -10.58 -19.73 -4.58
N GLU H 61 -11.07 -19.01 -3.57
CA GLU H 61 -11.02 -19.52 -2.21
C GLU H 61 -11.85 -20.80 -2.08
N MET H 62 -13.03 -20.82 -2.69
CA MET H 62 -13.85 -22.03 -2.65
C MET H 62 -13.13 -23.18 -3.36
N LYS H 63 -12.49 -22.91 -4.49
CA LYS H 63 -11.72 -23.94 -5.17
C LYS H 63 -10.57 -24.45 -4.30
N ALA H 64 -9.97 -23.57 -3.51
CA ALA H 64 -8.89 -24.01 -2.64
C ALA H 64 -9.42 -24.87 -1.51
N LEU H 65 -10.63 -24.56 -1.03
CA LEU H 65 -11.26 -25.42 -0.03
C LEU H 65 -11.58 -26.81 -0.62
N LEU H 66 -12.03 -26.85 -1.88
CA LEU H 66 -12.25 -28.13 -2.52
C LEU H 66 -10.95 -28.91 -2.68
N ASP H 67 -9.86 -28.23 -3.05
CA ASP H 67 -8.56 -28.89 -3.12
C ASP H 67 -8.15 -29.47 -1.77
N ALA H 68 -8.38 -28.71 -0.70
CA ALA H 68 -8.04 -29.21 0.64
C ALA H 68 -8.85 -30.45 0.98
N SER H 69 -10.17 -30.41 0.75
CA SER H 69 -11.01 -31.57 1.03
C SER H 69 -10.60 -32.78 0.20
N GLU H 70 -10.26 -32.56 -1.07
CA GLU H 70 -9.81 -33.65 -1.93
C GLU H 70 -8.55 -34.29 -1.39
N THR H 71 -7.55 -33.47 -1.06
CA THR H 71 -6.30 -34.02 -0.55
C THR H 71 -6.51 -34.74 0.77
N THR H 72 -7.40 -34.23 1.63
CA THR H 72 -7.64 -34.89 2.91
C THR H 72 -8.31 -36.25 2.72
N SER H 73 -9.30 -36.32 1.82
CA SER H 73 -9.96 -37.60 1.57
C SER H 73 -8.99 -38.60 0.96
N THR H 74 -8.17 -38.15 0.00
CA THR H 74 -7.20 -39.07 -0.59
C THR H 74 -6.13 -39.48 0.42
N ARG H 75 -5.82 -38.63 1.40
CA ARG H 75 -4.87 -39.05 2.42
C ARG H 75 -5.48 -40.09 3.34
N LYS H 76 -6.75 -39.94 3.70
CA LYS H 76 -7.39 -40.99 4.49
C LYS H 76 -7.43 -42.31 3.73
N ILE H 77 -7.66 -42.26 2.41
CA ILE H 77 -7.75 -43.50 1.65
C ILE H 77 -6.38 -44.15 1.50
N LYS H 78 -5.33 -43.34 1.27
CA LYS H 78 -4.00 -43.93 1.15
C LYS H 78 -3.50 -44.45 2.50
N GLU H 79 -3.90 -43.82 3.61
CA GLU H 79 -3.48 -44.33 4.91
C GLU H 79 -4.19 -45.63 5.25
N GLU H 80 -5.45 -45.80 4.81
CA GLU H 80 -6.11 -47.08 5.03
C GLU H 80 -5.48 -48.17 4.16
N GLU H 81 -5.20 -47.82 2.89
CA GLU H 81 -4.45 -48.73 2.02
C GLU H 81 -3.13 -49.15 2.66
N LYS H 82 -2.35 -48.18 3.15
CA LYS H 82 -1.05 -48.50 3.72
C LYS H 82 -1.18 -49.31 5.00
N ARG H 83 -2.26 -49.12 5.77
CA ARG H 83 -2.51 -49.98 6.91
C ARG H 83 -2.65 -51.44 6.48
N VAL H 84 -3.57 -51.71 5.55
CA VAL H 84 -3.78 -53.10 5.14
C VAL H 84 -2.53 -53.65 4.46
N ASN H 85 -1.83 -52.82 3.69
CA ASN H 85 -0.66 -53.30 2.97
C ASN H 85 0.54 -53.53 3.88
N SER H 86 0.62 -52.83 5.02
CA SER H 86 1.70 -53.12 5.96
C SER H 86 1.39 -54.36 6.79
N LYS H 87 0.11 -54.60 7.09
CA LYS H 87 -0.25 -55.89 7.68
C LYS H 87 0.11 -57.03 6.71
N PHE H 88 -0.22 -56.86 5.43
CA PHE H 88 0.15 -57.88 4.44
C PHE H 88 1.66 -58.00 4.29
N ASP H 89 2.40 -56.89 4.41
CA ASP H 89 3.85 -56.97 4.33
C ASP H 89 4.43 -57.77 5.49
N THR H 90 3.89 -57.57 6.70
CA THR H 90 4.34 -58.37 7.83
C THR H 90 4.00 -59.85 7.65
N ILE H 91 2.83 -60.13 7.08
CA ILE H 91 2.46 -61.52 6.79
C ILE H 91 3.40 -62.13 5.77
N TYR H 92 3.71 -61.37 4.71
CA TYR H 92 4.71 -61.76 3.73
C TYR H 92 6.04 -62.07 4.41
N GLN H 93 6.42 -61.25 5.40
CA GLN H 93 7.70 -61.46 6.07
C GLN H 93 7.69 -62.77 6.86
N ILE H 94 6.58 -63.06 7.54
CA ILE H 94 6.47 -64.29 8.32
C ILE H 94 6.53 -65.50 7.39
N LEU H 95 5.73 -65.47 6.32
CA LEU H 95 5.71 -66.60 5.40
C LEU H 95 7.06 -66.79 4.72
N LEU H 96 7.73 -65.69 4.36
CA LEU H 96 9.04 -65.83 3.73
C LEU H 96 10.07 -66.38 4.71
N LYS H 97 9.98 -66.00 5.99
CA LYS H 97 10.91 -66.57 6.97
C LYS H 97 10.70 -68.06 7.11
N LYS H 98 9.45 -68.51 7.19
CA LYS H 98 9.17 -69.93 7.28
C LYS H 98 9.63 -70.67 6.02
N LYS H 99 9.38 -70.08 4.84
CA LYS H 99 9.83 -70.67 3.59
C LYS H 99 11.35 -70.76 3.54
N SER H 100 12.06 -69.77 4.09
CA SER H 100 13.52 -69.79 4.08
C SER H 100 14.05 -70.85 5.05
N GLU H 101 13.38 -71.01 6.19
CA GLU H 101 13.77 -72.06 7.13
C GLU H 101 13.63 -73.43 6.48
N ILE H 102 12.50 -73.68 5.82
CA ILE H 102 12.30 -74.98 5.18
C ILE H 102 13.25 -75.15 4.00
N GLN H 103 13.55 -74.06 3.27
CA GLN H 103 14.50 -74.14 2.16
C GLN H 103 15.89 -74.52 2.64
N THR H 104 16.33 -73.92 3.75
CA THR H 104 17.62 -74.27 4.34
C THR H 104 17.63 -75.73 4.76
N LEU H 105 16.56 -76.17 5.44
CA LEU H 105 16.47 -77.55 5.88
C LEU H 105 16.43 -78.51 4.69
N LYS H 106 15.76 -78.12 3.61
CA LYS H 106 15.69 -78.93 2.41
C LYS H 106 17.08 -79.15 1.81
N GLU H 107 17.88 -78.08 1.69
CA GLU H 107 19.23 -78.29 1.17
C GLU H 107 20.09 -79.11 2.14
N GLU H 108 19.90 -78.91 3.45
CA GLU H 108 20.70 -79.66 4.42
C GLU H 108 20.38 -81.15 4.38
N ILE H 109 19.09 -81.51 4.30
CA ILE H 109 18.73 -82.91 4.23
C ILE H 109 19.12 -83.51 2.88
N GLU H 110 19.09 -82.71 1.80
CA GLU H 110 19.52 -83.25 0.52
C GLU H 110 21.01 -83.55 0.53
N GLN H 111 21.80 -82.74 1.23
CA GLN H 111 23.23 -82.99 1.31
C GLN H 111 23.61 -83.87 2.49
N SER H 112 22.66 -84.32 3.30
CA SER H 112 22.93 -85.38 4.27
C SER H 112 22.72 -86.78 3.72
N LEU H 113 21.87 -86.94 2.70
CA LEU H 113 21.63 -88.26 2.10
C LEU H 113 22.71 -88.63 1.07
N THR H 114 23.74 -87.82 0.94
CA THR H 114 24.89 -88.12 0.10
C THR H 114 25.97 -88.90 0.85
N LYS H 115 26.02 -88.80 2.17
CA LYS H 115 26.89 -89.61 3.01
C LYS H 115 26.03 -90.76 3.53
N ARG H 116 25.88 -91.78 2.69
CA ARG H 116 24.85 -92.79 2.90
C ARG H 116 25.34 -94.16 3.34
N ASP H 117 26.54 -94.59 2.99
CA ASP H 117 27.00 -95.93 3.35
C ASP H 117 27.82 -95.96 4.64
N GLU H 118 27.76 -94.91 5.45
CA GLU H 118 28.33 -94.93 6.79
C GLU H 118 27.24 -95.21 7.81
N PHE H 119 27.56 -96.03 8.81
CA PHE H 119 26.58 -96.26 9.87
C PHE H 119 26.22 -94.92 10.52
N GLU H 120 27.21 -94.05 10.69
CA GLU H 120 27.01 -92.77 11.35
C GLU H 120 26.07 -91.88 10.56
N PHE H 121 25.68 -92.32 9.35
CA PHE H 121 24.69 -91.59 8.59
C PHE H 121 23.39 -91.51 9.38
N LEU H 122 22.99 -92.62 10.01
CA LEU H 122 21.81 -92.56 10.86
C LEU H 122 22.03 -91.51 11.95
N GLU H 123 23.20 -91.56 12.60
CA GLU H 123 23.48 -90.59 13.64
C GLU H 123 23.52 -89.19 13.05
N LYS H 124 23.95 -89.06 11.79
CA LYS H 124 23.99 -87.76 11.15
C LYS H 124 22.61 -87.35 10.64
N ALA H 125 21.75 -88.32 10.30
CA ALA H 125 20.51 -88.00 9.60
C ALA H 125 19.24 -88.24 10.42
N SER H 126 19.30 -88.99 11.51
CA SER H 126 18.12 -89.15 12.35
C SER H 126 17.73 -87.86 13.05
N LYS H 127 18.67 -86.93 13.21
CA LYS H 127 18.32 -85.59 13.70
C LYS H 127 17.52 -84.81 12.66
N LEU H 128 17.81 -85.03 11.37
CA LEU H 128 17.31 -84.22 10.28
C LEU H 128 15.91 -84.61 9.83
N ARG H 129 15.32 -85.67 10.38
CA ARG H 129 13.97 -86.06 9.97
C ARG H 129 12.87 -85.06 10.33
N GLY H 130 12.14 -85.31 11.42
CA GLY H 130 10.93 -84.55 11.69
C GLY H 130 11.10 -83.13 12.18
N ILE H 131 11.95 -82.34 11.52
CA ILE H 131 12.18 -80.94 11.83
C ILE H 131 11.12 -80.16 11.06
N SER H 132 9.87 -80.58 11.22
CA SER H 132 8.71 -79.93 10.59
C SER H 132 8.41 -78.56 11.22
N THR H 133 9.23 -77.58 10.87
CA THR H 133 9.01 -76.21 11.36
C THR H 133 7.70 -75.68 10.76
N LYS H 134 6.60 -75.86 11.49
CA LYS H 134 5.27 -75.47 11.01
C LYS H 134 4.60 -74.59 12.07
N PRO H 135 5.09 -73.36 12.27
CA PRO H 135 4.52 -72.53 13.33
C PRO H 135 3.77 -71.31 12.82
N VAL H 136 3.28 -70.51 13.78
CA VAL H 136 2.65 -69.21 13.56
C VAL H 136 1.31 -69.33 12.83
N TYR H 137 0.28 -68.75 13.43
CA TYR H 137 -1.05 -68.67 12.84
C TYR H 137 -1.27 -67.25 12.33
N ILE H 138 -1.83 -67.14 11.13
CA ILE H 138 -2.01 -65.85 10.46
C ILE H 138 -3.49 -65.51 10.46
N PRO H 139 -3.90 -64.44 11.13
CA PRO H 139 -5.30 -63.99 11.06
C PRO H 139 -5.59 -63.23 9.78
N GLU H 140 -6.86 -63.25 9.39
CA GLU H 140 -7.28 -62.62 8.14
C GLU H 140 -7.26 -61.11 8.27
N VAL H 141 -6.82 -60.44 7.20
CA VAL H 141 -6.78 -58.99 7.11
C VAL H 141 -7.91 -58.52 6.21
N GLU H 142 -8.67 -57.52 6.66
CA GLU H 142 -9.83 -57.02 5.95
C GLU H 142 -9.71 -55.51 5.76
N LEU H 143 -9.69 -55.08 4.50
CA LEU H 143 -9.77 -53.67 4.18
C LEU H 143 -11.12 -53.10 4.61
N ASN H 144 -11.10 -51.88 5.16
CA ASN H 144 -12.31 -51.26 5.68
C ASN H 144 -13.10 -50.69 4.49
N HIS H 145 -13.78 -51.60 3.80
CA HIS H 145 -14.53 -51.22 2.59
C HIS H 145 -15.66 -50.25 2.91
N LYS H 146 -16.32 -50.43 4.07
CA LYS H 146 -17.41 -49.54 4.42
C LYS H 146 -16.94 -48.10 4.47
N LEU H 147 -15.73 -47.88 4.98
CA LEU H 147 -15.22 -46.52 5.13
C LEU H 147 -14.95 -45.87 3.79
N ILE H 148 -14.32 -46.59 2.86
CA ILE H 148 -13.93 -45.97 1.60
C ILE H 148 -15.15 -45.79 0.69
N LYS H 149 -16.06 -46.76 0.67
CA LYS H 149 -17.27 -46.54 -0.13
C LYS H 149 -18.15 -45.48 0.50
N GLY H 150 -18.12 -45.33 1.82
CA GLY H 150 -18.85 -44.23 2.44
C GLY H 150 -18.23 -42.89 2.16
N ILE H 151 -16.90 -42.83 2.07
CA ILE H 151 -16.24 -41.59 1.65
C ILE H 151 -16.67 -41.21 0.24
N HIS H 152 -16.72 -42.20 -0.66
CA HIS H 152 -17.17 -41.94 -2.03
C HIS H 152 -18.61 -41.47 -2.04
N GLN H 153 -19.50 -42.18 -1.33
CA GLN H 153 -20.90 -41.81 -1.27
C GLN H 153 -21.09 -40.41 -0.68
N SER H 154 -20.29 -40.06 0.33
CA SER H 154 -20.44 -38.77 0.99
C SER H 154 -19.88 -37.63 0.15
N THR H 155 -18.84 -37.89 -0.65
CA THR H 155 -18.39 -36.85 -1.56
C THR H 155 -19.38 -36.64 -2.69
N ILE H 156 -20.05 -37.71 -3.15
CA ILE H 156 -21.14 -37.54 -4.11
C ILE H 156 -22.28 -36.73 -3.49
N ASP H 157 -22.63 -37.04 -2.24
CA ASP H 157 -23.66 -36.28 -1.55
C ASP H 157 -23.28 -34.81 -1.43
N LEU H 158 -22.01 -34.53 -1.12
CA LEU H 158 -21.56 -33.15 -1.03
C LEU H 158 -21.64 -32.46 -2.39
N LYS H 159 -21.38 -33.18 -3.48
CA LYS H 159 -21.54 -32.59 -4.80
C LYS H 159 -22.99 -32.17 -5.04
N ASN H 160 -23.93 -33.07 -4.70
CA ASN H 160 -25.34 -32.72 -4.86
C ASN H 160 -25.73 -31.54 -3.97
N GLU H 161 -25.14 -31.46 -2.78
CA GLU H 161 -25.44 -30.37 -1.87
C GLU H 161 -24.88 -29.05 -2.38
N LEU H 162 -23.73 -29.09 -3.07
CA LEU H 162 -23.19 -27.90 -3.73
C LEU H 162 -24.09 -27.48 -4.89
N LYS H 163 -24.64 -28.44 -5.63
CA LYS H 163 -25.63 -28.15 -6.66
C LYS H 163 -26.83 -27.39 -6.08
N GLN H 164 -27.38 -27.92 -4.98
CA GLN H 164 -28.51 -27.27 -4.32
C GLN H 164 -28.17 -25.86 -3.84
N CYS H 165 -26.95 -25.67 -3.29
CA CYS H 165 -26.52 -24.35 -2.87
C CYS H 165 -26.44 -23.36 -4.03
N ILE H 166 -25.77 -23.76 -5.11
CA ILE H 166 -25.61 -22.86 -6.25
C ILE H 166 -26.96 -22.51 -6.86
N GLY H 167 -27.88 -23.48 -6.93
CA GLY H 167 -29.22 -23.17 -7.39
C GLY H 167 -29.92 -22.14 -6.50
N ARG H 168 -29.84 -22.33 -5.18
CA ARG H 168 -30.44 -21.36 -4.28
C ARG H 168 -29.83 -19.99 -4.46
N LEU H 169 -28.54 -19.93 -4.78
CA LEU H 169 -27.87 -18.65 -4.98
C LEU H 169 -28.38 -17.96 -6.23
N GLN H 170 -28.38 -18.68 -7.36
CA GLN H 170 -28.71 -18.06 -8.63
C GLN H 170 -30.20 -17.71 -8.76
N GLU H 171 -31.08 -18.39 -8.03
CA GLU H 171 -32.50 -18.09 -8.21
C GLU H 171 -32.96 -16.74 -7.64
N LEU H 172 -32.12 -16.04 -6.87
CA LEU H 172 -32.55 -14.74 -6.34
C LEU H 172 -32.67 -13.66 -7.41
N THR H 173 -31.96 -13.81 -8.53
CA THR H 173 -31.86 -12.73 -9.49
C THR H 173 -32.23 -13.20 -10.89
N PRO H 174 -32.69 -12.29 -11.75
CA PRO H 174 -32.99 -12.69 -13.13
C PRO H 174 -31.70 -12.88 -13.91
N SER H 175 -31.76 -13.71 -14.95
CA SER H 175 -30.61 -13.98 -15.78
C SER H 175 -30.81 -13.40 -17.17
N SER H 176 -29.78 -12.73 -17.67
CA SER H 176 -29.80 -12.16 -19.01
C SER H 176 -29.13 -13.09 -20.01
#